data_5B4X
#
_entry.id   5B4X
#
_cell.length_a   205.951
_cell.length_b   205.951
_cell.length_c   169.840
_cell.angle_alpha   90.00
_cell.angle_beta   90.00
_cell.angle_gamma   120.00
#
_symmetry.space_group_name_H-M   'P 65'
#
loop_
_entity.id
_entity.type
_entity.pdbx_description
1 polymer Reelin
2 polymer 'Low density lipoprotein receptor-related protein 8, apolipoprotein e receptor, isoform CRA_e'
3 non-polymer 'CALCIUM ION'
4 non-polymer 2-acetamido-2-deoxy-beta-D-glucopyranose
#
loop_
_entity_poly.entity_id
_entity_poly.type
_entity_poly.pdbx_seq_one_letter_code
_entity_poly.pdbx_strand_id
1 'polypeptide(L)'
;GRDGNNLNNPVLLLDTFDFGPREDNWFFYPGGNIGLYCPYSSKGAPEEDSA(MSE)VFVSNEVGEHSITTRDLSVNENTI
IQFEINVGCSTDSSSADPVRLEFSRDFGATWHLLLPLCYHSSSLVSSLCSTEHHPSSTYYAGTTQGWRREVVHFGKLHLA
GSVRFRWYQGFYPAGSQPVTWAIDNVYIGPQCEE(MSE)CYGHGSCINGTKCICDPGYSGPTCKISTKNPDFLKDDFEGQ
LESDRFLL(MSE)SGGKPSRKCGILSSGNNLFFNEDGLR(MSE)LVTRDLDLSHARFVQFF(MSE)RLGCGKGVPDPRSQ
PVLLQYSLNGGLSWSLLQEFLFSNSSNVGRYIALE(MSE)PLKARSGSTRLRWWQPSENGHFYSPWVIDQILIGGNISGN
TVLEDDFSTLDSRKWLLHPGGTK(MSE)PVCGSTGDALVFIEKASTRYVVTTDIAVNEDSFLQIDFAASCSVTDSCYAIE
LEYSVDLGLSWHPLVRDCLPTNVECSRYHLQRILVSDTFNKWTRITLPLPSYTRSQATRFRWHQPAPFDKQQTWAIDNVY
IGDGCLD(MSE)CSGHGRCVQGSCVCDEQWGGLYCDEPETSLPTQLKDNFNRAPSNQNWLTVSGGKLSTVCGAVASGLAL
HFSGGCSRLLVTVDLNLTNAEFIQFYF(MSE)YGCLITPSNRNQGVLLEYSVNGGITWNLL(MSE)EIFYDQYSKPGFVN
ILLPPDAKEIATRFRWWQPRHDGLDQNDWAIDNVLISRLENLYFQ
;
A,C
2 'polypeptide(L)'
;SGPAKECEKDQFQCRNERCIPSVWRCDEDDDCLDHSDEDDCPKKTCADSDFTCDNGHCIHERWKCDGEEECPDGSDESEA
TCTKQVCPAEKLSCGPTSHKCVPASWRCDGEKDCEGGADEAGCATSLGTCRGDEFQCGDGTCVLAIKHCNQEQDCPDGSD
EAGCLQGLNECLHNNGGCSHICTDLKIGFECTCPAGFQLLDQKTCGDIDECKDPDACSQICVNYKGYFKCECYPGYEMDL
LTKNCKAAAGKSPSLIFTNRHEVRRIDLVKRNYSRLIPMLKNVVALDVEVATNRIYWCDLSYRKIYSAYMDKASDPKEQE
VLIDEQLHSPEGLAVDWVHKHIYWTDSGNKTISVATVDGGRRRTLFSRNLSEPRAIAVDPLRGFMYWSDWGDQAKIEKSG
LNGVDRQTLVSDNIEWPNGITLDLLSQRLYWVDSKLHQLSSIDFSGGNRKTLISSTDFLSHPFGIAVFEDKVFWTDLENE
AIFSANRLNGLEISILAENLNNPHDIVIFHELKQPRAPDACELSVQPNGGCEYLCLPAPQISSHSPKYTCACPDTMWLGP
DMKRCYRASS
;
B,D
#
# COMPACT_ATOMS: atom_id res chain seq x y z
N ASN A 9 62.99 -70.42 7.85
CA ASN A 9 62.32 -71.05 9.02
C ASN A 9 61.40 -70.15 9.87
N PRO A 10 61.84 -68.90 10.19
CA PRO A 10 61.15 -68.08 11.22
C PRO A 10 59.67 -67.77 10.99
N VAL A 11 58.92 -67.64 12.09
CA VAL A 11 57.45 -67.47 12.07
C VAL A 11 57.00 -66.07 11.64
N LEU A 12 57.79 -65.04 11.97
CA LEU A 12 57.48 -63.65 11.62
C LEU A 12 58.67 -62.87 11.04
N LEU A 13 58.43 -61.61 10.72
CA LEU A 13 59.47 -60.64 10.35
C LEU A 13 59.11 -59.27 10.92
N LEU A 14 60.11 -58.41 11.11
CA LEU A 14 59.91 -57.09 11.69
C LEU A 14 61.15 -56.21 11.50
N ASP A 15 60.94 -54.99 10.99
CA ASP A 15 62.02 -54.02 10.80
C ASP A 15 61.46 -52.61 10.67
N THR A 16 61.88 -51.74 11.58
CA THR A 16 61.41 -50.35 11.64
C THR A 16 62.34 -49.42 10.85
N PHE A 17 63.56 -49.87 10.60
CA PHE A 17 64.61 -49.08 9.92
C PHE A 17 65.08 -47.85 10.70
N ASP A 18 64.48 -47.63 11.87
CA ASP A 18 64.84 -46.48 12.71
C ASP A 18 66.19 -46.70 13.39
N PHE A 19 66.45 -47.94 13.79
CA PHE A 19 67.72 -48.34 14.39
C PHE A 19 68.57 -49.15 13.40
N GLY A 20 69.00 -48.49 12.32
CA GLY A 20 69.81 -49.12 11.28
C GLY A 20 69.13 -50.24 10.50
N PRO A 21 69.85 -50.83 9.52
CA PRO A 21 69.37 -52.08 8.89
C PRO A 21 69.62 -53.31 9.77
N ARG A 22 68.91 -54.41 9.50
CA ARG A 22 68.99 -55.64 10.30
C ARG A 22 69.32 -56.89 9.48
N GLU A 23 70.59 -57.30 9.55
CA GLU A 23 71.19 -58.36 8.73
C GLU A 23 70.32 -59.60 8.42
N ASP A 24 69.73 -60.18 9.47
CA ASP A 24 69.07 -61.49 9.35
C ASP A 24 67.70 -61.48 8.67
N ASN A 25 67.10 -60.29 8.56
CA ASN A 25 65.78 -60.13 7.91
C ASN A 25 65.86 -60.23 6.38
N TRP A 26 66.92 -59.67 5.82
CA TRP A 26 67.07 -59.51 4.38
C TRP A 26 68.20 -60.36 3.85
N PHE A 27 68.08 -60.75 2.57
CA PHE A 27 69.21 -61.30 1.86
C PHE A 27 70.14 -60.18 1.41
N PHE A 28 69.57 -59.17 0.75
CA PHE A 28 70.33 -58.03 0.21
C PHE A 28 69.39 -56.92 -0.28
N TYR A 29 69.93 -55.71 -0.41
CA TYR A 29 69.18 -54.57 -0.90
C TYR A 29 70.02 -53.66 -1.82
N PRO A 30 70.03 -53.96 -3.13
CA PRO A 30 70.74 -53.11 -4.10
C PRO A 30 70.08 -51.75 -4.29
N GLY A 31 70.78 -50.69 -3.89
CA GLY A 31 70.34 -49.31 -4.16
C GLY A 31 69.59 -48.56 -3.06
N GLY A 32 69.29 -49.23 -1.96
CA GLY A 32 68.57 -48.60 -0.85
C GLY A 32 69.47 -48.38 0.35
N ASN A 33 69.76 -47.11 0.62
CA ASN A 33 70.57 -46.73 1.76
C ASN A 33 69.73 -45.99 2.79
N ILE A 34 69.68 -46.53 4.00
CA ILE A 34 68.89 -45.98 5.12
C ILE A 34 68.96 -44.46 5.27
N GLY A 35 67.80 -43.83 5.48
CA GLY A 35 67.70 -42.38 5.60
C GLY A 35 66.29 -41.82 5.66
N LEU A 36 66.16 -40.57 5.22
CA LEU A 36 64.96 -39.77 5.37
C LEU A 36 64.31 -39.50 4.01
N TYR A 37 63.07 -39.96 3.82
CA TYR A 37 62.34 -39.65 2.57
C TYR A 37 60.94 -39.13 2.82
N CYS A 38 60.53 -38.17 1.98
CA CYS A 38 59.22 -37.52 2.04
C CYS A 38 58.85 -37.19 3.49
N PRO A 39 59.56 -36.22 4.09
CA PRO A 39 59.39 -35.95 5.52
C PRO A 39 58.27 -34.94 5.80
N TYR A 40 57.87 -34.21 4.76
CA TYR A 40 57.05 -32.99 4.86
C TYR A 40 55.60 -33.19 5.29
N SER A 41 55.11 -32.22 6.06
CA SER A 41 53.69 -32.10 6.38
C SER A 41 53.36 -30.62 6.51
N SER A 42 52.45 -30.15 5.64
CA SER A 42 52.00 -28.75 5.64
C SER A 42 51.25 -28.41 6.92
N LYS A 43 50.72 -29.45 7.56
CA LYS A 43 50.04 -29.32 8.84
C LYS A 43 51.02 -29.49 10.01
N GLY A 44 52.32 -29.50 9.70
CA GLY A 44 53.38 -29.50 10.70
C GLY A 44 53.61 -30.77 11.50
N ALA A 45 53.12 -31.89 10.99
CA ALA A 45 53.29 -33.21 11.64
C ALA A 45 54.15 -34.14 10.78
N PRO A 46 55.49 -33.96 10.82
CA PRO A 46 56.35 -34.61 9.84
C PRO A 46 56.65 -36.08 10.13
N GLU A 47 57.11 -36.80 9.10
CA GLU A 47 57.64 -38.15 9.27
C GLU A 47 59.15 -38.03 9.51
N GLU A 48 59.56 -38.27 10.76
CA GLU A 48 60.98 -38.20 11.13
C GLU A 48 61.60 -39.58 11.26
N ASP A 49 60.77 -40.61 11.21
CA ASP A 49 61.23 -42.01 11.21
C ASP A 49 62.25 -42.28 10.09
N SER A 50 63.10 -43.27 10.29
CA SER A 50 64.01 -43.69 9.22
C SER A 50 63.40 -44.82 8.41
N ALA A 51 63.82 -44.92 7.15
CA ALA A 51 63.25 -45.84 6.17
C ALA A 51 64.30 -46.34 5.18
N VAL A 53 65.48 -46.46 1.51
CA VAL A 53 65.31 -45.32 0.59
C VAL A 53 66.05 -45.50 -0.75
N PHE A 54 65.35 -46.07 -1.73
CA PHE A 54 65.97 -46.44 -3.02
C PHE A 54 66.06 -45.27 -4.01
N VAL A 55 67.03 -44.38 -3.75
CA VAL A 55 67.25 -43.15 -4.53
C VAL A 55 67.37 -43.36 -6.05
N SER A 56 67.13 -42.29 -6.81
CA SER A 56 67.34 -42.30 -8.27
C SER A 56 68.77 -41.91 -8.67
N ASN A 57 69.71 -42.14 -7.75
CA ASN A 57 71.14 -41.92 -8.00
C ASN A 57 71.92 -43.23 -8.02
N GLU A 58 71.50 -44.15 -7.14
CA GLU A 58 72.09 -45.49 -7.07
C GLU A 58 72.00 -46.21 -8.41
N VAL A 59 73.14 -46.78 -8.83
CA VAL A 59 73.27 -47.42 -10.14
C VAL A 59 73.03 -48.93 -10.05
N GLY A 60 72.51 -49.50 -11.13
CA GLY A 60 72.20 -50.93 -11.17
C GLY A 60 70.79 -51.23 -10.72
N GLU A 61 70.65 -52.26 -9.89
CA GLU A 61 69.35 -52.74 -9.45
C GLU A 61 68.83 -51.91 -8.28
N HIS A 62 67.49 -51.71 -8.24
CA HIS A 62 66.79 -51.08 -7.12
C HIS A 62 65.77 -52.07 -6.54
N SER A 63 66.13 -52.78 -5.45
CA SER A 63 65.23 -53.79 -4.88
C SER A 63 65.58 -54.21 -3.44
N ILE A 64 64.76 -55.09 -2.88
CA ILE A 64 65.01 -55.67 -1.54
C ILE A 64 64.32 -57.03 -1.38
N THR A 65 65.11 -58.06 -1.08
CA THR A 65 64.60 -59.42 -0.87
C THR A 65 64.67 -59.80 0.61
N THR A 66 63.70 -60.59 1.07
CA THR A 66 63.72 -61.13 2.43
C THR A 66 64.40 -62.50 2.44
N ARG A 67 64.75 -62.96 3.65
CA ARG A 67 65.15 -64.34 3.88
C ARG A 67 63.92 -65.22 3.88
N ASP A 68 64.05 -66.45 3.37
CA ASP A 68 62.93 -67.40 3.33
C ASP A 68 62.31 -67.55 4.72
N LEU A 69 60.99 -67.37 4.80
CA LEU A 69 60.27 -67.49 6.08
C LEU A 69 58.96 -68.27 5.94
N SER A 70 58.65 -69.08 6.95
CA SER A 70 57.50 -69.99 6.93
C SER A 70 56.18 -69.24 7.09
N VAL A 71 55.17 -69.69 6.36
CA VAL A 71 53.97 -68.92 6.08
C VAL A 71 52.71 -69.79 6.00
N ASN A 72 51.61 -69.31 6.56
CA ASN A 72 50.28 -69.93 6.33
C ASN A 72 49.19 -68.91 5.92
N GLU A 73 47.92 -69.26 6.13
CA GLU A 73 46.80 -68.40 5.73
C GLU A 73 46.54 -67.21 6.68
N ASN A 74 47.16 -67.24 7.86
CA ASN A 74 47.07 -66.14 8.83
C ASN A 74 48.09 -65.01 8.60
N THR A 75 49.07 -65.27 7.75
CA THR A 75 50.14 -64.31 7.48
C THR A 75 49.63 -63.09 6.71
N ILE A 76 50.13 -61.93 7.09
CA ILE A 76 49.79 -60.66 6.47
C ILE A 76 51.09 -59.90 6.21
N ILE A 77 51.18 -59.20 5.08
CA ILE A 77 52.28 -58.27 4.83
C ILE A 77 51.75 -56.86 5.00
N GLN A 78 52.34 -56.13 5.94
CA GLN A 78 51.90 -54.78 6.31
C GLN A 78 53.11 -53.86 6.28
N PHE A 79 52.98 -52.73 5.60
CA PHE A 79 54.10 -51.81 5.42
C PHE A 79 53.69 -50.44 4.90
N GLU A 80 54.51 -49.43 5.19
CA GLU A 80 54.32 -48.08 4.67
C GLU A 80 55.25 -47.83 3.50
N ILE A 81 54.65 -47.57 2.34
CA ILE A 81 55.41 -47.27 1.14
C ILE A 81 55.32 -45.78 0.81
N ASN A 82 56.31 -45.27 0.08
CA ASN A 82 56.19 -43.97 -0.57
C ASN A 82 56.93 -43.97 -1.91
N VAL A 83 56.15 -43.95 -2.98
CA VAL A 83 56.70 -43.91 -4.32
C VAL A 83 56.53 -42.52 -4.91
N GLY A 84 57.66 -41.85 -5.15
CA GLY A 84 57.68 -40.55 -5.82
C GLY A 84 57.62 -39.33 -4.92
N CYS A 85 56.71 -39.35 -3.94
CA CYS A 85 56.42 -38.20 -3.09
C CYS A 85 56.06 -36.95 -3.92
N SER A 86 54.92 -37.05 -4.62
CA SER A 86 54.24 -35.92 -5.29
C SER A 86 52.93 -36.43 -5.90
N THR A 87 52.21 -35.57 -6.61
CA THR A 87 50.95 -35.97 -7.27
C THR A 87 50.97 -35.79 -8.79
N ASP A 88 52.07 -36.20 -9.41
CA ASP A 88 52.11 -36.42 -10.85
C ASP A 88 52.13 -37.94 -11.04
N SER A 89 50.95 -38.53 -11.19
CA SER A 89 50.84 -39.99 -11.30
C SER A 89 51.41 -40.49 -12.63
N SER A 90 52.25 -41.52 -12.55
CA SER A 90 52.91 -42.11 -13.71
C SER A 90 52.98 -43.63 -13.60
N SER A 91 52.97 -44.31 -14.75
CA SER A 91 53.10 -45.77 -14.81
C SER A 91 54.54 -46.24 -15.03
N ALA A 92 55.44 -45.27 -15.15
CA ALA A 92 56.87 -45.55 -15.25
C ALA A 92 57.42 -46.03 -13.92
N ASP A 93 58.25 -47.08 -13.99
CA ASP A 93 59.04 -47.59 -12.85
C ASP A 93 58.25 -47.95 -11.57
N PRO A 94 57.08 -48.60 -11.72
CA PRO A 94 56.31 -48.92 -10.51
C PRO A 94 57.03 -49.91 -9.61
N VAL A 95 56.67 -49.93 -8.33
CA VAL A 95 57.28 -50.86 -7.38
C VAL A 95 56.39 -52.08 -7.16
N ARG A 96 56.91 -53.25 -7.52
CA ARG A 96 56.15 -54.49 -7.49
C ARG A 96 56.48 -55.29 -6.23
N LEU A 97 55.44 -55.80 -5.57
CA LEU A 97 55.63 -56.74 -4.47
C LEU A 97 55.47 -58.17 -4.98
N GLU A 98 56.62 -58.82 -5.19
CA GLU A 98 56.67 -60.17 -5.74
C GLU A 98 57.14 -61.19 -4.70
N PHE A 99 56.69 -62.43 -4.87
CA PHE A 99 57.14 -63.55 -4.02
C PHE A 99 57.81 -64.66 -4.84
N SER A 100 58.82 -65.29 -4.24
CA SER A 100 59.51 -66.42 -4.86
C SER A 100 59.30 -67.66 -4.01
N ARG A 101 58.76 -68.71 -4.62
CA ARG A 101 58.56 -70.00 -3.94
C ARG A 101 59.69 -70.97 -4.30
N ASP A 102 60.55 -70.54 -5.22
CA ASP A 102 61.65 -71.33 -5.75
C ASP A 102 63.03 -70.74 -5.39
N PHE A 103 63.29 -70.59 -4.09
CA PHE A 103 64.58 -70.09 -3.58
C PHE A 103 65.16 -68.94 -4.41
N GLY A 104 64.31 -67.97 -4.76
CA GLY A 104 64.75 -66.79 -5.50
C GLY A 104 65.17 -67.01 -6.94
N ALA A 105 64.46 -67.87 -7.66
CA ALA A 105 64.74 -68.14 -9.07
C ALA A 105 63.86 -67.30 -10.03
N THR A 106 62.54 -67.44 -9.89
CA THR A 106 61.56 -66.63 -10.65
C THR A 106 60.44 -66.11 -9.75
N TRP A 107 60.04 -64.85 -9.98
CA TRP A 107 59.11 -64.15 -9.08
C TRP A 107 57.73 -63.91 -9.67
N HIS A 108 56.71 -63.99 -8.81
CA HIS A 108 55.31 -63.71 -9.19
C HIS A 108 54.75 -62.58 -8.30
N LEU A 109 53.90 -61.72 -8.85
CA LEU A 109 53.21 -60.68 -8.07
C LEU A 109 52.28 -61.30 -7.06
N LEU A 110 52.32 -60.80 -5.82
CA LEU A 110 51.57 -61.41 -4.72
C LEU A 110 50.06 -61.27 -4.88
N LEU A 111 49.62 -60.14 -5.43
CA LEU A 111 48.24 -59.98 -5.86
C LEU A 111 48.21 -59.89 -7.37
N PRO A 112 47.27 -60.63 -7.99
CA PRO A 112 47.04 -60.47 -9.43
C PRO A 112 46.07 -59.31 -9.65
N LEU A 113 45.96 -58.85 -10.91
CA LEU A 113 45.00 -57.82 -11.24
C LEU A 113 43.66 -58.44 -11.60
N CYS A 114 42.83 -58.68 -10.59
CA CYS A 114 41.54 -59.31 -10.80
C CYS A 114 40.47 -58.31 -11.23
N TYR A 115 39.85 -58.59 -12.37
CA TYR A 115 38.59 -57.94 -12.79
C TYR A 115 37.93 -58.68 -13.96
N HIS A 116 36.66 -58.40 -14.20
CA HIS A 116 35.93 -58.99 -15.33
C HIS A 116 36.38 -58.40 -16.67
N SER A 117 37.18 -59.16 -17.41
CA SER A 117 37.59 -58.81 -18.77
C SER A 117 37.75 -60.07 -19.63
N SER A 123 45.55 -66.28 -14.30
CA SER A 123 45.17 -65.58 -13.08
C SER A 123 44.68 -66.55 -12.00
N LEU A 124 45.12 -66.30 -10.77
CA LEU A 124 44.76 -67.11 -9.59
C LEU A 124 43.60 -66.44 -8.85
N CYS A 125 42.75 -65.77 -9.63
CA CYS A 125 41.76 -64.81 -9.12
C CYS A 125 40.61 -65.36 -8.29
N SER A 126 39.97 -64.46 -7.56
CA SER A 126 38.72 -64.74 -6.86
C SER A 126 37.58 -64.00 -7.57
N THR A 127 36.41 -63.96 -6.93
CA THR A 127 35.23 -63.25 -7.44
C THR A 127 35.41 -61.73 -7.46
N GLU A 128 36.20 -61.22 -6.51
CA GLU A 128 36.35 -59.78 -6.25
C GLU A 128 37.35 -59.11 -7.17
N HIS A 129 37.19 -57.81 -7.36
CA HIS A 129 38.05 -57.03 -8.26
C HIS A 129 38.91 -56.02 -7.50
N HIS A 130 40.20 -56.01 -7.80
CA HIS A 130 41.20 -55.20 -7.08
C HIS A 130 42.44 -55.09 -7.95
N PRO A 131 43.30 -54.08 -7.73
CA PRO A 131 44.50 -54.01 -8.55
C PRO A 131 45.63 -54.88 -7.99
N SER A 132 46.65 -55.12 -8.82
CA SER A 132 47.79 -55.94 -8.44
C SER A 132 48.66 -55.22 -7.40
N SER A 133 49.63 -55.94 -6.84
CA SER A 133 50.53 -55.41 -5.81
C SER A 133 51.54 -54.38 -6.31
N THR A 134 51.35 -53.86 -7.52
CA THR A 134 52.25 -52.83 -8.06
C THR A 134 51.85 -51.45 -7.58
N TYR A 135 52.84 -50.67 -7.15
CA TYR A 135 52.62 -49.36 -6.54
C TYR A 135 53.21 -48.25 -7.40
N TYR A 136 52.34 -47.53 -8.09
CA TYR A 136 52.74 -46.51 -9.06
C TYR A 136 53.09 -45.19 -8.38
N ALA A 137 53.86 -44.36 -9.07
CA ALA A 137 54.17 -43.03 -8.59
C ALA A 137 52.96 -42.12 -8.68
N GLY A 138 52.87 -41.16 -7.77
CA GLY A 138 51.91 -40.06 -7.85
C GLY A 138 50.56 -40.24 -7.19
N THR A 139 50.40 -41.30 -6.40
CA THR A 139 49.12 -41.65 -5.78
C THR A 139 48.79 -40.80 -4.55
N THR A 140 49.81 -40.45 -3.77
CA THR A 140 49.65 -39.51 -2.64
C THR A 140 50.83 -38.53 -2.58
N GLN A 141 50.75 -37.56 -1.68
CA GLN A 141 51.91 -36.77 -1.32
C GLN A 141 52.75 -37.58 -0.34
N GLY A 142 52.16 -37.85 0.83
CA GLY A 142 52.88 -38.49 1.94
C GLY A 142 52.85 -40.01 1.93
N TRP A 143 53.03 -40.59 3.11
CA TRP A 143 53.18 -42.04 3.28
C TRP A 143 51.85 -42.78 3.42
N ARG A 144 51.67 -43.82 2.61
CA ARG A 144 50.48 -44.66 2.65
C ARG A 144 50.77 -45.97 3.37
N ARG A 145 49.73 -46.59 3.92
CA ARG A 145 49.86 -47.91 4.54
C ARG A 145 49.18 -48.97 3.69
N GLU A 146 49.95 -49.97 3.26
CA GLU A 146 49.43 -51.08 2.45
C GLU A 146 49.44 -52.40 3.20
N VAL A 147 48.36 -53.16 3.08
CA VAL A 147 48.18 -54.46 3.78
C VAL A 147 47.66 -55.55 2.83
N VAL A 148 48.38 -56.67 2.79
CA VAL A 148 47.97 -57.84 1.99
C VAL A 148 47.66 -59.03 2.91
N HIS A 149 46.53 -59.68 2.67
CA HIS A 149 46.15 -60.90 3.40
C HIS A 149 46.52 -62.15 2.59
N PHE A 150 46.64 -63.29 3.27
CA PHE A 150 47.06 -64.54 2.62
C PHE A 150 45.97 -65.61 2.53
N GLY A 151 44.91 -65.45 3.32
CA GLY A 151 43.81 -66.41 3.43
C GLY A 151 43.27 -67.00 2.14
N LYS A 152 43.09 -66.15 1.13
CA LYS A 152 42.56 -66.59 -0.16
C LYS A 152 43.59 -66.42 -1.30
N LEU A 153 44.81 -66.89 -1.06
CA LEU A 153 45.92 -66.77 -2.01
C LEU A 153 46.47 -68.10 -2.54
N HIS A 154 46.18 -69.19 -1.82
CA HIS A 154 46.78 -70.51 -2.05
C HIS A 154 48.29 -70.49 -1.78
N LEU A 155 48.64 -70.06 -0.58
CA LEU A 155 50.02 -70.05 -0.09
C LEU A 155 50.09 -70.66 1.30
N ALA A 156 50.96 -71.65 1.46
CA ALA A 156 51.27 -72.27 2.75
C ALA A 156 52.67 -72.87 2.68
N GLY A 157 53.39 -72.85 3.80
CA GLY A 157 54.73 -73.45 3.87
C GLY A 157 55.89 -72.47 4.01
N SER A 158 56.55 -72.20 2.89
CA SER A 158 57.80 -71.42 2.87
C SER A 158 57.96 -70.59 1.58
N VAL A 159 58.43 -69.35 1.74
CA VAL A 159 58.53 -68.38 0.64
C VAL A 159 59.41 -67.17 1.04
N ARG A 160 59.90 -66.44 0.03
CA ARG A 160 60.60 -65.16 0.25
C ARG A 160 60.01 -64.02 -0.61
N PHE A 161 60.05 -62.79 -0.08
CA PHE A 161 59.37 -61.63 -0.69
C PHE A 161 60.30 -60.54 -1.21
N ARG A 162 59.86 -59.87 -2.28
CA ARG A 162 60.62 -58.79 -2.90
C ARG A 162 59.79 -57.55 -3.19
N TRP A 163 60.36 -56.39 -2.85
CA TRP A 163 59.90 -55.10 -3.34
C TRP A 163 60.84 -54.76 -4.49
N TYR A 164 60.32 -54.79 -5.72
CA TYR A 164 61.16 -54.69 -6.91
C TYR A 164 60.87 -53.46 -7.77
N GLN A 165 61.90 -52.75 -8.22
CA GLN A 165 61.75 -51.59 -9.12
C GLN A 165 62.41 -51.74 -10.51
N GLY A 166 63.54 -52.43 -10.58
CA GLY A 166 64.20 -52.70 -11.86
C GLY A 166 65.71 -52.58 -11.91
N PHE A 167 66.29 -53.14 -12.98
CA PHE A 167 67.71 -52.97 -13.29
C PHE A 167 67.85 -51.70 -14.15
N TYR A 168 68.72 -50.79 -13.71
CA TYR A 168 68.86 -49.48 -14.37
C TYR A 168 70.32 -49.12 -14.67
N PRO A 169 70.60 -48.66 -15.91
CA PRO A 169 71.93 -48.19 -16.31
C PRO A 169 72.40 -46.95 -15.56
N ALA A 170 73.66 -46.58 -15.77
CA ALA A 170 74.19 -45.32 -15.28
C ALA A 170 73.64 -44.17 -16.12
N GLY A 171 73.23 -43.09 -15.46
CA GLY A 171 72.64 -41.95 -16.13
C GLY A 171 71.13 -41.99 -16.27
N SER A 172 70.55 -43.18 -16.05
CA SER A 172 69.11 -43.40 -16.13
C SER A 172 68.43 -43.14 -14.78
N GLN A 173 67.63 -42.08 -14.71
CA GLN A 173 66.96 -41.69 -13.48
C GLN A 173 65.52 -42.21 -13.42
N PRO A 174 65.27 -43.22 -12.57
CA PRO A 174 63.90 -43.68 -12.36
C PRO A 174 63.18 -42.75 -11.39
N VAL A 175 62.01 -43.15 -10.91
CA VAL A 175 61.36 -42.46 -9.80
C VAL A 175 61.97 -42.95 -8.49
N THR A 176 62.13 -42.05 -7.52
CA THR A 176 62.56 -42.46 -6.17
C THR A 176 61.40 -43.17 -5.51
N TRP A 177 61.73 -44.03 -4.55
CA TRP A 177 60.74 -44.69 -3.69
C TRP A 177 61.40 -45.08 -2.38
N ALA A 178 60.58 -45.37 -1.37
CA ALA A 178 61.07 -45.74 -0.05
C ALA A 178 60.07 -46.62 0.66
N ILE A 179 60.48 -47.22 1.77
CA ILE A 179 59.61 -48.12 2.53
C ILE A 179 59.99 -48.16 4.02
N ASP A 180 58.97 -48.21 4.89
CA ASP A 180 59.18 -48.22 6.34
C ASP A 180 58.28 -49.26 7.01
N ASN A 181 58.58 -49.55 8.28
CA ASN A 181 57.71 -50.34 9.15
C ASN A 181 57.13 -51.63 8.57
N VAL A 182 58.01 -52.50 8.06
CA VAL A 182 57.60 -53.77 7.45
C VAL A 182 57.26 -54.82 8.51
N TYR A 183 56.19 -55.58 8.27
CA TYR A 183 55.79 -56.67 9.16
C TYR A 183 55.23 -57.83 8.35
N ILE A 184 55.75 -59.03 8.58
CA ILE A 184 55.26 -60.23 7.91
C ILE A 184 54.98 -61.35 8.91
N GLY A 185 53.96 -61.17 9.74
CA GLY A 185 53.58 -62.18 10.73
C GLY A 185 52.09 -62.47 10.68
N PRO A 186 51.55 -63.12 11.74
CA PRO A 186 50.11 -63.38 11.86
C PRO A 186 49.26 -62.11 11.97
N GLN A 187 48.00 -62.22 11.56
CA GLN A 187 47.02 -61.15 11.71
C GLN A 187 46.64 -60.95 13.17
N CYS A 188 46.14 -59.77 13.51
CA CYS A 188 45.66 -59.47 14.85
C CYS A 188 44.22 -59.93 15.04
N GLU A 189 43.70 -59.70 16.25
CA GLU A 189 42.29 -59.92 16.55
C GLU A 189 41.44 -59.02 15.64
N GLU A 190 40.68 -59.65 14.74
CA GLU A 190 39.78 -58.95 13.80
C GLU A 190 40.44 -57.96 12.82
N CYS A 192 42.53 -55.46 13.31
CA CYS A 192 42.51 -54.07 13.83
C CYS A 192 41.39 -53.18 13.25
N TYR A 193 40.39 -53.83 12.65
CA TYR A 193 39.27 -53.18 11.96
C TYR A 193 39.67 -52.31 10.76
N GLY A 194 40.90 -52.48 10.30
CA GLY A 194 41.41 -51.76 9.14
C GLY A 194 42.04 -50.42 9.49
N HIS A 195 41.78 -49.95 10.71
CA HIS A 195 42.29 -48.66 11.18
C HIS A 195 43.32 -48.82 12.30
N GLY A 196 44.36 -49.62 12.03
CA GLY A 196 45.44 -49.87 12.99
C GLY A 196 46.55 -50.73 12.41
N SER A 197 47.78 -50.47 12.85
CA SER A 197 48.95 -51.24 12.42
C SER A 197 49.20 -52.45 13.34
N CYS A 198 48.71 -53.62 12.93
CA CYS A 198 48.92 -54.85 13.69
C CYS A 198 50.41 -55.12 13.91
N ILE A 199 50.78 -55.42 15.15
CA ILE A 199 52.17 -55.73 15.51
C ILE A 199 52.26 -57.05 16.30
N ASN A 200 53.17 -57.92 15.87
CA ASN A 200 53.38 -59.27 16.45
C ASN A 200 52.11 -60.14 16.49
N GLY A 201 51.06 -59.71 15.80
CA GLY A 201 49.78 -60.42 15.80
C GLY A 201 49.05 -60.41 17.13
N THR A 202 49.64 -59.73 18.11
CA THR A 202 49.12 -59.70 19.47
C THR A 202 48.69 -58.28 19.88
N LYS A 203 49.17 -57.29 19.14
CA LYS A 203 49.02 -55.89 19.52
C LYS A 203 48.54 -55.00 18.35
N CYS A 204 47.39 -54.38 18.54
CA CYS A 204 46.88 -53.37 17.61
C CYS A 204 47.39 -51.99 18.02
N ILE A 205 48.18 -51.36 17.15
CA ILE A 205 48.59 -49.97 17.31
C ILE A 205 47.62 -49.11 16.50
N CYS A 206 46.64 -48.54 17.18
CA CYS A 206 45.48 -47.92 16.53
C CYS A 206 45.77 -46.62 15.78
N ASP A 207 44.85 -46.26 14.88
CA ASP A 207 44.92 -45.00 14.14
C ASP A 207 44.20 -43.87 14.87
N PRO A 208 44.70 -42.62 14.76
CA PRO A 208 44.12 -41.48 15.48
C PRO A 208 42.61 -41.34 15.28
N GLY A 209 41.88 -41.23 16.39
CA GLY A 209 40.42 -41.18 16.39
C GLY A 209 39.82 -42.50 16.83
N TYR A 210 40.62 -43.57 16.77
CA TYR A 210 40.19 -44.93 17.08
C TYR A 210 40.88 -45.46 18.34
N SER A 211 40.09 -46.01 19.27
CA SER A 211 40.62 -46.52 20.54
C SER A 211 40.11 -47.93 20.89
N GLY A 212 40.71 -48.54 21.89
CA GLY A 212 40.37 -49.92 22.28
C GLY A 212 41.38 -50.91 21.74
N PRO A 213 41.41 -52.13 22.32
CA PRO A 213 42.41 -53.16 21.96
C PRO A 213 42.38 -53.60 20.50
N THR A 214 41.22 -53.47 19.86
CA THR A 214 41.02 -53.88 18.47
C THR A 214 40.77 -52.69 17.54
N CYS A 215 40.78 -51.48 18.10
CA CYS A 215 40.47 -50.23 17.39
C CYS A 215 38.99 -50.10 17.04
N LYS A 216 38.14 -50.76 17.83
CA LYS A 216 36.71 -50.78 17.57
C LYS A 216 36.02 -49.48 17.99
N ILE A 217 36.43 -48.90 19.12
CA ILE A 217 35.80 -47.67 19.65
C ILE A 217 36.27 -46.41 18.91
N SER A 218 35.31 -45.63 18.40
CA SER A 218 35.57 -44.34 17.75
C SER A 218 34.29 -43.52 17.63
N THR A 219 34.45 -42.27 17.21
CA THR A 219 33.31 -41.37 16.98
C THR A 219 32.41 -41.86 15.82
N LYS A 220 31.10 -41.62 15.96
CA LYS A 220 30.12 -41.93 14.92
C LYS A 220 30.51 -41.24 13.61
N ASN A 221 30.33 -41.95 12.50
CA ASN A 221 30.65 -41.43 11.15
C ASN A 221 29.59 -40.45 10.58
N PRO A 222 29.99 -39.62 9.58
CA PRO A 222 29.00 -38.86 8.79
C PRO A 222 27.99 -39.80 8.09
N ASP A 223 26.71 -39.39 8.09
CA ASP A 223 25.66 -40.16 7.40
C ASP A 223 25.35 -39.55 6.04
N PHE A 224 26.11 -38.51 5.68
CA PHE A 224 25.89 -37.78 4.44
C PHE A 224 27.24 -37.31 3.88
N LEU A 225 27.29 -37.10 2.56
CA LEU A 225 28.50 -36.63 1.88
C LEU A 225 28.17 -35.87 0.59
N LYS A 226 28.82 -34.73 0.38
CA LYS A 226 28.66 -33.96 -0.86
C LYS A 226 29.93 -33.21 -1.25
N ASP A 227 30.30 -33.28 -2.53
CA ASP A 227 31.45 -32.55 -3.07
C ASP A 227 31.24 -32.14 -4.53
N ASP A 228 30.70 -30.92 -4.73
CA ASP A 228 30.49 -30.32 -6.05
C ASP A 228 31.81 -29.94 -6.72
N PHE A 229 32.83 -29.90 -5.85
CA PHE A 229 34.23 -29.73 -6.17
C PHE A 229 34.62 -28.26 -6.10
N GLU A 230 34.96 -27.84 -4.88
CA GLU A 230 35.31 -26.45 -4.58
C GLU A 230 36.79 -26.27 -4.26
N GLY A 231 37.26 -25.03 -4.39
CA GLY A 231 38.68 -24.67 -4.25
C GLY A 231 39.33 -24.94 -2.90
N GLN A 232 38.55 -25.41 -1.93
CA GLN A 232 39.06 -25.87 -0.64
C GLN A 232 39.03 -27.40 -0.62
N LEU A 233 39.87 -28.01 -1.44
CA LEU A 233 39.90 -29.46 -1.63
C LEU A 233 40.88 -30.19 -0.71
N GLU A 234 40.95 -29.74 0.54
CA GLU A 234 41.72 -30.41 1.58
C GLU A 234 40.82 -31.38 2.34
N SER A 235 39.59 -30.94 2.61
CA SER A 235 38.65 -31.60 3.52
C SER A 235 38.63 -33.13 3.50
N ASP A 236 38.51 -33.72 4.68
CA ASP A 236 38.56 -35.17 4.86
C ASP A 236 37.27 -35.89 4.42
N ARG A 237 36.89 -35.69 3.17
CA ARG A 237 35.81 -36.43 2.53
C ARG A 237 36.38 -37.62 1.75
N PHE A 238 37.47 -37.37 1.04
CA PHE A 238 38.11 -38.37 0.19
C PHE A 238 39.45 -38.84 0.74
N LEU A 239 39.53 -40.12 1.10
CA LEU A 239 40.78 -40.72 1.59
C LEU A 239 41.92 -40.68 0.58
N LEU A 240 41.58 -40.82 -0.71
CA LEU A 240 42.54 -40.54 -1.77
C LEU A 240 41.84 -40.23 -3.09
N SER A 242 43.35 -40.51 -6.46
CA SER A 242 44.52 -40.95 -7.23
C SER A 242 44.42 -40.66 -8.73
N GLY A 243 45.35 -39.85 -9.23
CA GLY A 243 45.43 -39.50 -10.65
C GLY A 243 44.28 -38.65 -11.14
N GLY A 244 43.61 -37.95 -10.23
CA GLY A 244 42.45 -37.13 -10.54
C GLY A 244 42.59 -35.68 -10.11
N LYS A 245 42.37 -34.77 -11.06
CA LYS A 245 42.60 -33.34 -10.84
C LYS A 245 41.29 -32.54 -10.91
N PRO A 246 41.23 -31.40 -10.17
CA PRO A 246 40.14 -30.44 -10.36
C PRO A 246 40.28 -29.72 -11.70
N SER A 247 39.16 -29.52 -12.38
CA SER A 247 39.18 -29.06 -13.77
C SER A 247 37.87 -28.38 -14.17
N ARG A 248 37.89 -27.71 -15.33
CA ARG A 248 36.69 -27.17 -15.96
C ARG A 248 36.52 -27.71 -17.39
N LYS A 249 37.39 -28.64 -17.77
CA LYS A 249 37.45 -29.19 -19.13
C LYS A 249 36.31 -30.19 -19.37
N CYS A 250 35.54 -29.93 -20.42
CA CYS A 250 34.31 -30.67 -20.77
C CYS A 250 33.34 -30.86 -19.59
N GLY A 251 33.01 -29.75 -18.95
CA GLY A 251 32.09 -29.75 -17.81
C GLY A 251 30.71 -30.26 -18.18
N ILE A 252 30.14 -31.08 -17.32
CA ILE A 252 28.79 -31.62 -17.52
C ILE A 252 27.71 -30.63 -17.05
N LEU A 253 27.97 -29.96 -15.92
CA LEU A 253 27.25 -28.75 -15.53
C LEU A 253 27.52 -27.70 -16.60
N SER A 254 26.59 -26.75 -16.76
CA SER A 254 26.75 -25.66 -17.74
C SER A 254 28.13 -25.00 -17.63
N SER A 255 28.45 -24.50 -16.43
CA SER A 255 29.80 -24.07 -16.09
C SER A 255 30.11 -24.28 -14.60
N GLY A 256 30.10 -25.55 -14.18
CA GLY A 256 30.47 -25.94 -12.82
C GLY A 256 31.91 -26.39 -12.76
N ASN A 257 32.34 -26.85 -11.58
CA ASN A 257 33.71 -27.31 -11.38
C ASN A 257 33.73 -28.82 -11.13
N ASN A 258 34.53 -29.53 -11.91
CA ASN A 258 34.51 -31.01 -11.87
C ASN A 258 35.86 -31.65 -11.54
N LEU A 259 35.85 -32.98 -11.44
CA LEU A 259 37.05 -33.77 -11.17
C LEU A 259 37.41 -34.63 -12.39
N PHE A 260 38.63 -34.43 -12.89
CA PHE A 260 39.07 -34.99 -14.17
C PHE A 260 40.16 -36.05 -14.01
N PHE A 261 39.96 -37.20 -14.64
CA PHE A 261 40.94 -38.28 -14.64
C PHE A 261 41.60 -38.42 -16.01
N ASN A 262 42.63 -37.63 -16.25
CA ASN A 262 43.34 -37.65 -17.54
C ASN A 262 44.67 -38.39 -17.45
N GLU A 263 45.35 -38.25 -16.32
CA GLU A 263 46.66 -38.86 -16.11
C GLU A 263 46.58 -40.38 -16.02
N ASP A 264 47.70 -41.05 -16.32
CA ASP A 264 47.81 -42.51 -16.17
C ASP A 264 48.69 -42.92 -14.99
N GLY A 265 48.37 -44.05 -14.38
CA GLY A 265 49.02 -44.55 -13.16
C GLY A 265 47.99 -45.36 -12.39
N LEU A 266 47.68 -44.94 -11.17
CA LEU A 266 46.48 -45.42 -10.50
C LEU A 266 45.34 -44.42 -10.73
N ARG A 267 44.14 -44.94 -10.94
CA ARG A 267 42.93 -44.12 -11.01
C ARG A 267 41.88 -44.65 -10.04
N LEU A 269 39.24 -43.48 -6.51
CA LEU A 269 38.62 -42.47 -5.68
C LEU A 269 37.93 -43.13 -4.49
N VAL A 270 38.48 -42.92 -3.30
CA VAL A 270 37.95 -43.56 -2.09
C VAL A 270 37.43 -42.51 -1.13
N THR A 271 36.20 -42.70 -0.67
CA THR A 271 35.61 -41.85 0.37
C THR A 271 36.15 -42.25 1.73
N ARG A 272 35.97 -41.36 2.71
CA ARG A 272 36.12 -41.73 4.12
C ARG A 272 35.03 -42.74 4.50
N ASP A 273 35.23 -43.44 5.61
CA ASP A 273 34.18 -44.32 6.13
C ASP A 273 32.97 -43.49 6.57
N LEU A 274 31.79 -43.91 6.12
CA LEU A 274 30.55 -43.19 6.35
C LEU A 274 29.53 -44.07 7.06
N ASP A 275 28.63 -43.44 7.82
CA ASP A 275 27.53 -44.17 8.40
C ASP A 275 26.44 -44.34 7.34
N LEU A 276 26.36 -45.53 6.77
CA LEU A 276 25.40 -45.79 5.69
C LEU A 276 24.27 -46.69 6.15
N SER A 277 24.10 -46.83 7.46
CA SER A 277 23.17 -47.80 8.04
C SER A 277 21.70 -47.56 7.68
N HIS A 278 21.39 -46.38 7.18
CA HIS A 278 20.03 -46.05 6.75
C HIS A 278 19.99 -45.32 5.40
N ALA A 279 21.09 -45.36 4.67
CA ALA A 279 21.23 -44.65 3.39
C ALA A 279 20.37 -45.24 2.27
N ARG A 280 19.80 -44.34 1.47
CA ARG A 280 18.98 -44.68 0.31
C ARG A 280 19.78 -44.72 -0.99
N PHE A 281 20.67 -43.77 -1.20
CA PHE A 281 21.22 -43.53 -2.53
C PHE A 281 22.66 -43.08 -2.59
N VAL A 282 23.30 -43.39 -3.71
CA VAL A 282 24.48 -42.69 -4.17
C VAL A 282 24.14 -42.14 -5.54
N GLN A 283 24.49 -40.87 -5.78
CA GLN A 283 24.20 -40.23 -7.05
C GLN A 283 25.31 -39.30 -7.47
N PHE A 284 25.48 -39.14 -8.79
CA PHE A 284 26.56 -38.33 -9.35
C PHE A 284 26.41 -38.19 -10.86
N PHE A 285 27.16 -37.25 -11.43
CA PHE A 285 27.28 -37.10 -12.87
C PHE A 285 28.64 -37.59 -13.33
N ARG A 287 30.96 -38.55 -17.05
CA ARG A 287 31.14 -38.59 -18.50
C ARG A 287 32.31 -39.53 -18.83
N LEU A 288 31.98 -40.72 -19.32
CA LEU A 288 32.99 -41.72 -19.69
C LEU A 288 33.55 -41.47 -21.10
N GLY A 289 34.41 -40.47 -21.22
CA GLY A 289 35.04 -40.17 -22.50
C GLY A 289 34.86 -38.72 -22.89
N CYS A 290 35.94 -37.95 -22.73
CA CYS A 290 35.93 -36.51 -22.96
C CYS A 290 36.61 -36.15 -24.29
N GLY A 291 35.81 -35.68 -25.25
CA GLY A 291 36.29 -35.31 -26.58
C GLY A 291 35.18 -35.20 -27.61
N LYS A 292 35.55 -35.31 -28.89
CA LYS A 292 34.58 -35.23 -30.01
C LYS A 292 34.07 -36.60 -30.49
N GLY A 293 34.98 -37.48 -30.92
CA GLY A 293 34.60 -38.80 -31.42
C GLY A 293 34.34 -39.81 -30.31
N VAL A 294 33.89 -41.01 -30.71
CA VAL A 294 33.64 -42.11 -29.76
C VAL A 294 34.98 -42.66 -29.21
N PRO A 295 35.11 -42.72 -27.86
CA PRO A 295 36.23 -43.39 -27.21
C PRO A 295 36.31 -44.89 -27.56
N ASP A 296 37.51 -45.37 -27.84
CA ASP A 296 37.74 -46.71 -28.40
C ASP A 296 37.41 -47.88 -27.46
N PRO A 297 36.81 -48.96 -28.01
CA PRO A 297 36.22 -50.06 -27.24
C PRO A 297 37.23 -50.96 -26.52
N ARG A 298 38.48 -50.52 -26.43
CA ARG A 298 39.48 -51.21 -25.60
C ARG A 298 39.84 -50.39 -24.35
N SER A 299 39.00 -49.44 -23.99
CA SER A 299 39.17 -48.65 -22.77
C SER A 299 38.49 -49.30 -21.56
N GLN A 300 39.22 -49.34 -20.46
CA GLN A 300 38.86 -50.13 -19.28
C GLN A 300 37.70 -49.50 -18.51
N PRO A 301 36.70 -50.31 -18.13
CA PRO A 301 35.49 -49.76 -17.50
C PRO A 301 35.75 -49.20 -16.09
N VAL A 302 34.94 -48.22 -15.67
CA VAL A 302 35.01 -47.68 -14.31
C VAL A 302 34.15 -48.48 -13.33
N LEU A 303 34.78 -49.02 -12.30
CA LEU A 303 34.08 -49.85 -11.31
C LEU A 303 33.77 -49.07 -10.04
N LEU A 304 32.50 -49.09 -9.64
CA LEU A 304 32.08 -48.48 -8.39
C LEU A 304 31.92 -49.57 -7.34
N GLN A 305 32.77 -49.49 -6.30
CA GLN A 305 32.83 -50.52 -5.25
C GLN A 305 32.57 -50.03 -3.83
N TYR A 306 32.36 -50.95 -2.90
CA TYR A 306 32.20 -50.60 -1.49
C TYR A 306 32.88 -51.58 -0.52
N SER A 307 33.55 -51.05 0.50
CA SER A 307 34.17 -51.86 1.54
C SER A 307 33.44 -51.72 2.87
N LEU A 308 33.22 -52.83 3.56
CA LEU A 308 32.58 -52.83 4.88
C LEU A 308 33.60 -52.75 6.02
N ASN A 309 34.85 -53.04 5.71
CA ASN A 309 35.90 -53.22 6.71
C ASN A 309 37.13 -52.34 6.49
N GLY A 310 36.89 -51.09 6.10
CA GLY A 310 37.99 -50.13 5.93
C GLY A 310 38.96 -50.38 4.79
N GLY A 311 38.62 -51.30 3.89
CA GLY A 311 39.37 -51.45 2.64
C GLY A 311 40.25 -52.67 2.53
N LEU A 312 39.85 -53.75 3.18
CA LEU A 312 40.56 -55.01 3.06
C LEU A 312 39.88 -55.86 2.00
N SER A 313 38.56 -55.72 1.85
CA SER A 313 37.77 -56.45 0.84
C SER A 313 36.63 -55.62 0.25
N TRP A 314 36.46 -55.72 -1.07
CA TRP A 314 35.55 -54.85 -1.84
C TRP A 314 34.48 -55.57 -2.68
N SER A 315 33.23 -55.12 -2.54
CA SER A 315 32.12 -55.59 -3.36
C SER A 315 31.80 -54.59 -4.47
N LEU A 316 31.27 -55.08 -5.59
CA LEU A 316 30.91 -54.23 -6.72
C LEU A 316 29.46 -53.72 -6.60
N LEU A 317 29.29 -52.42 -6.85
CA LEU A 317 27.95 -51.80 -6.91
C LEU A 317 27.46 -51.76 -8.35
N GLN A 318 28.29 -51.21 -9.22
CA GLN A 318 28.00 -51.10 -10.64
C GLN A 318 29.28 -51.00 -11.46
N GLU A 319 29.34 -51.76 -12.54
CA GLU A 319 30.38 -51.58 -13.56
C GLU A 319 29.89 -50.53 -14.54
N PHE A 320 30.79 -49.66 -14.99
CA PHE A 320 30.44 -48.60 -15.95
C PHE A 320 31.30 -48.70 -17.19
N LEU A 321 30.71 -49.26 -18.25
CA LEU A 321 31.42 -49.53 -19.51
C LEU A 321 31.45 -48.31 -20.45
N PHE A 322 32.52 -48.20 -21.24
CA PHE A 322 32.61 -47.18 -22.29
C PHE A 322 31.89 -47.64 -23.56
N SER A 323 31.23 -46.71 -24.26
CA SER A 323 30.43 -47.06 -25.45
C SER A 323 30.38 -45.93 -26.50
N ASN A 324 29.59 -46.15 -27.55
CA ASN A 324 29.30 -45.12 -28.57
C ASN A 324 28.48 -43.96 -28.03
N SER A 325 27.65 -44.26 -27.01
CA SER A 325 26.71 -43.30 -26.42
C SER A 325 27.16 -42.73 -25.07
N SER A 326 28.31 -43.17 -24.57
CA SER A 326 28.88 -42.64 -23.33
C SER A 326 29.90 -41.53 -23.63
N ASN A 327 29.46 -40.51 -24.36
CA ASN A 327 30.33 -39.41 -24.79
C ASN A 327 30.02 -38.12 -24.04
N VAL A 328 28.80 -38.04 -23.50
CA VAL A 328 28.31 -36.83 -22.81
C VAL A 328 27.82 -37.15 -21.39
N GLY A 329 27.83 -36.12 -20.54
CA GLY A 329 27.40 -36.24 -19.15
C GLY A 329 26.07 -36.95 -18.98
N ARG A 330 25.98 -37.74 -17.93
CA ARG A 330 24.76 -38.49 -17.61
C ARG A 330 24.60 -38.57 -16.09
N TYR A 331 23.37 -38.39 -15.63
CA TYR A 331 23.06 -38.45 -14.19
C TYR A 331 22.89 -39.92 -13.75
N ILE A 332 23.74 -40.34 -12.82
CA ILE A 332 23.65 -41.67 -12.24
C ILE A 332 22.98 -41.58 -10.87
N ALA A 333 22.03 -42.48 -10.62
CA ALA A 333 21.42 -42.61 -9.31
C ALA A 333 21.16 -44.07 -8.99
N LEU A 334 21.73 -44.52 -7.87
CA LEU A 334 21.71 -45.93 -7.50
C LEU A 334 21.22 -46.13 -6.08
N GLU A 335 20.14 -46.89 -5.92
CA GLU A 335 19.65 -47.33 -4.63
C GLU A 335 20.73 -48.13 -3.87
N PRO A 337 22.18 -50.97 -1.67
CA PRO A 337 21.92 -52.37 -1.30
C PRO A 337 22.07 -52.65 0.20
N LEU A 338 21.23 -53.56 0.71
CA LEU A 338 21.22 -53.93 2.13
C LEU A 338 22.60 -54.36 2.65
N LYS A 339 23.37 -55.04 1.80
CA LYS A 339 24.70 -55.53 2.17
C LYS A 339 25.75 -54.40 2.25
N ALA A 340 25.35 -53.17 1.95
CA ALA A 340 26.27 -52.03 1.98
C ALA A 340 25.98 -51.03 3.12
N ARG A 341 24.91 -51.27 3.87
CA ARG A 341 24.53 -50.38 4.97
C ARG A 341 25.26 -50.71 6.28
N SER A 342 26.38 -50.01 6.53
CA SER A 342 27.19 -50.19 7.74
C SER A 342 27.35 -48.91 8.53
N GLY A 343 27.69 -49.05 9.81
CA GLY A 343 28.23 -47.95 10.60
C GLY A 343 29.47 -47.38 9.92
N SER A 344 30.31 -48.26 9.37
CA SER A 344 31.47 -47.85 8.56
C SER A 344 31.48 -48.55 7.20
N THR A 345 31.25 -47.76 6.15
CA THR A 345 31.28 -48.23 4.76
C THR A 345 31.94 -47.16 3.90
N ARG A 346 32.92 -47.55 3.10
CA ARG A 346 33.51 -46.61 2.16
C ARG A 346 33.27 -47.05 0.72
N LEU A 347 33.16 -46.09 -0.18
CA LEU A 347 32.96 -46.37 -1.59
C LEU A 347 34.20 -46.01 -2.38
N ARG A 348 34.42 -46.71 -3.49
CA ARG A 348 35.52 -46.38 -4.39
C ARG A 348 35.17 -46.47 -5.86
N TRP A 349 35.75 -45.54 -6.63
CA TRP A 349 35.66 -45.50 -8.09
C TRP A 349 37.03 -45.83 -8.64
N TRP A 350 37.12 -46.93 -9.41
CA TRP A 350 38.40 -47.43 -9.89
C TRP A 350 38.39 -47.82 -11.38
N GLN A 351 39.41 -47.37 -12.10
CA GLN A 351 39.62 -47.80 -13.48
C GLN A 351 40.88 -48.69 -13.55
N PRO A 352 40.70 -50.02 -13.73
CA PRO A 352 41.77 -51.00 -13.90
C PRO A 352 42.68 -50.71 -15.10
N SER A 353 43.92 -51.20 -15.04
CA SER A 353 44.88 -51.09 -16.15
C SER A 353 46.04 -52.04 -15.89
N GLU A 354 46.31 -52.91 -16.87
CA GLU A 354 47.37 -53.93 -16.74
C GLU A 354 48.79 -53.35 -16.69
N ASN A 355 49.08 -52.42 -17.60
CA ASN A 355 50.38 -51.76 -17.62
C ASN A 355 50.40 -50.48 -16.80
N GLY A 356 49.22 -49.90 -16.59
CA GLY A 356 49.10 -48.62 -15.92
C GLY A 356 48.83 -47.46 -16.87
N HIS A 357 48.86 -47.73 -18.18
CA HIS A 357 48.50 -46.74 -19.18
C HIS A 357 46.99 -46.80 -19.45
N PHE A 358 46.41 -45.64 -19.78
CA PHE A 358 44.99 -45.52 -20.09
C PHE A 358 44.77 -44.86 -21.45
N TYR A 359 43.71 -45.26 -22.14
CA TYR A 359 43.36 -44.69 -23.46
C TYR A 359 42.39 -43.51 -23.33
N SER A 360 41.24 -43.76 -22.74
CA SER A 360 40.20 -42.74 -22.59
C SER A 360 40.26 -42.06 -21.23
N PRO A 361 40.20 -40.71 -21.20
CA PRO A 361 40.03 -39.96 -19.95
C PRO A 361 38.57 -39.88 -19.54
N TRP A 362 38.30 -39.77 -18.24
CA TRP A 362 36.93 -39.66 -17.73
C TRP A 362 36.79 -38.62 -16.62
N VAL A 363 35.55 -38.16 -16.40
CA VAL A 363 35.29 -37.02 -15.52
C VAL A 363 34.07 -37.25 -14.60
N ILE A 364 34.12 -36.65 -13.41
CA ILE A 364 33.07 -36.81 -12.40
C ILE A 364 32.77 -35.48 -11.69
N ASP A 365 31.49 -35.25 -11.37
CA ASP A 365 31.03 -34.05 -10.66
C ASP A 365 29.81 -34.42 -9.82
N GLN A 366 29.57 -33.67 -8.74
CA GLN A 366 28.27 -33.64 -8.07
C GLN A 366 27.95 -34.96 -7.36
N ILE A 367 28.87 -35.41 -6.51
CA ILE A 367 28.70 -36.67 -5.80
C ILE A 367 27.90 -36.44 -4.52
N LEU A 368 26.78 -37.15 -4.40
CA LEU A 368 26.01 -37.14 -3.16
C LEU A 368 25.72 -38.56 -2.67
N ILE A 369 25.99 -38.80 -1.40
CA ILE A 369 25.65 -40.07 -0.77
C ILE A 369 24.80 -39.75 0.45
N GLY A 370 23.69 -40.44 0.61
CA GLY A 370 22.85 -40.24 1.78
C GLY A 370 21.42 -40.75 1.66
N GLY A 371 20.50 -40.12 2.39
CA GLY A 371 19.10 -40.50 2.42
C GLY A 371 18.77 -41.27 3.68
N ASN A 372 17.48 -41.31 4.03
CA ASN A 372 17.01 -41.96 5.25
C ASN A 372 15.85 -42.92 4.90
N ILE A 373 16.18 -44.20 4.78
CA ILE A 373 15.23 -45.23 4.35
C ILE A 373 14.20 -45.64 5.40
N SER A 374 14.09 -44.92 6.50
CA SER A 374 13.16 -45.32 7.56
C SER A 374 11.77 -44.64 7.48
N GLY A 375 11.38 -44.30 6.26
CA GLY A 375 10.00 -43.89 5.97
C GLY A 375 9.55 -42.57 6.56
N ASN A 376 10.42 -41.57 6.46
CA ASN A 376 10.11 -40.22 6.96
C ASN A 376 9.13 -39.51 6.03
N THR A 377 8.09 -38.91 6.62
CA THR A 377 7.00 -38.37 5.82
C THR A 377 6.86 -36.84 5.86
N VAL A 378 7.87 -36.16 6.41
CA VAL A 378 7.85 -34.69 6.57
C VAL A 378 9.18 -33.99 6.22
N LEU A 379 9.08 -32.83 5.57
CA LEU A 379 10.20 -31.93 5.29
C LEU A 379 9.76 -30.49 5.50
N GLU A 380 10.41 -29.84 6.46
CA GLU A 380 10.04 -28.51 6.95
C GLU A 380 11.28 -27.64 6.85
N ASP A 381 11.10 -26.37 6.51
CA ASP A 381 12.21 -25.41 6.55
C ASP A 381 11.74 -23.96 6.46
N ASP A 382 12.51 -23.07 7.10
CA ASP A 382 12.20 -21.64 7.20
C ASP A 382 13.47 -20.83 6.93
N PHE A 383 14.56 -21.60 6.78
CA PHE A 383 15.83 -21.18 6.21
C PHE A 383 16.80 -20.41 7.12
N SER A 384 16.74 -20.72 8.41
CA SER A 384 17.80 -20.38 9.35
C SER A 384 19.10 -20.96 8.79
N THR A 385 19.09 -22.26 8.52
CA THR A 385 20.23 -22.93 7.88
C THR A 385 19.88 -23.61 6.57
N LEU A 386 20.88 -23.70 5.70
CA LEU A 386 20.76 -24.43 4.46
C LEU A 386 21.30 -25.83 4.68
N ASP A 387 20.52 -26.63 5.42
CA ASP A 387 20.83 -28.03 5.69
C ASP A 387 20.84 -28.85 4.39
N SER A 388 22.04 -29.13 3.87
CA SER A 388 22.14 -29.77 2.56
C SER A 388 21.85 -31.28 2.53
N ARG A 389 21.48 -31.85 3.69
CA ARG A 389 20.91 -33.19 3.72
C ARG A 389 19.39 -33.12 3.67
N LYS A 390 18.85 -31.91 3.49
CA LYS A 390 17.45 -31.72 3.12
C LYS A 390 17.40 -31.18 1.70
N TRP A 391 18.25 -30.20 1.41
CA TRP A 391 18.31 -29.60 0.10
C TRP A 391 19.56 -30.07 -0.60
N LEU A 392 19.46 -31.26 -1.18
CA LEU A 392 20.58 -31.91 -1.89
C LEU A 392 21.27 -30.94 -2.85
N LEU A 393 20.50 -30.36 -3.77
CA LEU A 393 21.06 -29.45 -4.76
C LEU A 393 20.29 -28.12 -4.82
N HIS A 394 21.03 -27.04 -5.12
CA HIS A 394 20.45 -25.70 -5.22
C HIS A 394 21.34 -24.69 -5.97
N PRO A 395 21.76 -25.01 -7.21
CA PRO A 395 22.65 -24.13 -7.97
C PRO A 395 21.98 -22.78 -8.29
N GLY A 396 22.74 -21.69 -8.15
CA GLY A 396 22.21 -20.35 -8.34
C GLY A 396 21.37 -19.83 -7.20
N GLY A 397 21.33 -20.57 -6.08
CA GLY A 397 20.58 -20.16 -4.90
C GLY A 397 21.45 -19.67 -3.77
N THR A 398 20.98 -18.64 -3.07
CA THR A 398 21.64 -18.06 -1.90
C THR A 398 20.65 -17.92 -0.73
N LYS A 399 21.11 -18.28 0.47
CA LYS A 399 20.37 -18.00 1.70
C LYS A 399 20.54 -16.52 2.04
N PRO A 401 17.77 -12.69 3.09
CA PRO A 401 16.41 -12.14 3.07
C PRO A 401 16.17 -11.41 1.76
N VAL A 402 14.90 -11.28 1.37
CA VAL A 402 14.52 -10.57 0.14
C VAL A 402 13.02 -10.26 0.17
N CYS A 403 12.64 -9.09 -0.35
CA CYS A 403 11.24 -8.72 -0.53
C CYS A 403 10.50 -8.68 0.83
N GLY A 404 11.24 -8.43 1.90
CA GLY A 404 10.69 -8.43 3.25
C GLY A 404 10.23 -9.81 3.66
N SER A 405 11.02 -10.81 3.31
CA SER A 405 10.80 -12.17 3.75
C SER A 405 10.87 -12.23 5.26
N THR A 406 10.14 -13.14 5.88
CA THR A 406 10.31 -13.39 7.33
C THR A 406 11.60 -14.21 7.54
N GLY A 407 12.59 -13.52 8.09
CA GLY A 407 13.93 -14.06 8.20
C GLY A 407 14.47 -14.25 6.80
N ASP A 408 15.19 -15.35 6.60
CA ASP A 408 15.70 -15.68 5.27
C ASP A 408 14.81 -16.59 4.44
N ALA A 409 15.03 -16.48 3.13
CA ALA A 409 14.49 -17.35 2.11
C ALA A 409 15.67 -17.93 1.32
N LEU A 410 15.40 -18.96 0.52
CA LEU A 410 16.36 -19.40 -0.49
C LEU A 410 16.08 -18.58 -1.76
N VAL A 411 17.11 -17.91 -2.28
CA VAL A 411 16.90 -16.85 -3.24
C VAL A 411 17.71 -17.04 -4.54
N PHE A 412 17.00 -16.98 -5.66
CA PHE A 412 17.63 -17.09 -6.97
C PHE A 412 17.66 -15.71 -7.62
N ILE A 413 18.78 -15.01 -7.40
CA ILE A 413 18.89 -13.60 -7.75
C ILE A 413 20.21 -13.27 -8.46
N GLU A 414 21.29 -13.94 -8.05
CA GLU A 414 22.62 -13.73 -8.63
C GLU A 414 22.63 -14.09 -10.11
N LYS A 415 23.63 -13.58 -10.82
CA LYS A 415 23.89 -14.02 -12.19
C LYS A 415 24.43 -15.44 -12.16
N ALA A 416 23.67 -16.34 -12.78
CA ALA A 416 24.08 -17.73 -12.97
C ALA A 416 23.29 -18.26 -14.15
N SER A 417 23.81 -19.30 -14.80
CA SER A 417 23.16 -19.85 -16.00
C SER A 417 22.28 -21.07 -15.68
N THR A 418 22.22 -21.43 -14.40
CA THR A 418 21.39 -22.54 -13.94
C THR A 418 20.72 -22.21 -12.60
N ARG A 419 19.39 -22.35 -12.54
CA ARG A 419 18.64 -22.08 -11.33
C ARG A 419 17.66 -23.21 -11.02
N TYR A 420 18.00 -24.06 -10.07
CA TYR A 420 17.02 -25.03 -9.56
C TYR A 420 17.34 -25.49 -8.14
N VAL A 421 16.41 -26.20 -7.52
CA VAL A 421 16.60 -26.70 -6.17
C VAL A 421 15.84 -28.00 -5.93
N VAL A 422 16.60 -29.01 -5.50
CA VAL A 422 16.10 -30.36 -5.34
C VAL A 422 16.00 -30.73 -3.86
N THR A 423 14.81 -31.20 -3.45
CA THR A 423 14.65 -31.76 -2.13
C THR A 423 15.19 -33.18 -2.09
N THR A 424 15.50 -33.65 -0.88
CA THR A 424 15.77 -35.06 -0.64
C THR A 424 14.44 -35.83 -0.69
N ASP A 425 14.50 -37.15 -0.69
CA ASP A 425 13.31 -38.01 -0.85
C ASP A 425 12.46 -38.05 0.42
N ILE A 426 11.14 -38.07 0.27
CA ILE A 426 10.24 -38.24 1.41
C ILE A 426 9.06 -39.15 1.05
N ALA A 427 8.47 -39.80 2.04
CA ALA A 427 7.31 -40.67 1.80
C ALA A 427 6.03 -39.86 1.67
N VAL A 428 5.42 -39.94 0.49
CA VAL A 428 4.20 -39.22 0.19
C VAL A 428 3.02 -40.19 0.23
N ASN A 429 1.95 -39.81 0.93
CA ASN A 429 0.78 -40.66 1.03
C ASN A 429 -0.55 -39.92 0.81
N GLU A 430 -1.65 -40.54 1.22
CA GLU A 430 -3.00 -40.03 0.98
C GLU A 430 -3.26 -38.68 1.67
N ASP A 431 -2.52 -38.40 2.74
CA ASP A 431 -2.69 -37.18 3.54
C ASP A 431 -1.57 -36.14 3.37
N SER A 432 -0.54 -36.52 2.63
CA SER A 432 0.53 -35.61 2.25
C SER A 432 0.01 -34.40 1.47
N PHE A 433 0.54 -33.21 1.79
CA PHE A 433 0.26 -32.00 1.03
C PHE A 433 1.52 -31.14 0.94
N LEU A 434 1.53 -30.19 0.00
CA LEU A 434 2.67 -29.32 -0.19
C LEU A 434 2.26 -27.86 0.03
N GLN A 435 3.07 -27.14 0.82
CA GLN A 435 2.80 -25.75 1.17
C GLN A 435 4.10 -24.93 1.18
N ILE A 436 4.14 -23.86 0.39
CA ILE A 436 5.31 -22.97 0.38
C ILE A 436 4.93 -21.50 0.33
N ASP A 437 5.87 -20.65 0.72
CA ASP A 437 5.81 -19.24 0.41
C ASP A 437 6.68 -19.03 -0.82
N PHE A 438 6.12 -18.41 -1.84
CA PHE A 438 6.85 -18.16 -3.07
C PHE A 438 6.71 -16.69 -3.38
N ALA A 439 7.74 -16.14 -4.03
CA ALA A 439 7.75 -14.75 -4.46
C ALA A 439 8.69 -14.65 -5.63
N ALA A 440 8.35 -13.76 -6.57
CA ALA A 440 9.14 -13.54 -7.78
C ALA A 440 10.01 -12.29 -7.69
N SER A 441 9.69 -11.27 -8.49
CA SER A 441 10.59 -10.12 -8.66
C SER A 441 10.40 -8.97 -7.69
N CYS A 442 9.28 -8.95 -6.97
CA CYS A 442 8.98 -7.88 -6.02
C CYS A 442 9.00 -6.51 -6.74
N SER A 443 8.25 -6.45 -7.85
CA SER A 443 8.06 -5.23 -8.64
C SER A 443 9.29 -4.73 -9.44
N VAL A 444 10.46 -5.30 -9.16
CA VAL A 444 11.72 -4.96 -9.86
C VAL A 444 11.64 -5.06 -11.39
N THR A 445 10.95 -6.08 -11.90
CA THR A 445 10.66 -6.21 -13.35
C THR A 445 9.25 -6.75 -13.59
N ASP A 446 8.40 -5.97 -14.27
CA ASP A 446 7.06 -6.46 -14.64
C ASP A 446 7.09 -7.30 -15.94
N SER A 447 8.01 -8.25 -15.96
CA SER A 447 8.10 -9.26 -17.00
C SER A 447 7.11 -10.37 -16.66
N CYS A 448 6.85 -11.24 -17.63
CA CYS A 448 5.97 -12.39 -17.44
C CYS A 448 6.78 -13.68 -17.56
N TYR A 449 6.86 -14.43 -16.46
CA TYR A 449 7.57 -15.73 -16.42
C TYR A 449 7.01 -16.64 -15.33
N ALA A 450 7.38 -17.92 -15.39
CA ALA A 450 6.92 -18.89 -14.40
C ALA A 450 8.03 -19.83 -13.97
N ILE A 451 7.88 -20.41 -12.78
CA ILE A 451 8.84 -21.37 -12.29
C ILE A 451 8.21 -22.77 -12.31
N GLU A 452 8.92 -23.70 -12.91
CA GLU A 452 8.45 -25.08 -12.99
C GLU A 452 8.61 -25.80 -11.66
N LEU A 453 7.49 -26.23 -11.11
CA LEU A 453 7.49 -27.10 -9.93
C LEU A 453 7.30 -28.58 -10.36
N GLU A 454 8.29 -29.41 -10.05
CA GLU A 454 8.29 -30.82 -10.47
C GLU A 454 8.44 -31.83 -9.34
N TYR A 455 8.44 -33.12 -9.69
CA TYR A 455 8.61 -34.22 -8.73
C TYR A 455 9.23 -35.45 -9.39
N SER A 456 9.84 -36.31 -8.58
CA SER A 456 10.44 -37.55 -9.08
C SER A 456 10.26 -38.68 -8.07
N VAL A 457 10.04 -39.88 -8.58
CA VAL A 457 9.94 -41.07 -7.74
C VAL A 457 11.02 -42.08 -8.09
N ASP A 458 12.06 -41.62 -8.76
CA ASP A 458 13.14 -42.49 -9.23
C ASP A 458 14.48 -41.83 -8.96
N LEU A 459 14.58 -41.17 -7.80
CA LEU A 459 15.79 -40.48 -7.34
C LEU A 459 16.34 -39.47 -8.36
N GLY A 460 15.44 -38.76 -9.02
CA GLY A 460 15.79 -37.66 -9.91
C GLY A 460 16.36 -38.05 -11.26
N LEU A 461 16.18 -39.31 -11.65
CA LEU A 461 16.54 -39.78 -12.99
C LEU A 461 15.53 -39.30 -14.03
N SER A 462 14.34 -38.91 -13.56
CA SER A 462 13.27 -38.39 -14.41
C SER A 462 12.35 -37.47 -13.61
N TRP A 463 12.21 -36.24 -14.08
CA TRP A 463 11.38 -35.23 -13.42
C TRP A 463 10.04 -34.98 -14.14
N HIS A 464 8.94 -34.99 -13.38
CA HIS A 464 7.60 -34.84 -13.94
C HIS A 464 6.83 -33.65 -13.35
N PRO A 465 6.11 -32.88 -14.20
CA PRO A 465 5.45 -31.69 -13.68
C PRO A 465 4.45 -32.12 -12.63
N LEU A 466 4.30 -31.33 -11.58
CA LEU A 466 3.52 -31.75 -10.43
C LEU A 466 2.04 -31.66 -10.71
N VAL A 467 1.62 -30.52 -11.25
CA VAL A 467 0.24 -30.24 -11.61
C VAL A 467 0.20 -30.10 -13.14
N ARG A 468 -0.90 -30.53 -13.75
CA ARG A 468 -1.09 -30.43 -15.21
C ARG A 468 -2.34 -29.63 -15.57
N ASP A 469 -2.39 -29.11 -16.80
CA ASP A 469 -3.60 -28.42 -17.30
C ASP A 469 -4.86 -29.29 -17.25
N CYS A 470 -5.82 -28.90 -16.42
CA CYS A 470 -7.12 -29.53 -16.37
C CYS A 470 -8.13 -28.42 -16.64
N LEU A 471 -8.84 -28.53 -17.76
CA LEU A 471 -9.78 -27.49 -18.23
C LEU A 471 -11.15 -28.11 -18.46
N PRO A 472 -12.23 -27.29 -18.43
CA PRO A 472 -13.57 -27.91 -18.44
C PRO A 472 -13.93 -28.62 -19.76
N THR A 473 -13.21 -28.32 -20.85
CA THR A 473 -13.28 -29.10 -22.10
C THR A 473 -13.18 -30.60 -21.81
N ASN A 474 -12.17 -30.96 -21.04
CA ASN A 474 -12.01 -32.32 -20.55
C ASN A 474 -13.04 -32.63 -19.45
N VAL A 475 -13.89 -33.62 -19.70
CA VAL A 475 -15.03 -33.89 -18.79
C VAL A 475 -14.63 -34.67 -17.55
N GLU A 476 -13.46 -35.30 -17.60
CA GLU A 476 -12.95 -36.10 -16.50
C GLU A 476 -12.14 -35.27 -15.50
N CYS A 477 -12.16 -33.95 -15.67
CA CYS A 477 -11.60 -33.00 -14.72
C CYS A 477 -12.70 -32.52 -13.77
N SER A 478 -12.47 -32.63 -12.46
CA SER A 478 -13.40 -32.13 -11.43
C SER A 478 -12.94 -30.76 -10.89
N ARG A 479 -11.65 -30.64 -10.63
CA ARG A 479 -11.02 -29.36 -10.33
C ARG A 479 -10.38 -28.87 -11.61
N TYR A 480 -10.41 -27.56 -11.84
CA TYR A 480 -9.74 -26.94 -12.98
C TYR A 480 -8.56 -26.08 -12.56
N HIS A 481 -7.43 -26.23 -13.25
CA HIS A 481 -6.20 -25.47 -12.94
C HIS A 481 -5.10 -25.58 -13.99
N LEU A 482 -4.39 -24.48 -14.24
CA LEU A 482 -3.23 -24.51 -15.12
C LEU A 482 -2.04 -25.23 -14.47
N GLN A 483 -1.05 -25.60 -15.28
CA GLN A 483 0.18 -26.27 -14.84
C GLN A 483 1.15 -25.26 -14.26
N ARG A 484 1.29 -24.12 -14.94
CA ARG A 484 2.08 -23.00 -14.45
C ARG A 484 1.37 -22.34 -13.27
N ILE A 485 1.63 -22.86 -12.07
CA ILE A 485 1.11 -22.29 -10.84
C ILE A 485 1.89 -21.03 -10.44
N LEU A 486 3.21 -21.09 -10.56
CA LEU A 486 4.12 -20.07 -10.01
C LEU A 486 4.46 -18.95 -10.99
N VAL A 487 3.46 -18.14 -11.32
CA VAL A 487 3.62 -17.05 -12.30
C VAL A 487 4.04 -15.76 -11.62
N SER A 488 4.78 -14.93 -12.34
CA SER A 488 5.45 -13.77 -11.76
C SER A 488 4.54 -12.59 -11.49
N ASP A 489 3.41 -12.47 -12.20
CA ASP A 489 2.53 -11.33 -11.93
C ASP A 489 1.68 -11.53 -10.68
N THR A 490 1.14 -12.72 -10.48
CA THR A 490 0.27 -12.99 -9.34
C THR A 490 1.06 -13.20 -8.05
N PHE A 491 2.26 -13.76 -8.18
CA PHE A 491 3.13 -13.98 -7.04
C PHE A 491 4.27 -12.98 -7.08
N ASN A 492 3.92 -11.74 -7.41
CA ASN A 492 4.88 -10.64 -7.44
C ASN A 492 5.58 -10.51 -6.09
N LYS A 493 4.77 -10.36 -5.03
CA LYS A 493 5.26 -10.35 -3.65
C LYS A 493 4.87 -11.68 -2.97
N TRP A 494 5.52 -11.98 -1.85
CA TRP A 494 5.30 -13.24 -1.13
C TRP A 494 3.85 -13.67 -1.05
N THR A 495 3.55 -14.85 -1.58
CA THR A 495 2.24 -15.50 -1.41
C THR A 495 2.37 -16.97 -1.03
N ARG A 496 1.30 -17.52 -0.42
CA ARG A 496 1.26 -18.93 -0.03
C ARG A 496 0.54 -19.78 -1.07
N ILE A 497 1.14 -20.91 -1.44
CA ILE A 497 0.50 -21.94 -2.26
C ILE A 497 0.32 -23.21 -1.43
N THR A 498 -0.88 -23.79 -1.46
CA THR A 498 -1.14 -25.06 -0.80
C THR A 498 -1.78 -26.04 -1.79
N LEU A 499 -1.05 -27.10 -2.12
CA LEU A 499 -1.57 -28.17 -2.97
C LEU A 499 -1.73 -29.45 -2.17
N PRO A 500 -2.92 -30.08 -2.22
CA PRO A 500 -2.94 -31.50 -1.83
C PRO A 500 -2.07 -32.25 -2.81
N LEU A 501 -1.33 -33.24 -2.36
CA LEU A 501 -0.45 -33.97 -3.27
C LEU A 501 -1.21 -35.04 -4.04
N PRO A 502 -1.24 -34.92 -5.38
CA PRO A 502 -1.92 -35.85 -6.28
C PRO A 502 -1.37 -37.27 -6.17
N SER A 503 -2.21 -38.26 -6.44
CA SER A 503 -1.87 -39.67 -6.17
C SER A 503 -0.65 -40.21 -6.94
N TYR A 504 -0.32 -39.60 -8.06
CA TYR A 504 0.85 -40.03 -8.83
C TYR A 504 2.20 -39.68 -8.19
N THR A 505 2.16 -38.96 -7.07
CA THR A 505 3.36 -38.57 -6.31
C THR A 505 3.59 -39.50 -5.10
N ARG A 506 2.58 -40.28 -4.76
CA ARG A 506 2.64 -41.21 -3.62
C ARG A 506 3.71 -42.28 -3.82
N SER A 507 4.53 -42.50 -2.79
CA SER A 507 5.60 -43.48 -2.82
C SER A 507 6.29 -43.53 -1.46
N GLN A 508 7.32 -44.36 -1.36
CA GLN A 508 8.19 -44.30 -0.19
C GLN A 508 9.21 -43.18 -0.31
N ALA A 509 9.64 -42.89 -1.53
CA ALA A 509 10.68 -41.90 -1.76
C ALA A 509 10.44 -40.95 -2.97
N THR A 510 9.57 -39.95 -2.76
CA THR A 510 9.36 -38.88 -3.74
C THR A 510 10.22 -37.67 -3.40
N ARG A 511 10.95 -37.15 -4.38
CA ARG A 511 11.64 -35.86 -4.26
C ARG A 511 11.06 -34.80 -5.19
N PHE A 512 11.30 -33.53 -4.86
CA PHE A 512 10.62 -32.39 -5.51
C PHE A 512 11.62 -31.37 -6.04
N ARG A 513 11.24 -30.64 -7.07
CA ARG A 513 12.13 -29.65 -7.67
C ARG A 513 11.43 -28.35 -8.05
N TRP A 514 12.12 -27.23 -7.82
CA TRP A 514 11.73 -25.94 -8.37
C TRP A 514 12.81 -25.62 -9.38
N HIS A 515 12.40 -25.48 -10.64
CA HIS A 515 13.31 -25.37 -11.78
C HIS A 515 12.97 -24.12 -12.56
N GLN A 516 13.97 -23.32 -12.90
CA GLN A 516 13.76 -22.22 -13.84
C GLN A 516 14.47 -22.57 -15.15
N PRO A 517 13.68 -22.99 -16.15
CA PRO A 517 14.20 -23.47 -17.41
C PRO A 517 14.91 -22.38 -18.20
N ALA A 518 16.01 -22.76 -18.85
CA ALA A 518 16.73 -21.91 -19.79
C ALA A 518 15.89 -21.72 -21.07
N PRO A 519 15.92 -20.52 -21.67
CA PRO A 519 16.66 -19.36 -21.17
C PRO A 519 15.85 -18.56 -20.14
N PHE A 520 16.55 -17.71 -19.38
CA PHE A 520 15.93 -16.69 -18.54
C PHE A 520 16.87 -15.49 -18.45
N ASP A 521 16.32 -14.34 -18.09
CA ASP A 521 17.13 -13.18 -17.73
C ASP A 521 17.56 -13.29 -16.28
N LYS A 522 18.71 -12.73 -15.95
CA LYS A 522 19.16 -12.64 -14.56
C LYS A 522 18.08 -11.93 -13.73
N GLN A 523 17.47 -10.91 -14.34
CA GLN A 523 16.44 -10.07 -13.71
C GLN A 523 15.15 -10.79 -13.33
N GLN A 524 14.90 -11.96 -13.90
CA GLN A 524 13.71 -12.73 -13.58
C GLN A 524 13.98 -13.60 -12.35
N THR A 525 13.90 -12.96 -11.19
CA THR A 525 14.33 -13.57 -9.94
C THR A 525 13.19 -14.29 -9.24
N TRP A 526 13.54 -15.16 -8.29
CA TRP A 526 12.55 -15.82 -7.45
C TRP A 526 13.11 -16.28 -6.11
N ALA A 527 12.20 -16.57 -5.18
CA ALA A 527 12.55 -17.00 -3.84
C ALA A 527 11.47 -17.87 -3.21
N ILE A 528 11.90 -18.81 -2.38
CA ILE A 528 10.99 -19.62 -1.58
C ILE A 528 11.36 -19.59 -0.09
N ASP A 529 10.35 -19.59 0.78
CA ASP A 529 10.53 -19.58 2.24
C ASP A 529 9.39 -20.42 2.85
N ASN A 530 9.60 -20.90 4.07
CA ASN A 530 8.56 -21.58 4.86
C ASN A 530 7.89 -22.77 4.17
N VAL A 531 8.75 -23.61 3.60
CA VAL A 531 8.40 -24.89 2.98
C VAL A 531 7.91 -25.94 3.99
N TYR A 532 6.72 -26.47 3.77
CA TYR A 532 6.23 -27.68 4.48
C TYR A 532 5.69 -28.67 3.44
N ILE A 533 6.33 -29.83 3.35
CA ILE A 533 5.80 -30.94 2.55
C ILE A 533 5.61 -32.11 3.50
N GLY A 534 4.38 -32.34 3.98
CA GLY A 534 4.14 -33.46 4.88
C GLY A 534 2.69 -33.85 5.05
N ASP A 535 2.45 -34.80 5.96
CA ASP A 535 1.10 -35.33 6.23
C ASP A 535 0.52 -34.85 7.56
N GLY A 536 1.21 -33.92 8.22
CA GLY A 536 0.86 -33.48 9.58
C GLY A 536 -0.33 -32.56 9.64
N CYS A 537 -0.62 -32.05 10.83
CA CYS A 537 -1.75 -31.15 11.04
C CYS A 537 -3.04 -31.88 10.61
N LEU A 538 -4.07 -31.12 10.25
CA LEU A 538 -5.33 -31.69 9.78
C LEU A 538 -6.01 -30.66 8.90
N ASP A 539 -6.82 -31.11 7.94
CA ASP A 539 -7.56 -30.22 7.03
C ASP A 539 -6.69 -29.23 6.25
N CYS A 541 -4.75 -27.10 7.70
CA CYS A 541 -5.00 -25.88 8.47
C CYS A 541 -6.18 -25.03 7.98
N SER A 542 -7.18 -25.68 7.38
CA SER A 542 -8.41 -25.03 6.91
C SER A 542 -8.18 -23.99 5.80
N GLY A 543 -6.94 -23.89 5.33
CA GLY A 543 -6.56 -22.86 4.36
C GLY A 543 -6.14 -21.54 4.98
N HIS A 544 -6.45 -21.37 6.27
CA HIS A 544 -6.07 -20.17 7.01
C HIS A 544 -4.96 -20.44 8.03
N GLY A 545 -3.86 -21.03 7.58
CA GLY A 545 -2.75 -21.35 8.49
C GLY A 545 -1.52 -21.96 7.81
N ARG A 546 -0.49 -22.22 8.62
CA ARG A 546 0.70 -22.91 8.17
C ARG A 546 1.01 -24.05 9.15
N CYS A 547 1.33 -25.23 8.63
CA CYS A 547 1.75 -26.30 9.49
C CYS A 547 3.20 -26.08 9.89
N VAL A 548 3.41 -25.89 11.20
CA VAL A 548 4.75 -25.78 11.77
C VAL A 548 4.90 -26.82 12.88
N GLN A 549 5.81 -27.76 12.67
CA GLN A 549 6.03 -28.89 13.59
C GLN A 549 4.71 -29.50 14.04
N GLY A 550 3.89 -29.93 13.08
CA GLY A 550 2.63 -30.64 13.37
C GLY A 550 1.55 -29.87 14.11
N SER A 551 1.68 -28.54 14.17
CA SER A 551 0.65 -27.67 14.76
C SER A 551 0.40 -26.46 13.87
N CYS A 552 -0.88 -26.13 13.67
CA CYS A 552 -1.23 -25.02 12.80
C CYS A 552 -0.89 -23.68 13.45
N VAL A 553 -0.21 -22.83 12.70
CA VAL A 553 0.07 -21.45 13.12
C VAL A 553 -0.89 -20.53 12.35
N CYS A 554 -1.99 -20.17 12.98
CA CYS A 554 -3.05 -19.45 12.32
C CYS A 554 -2.67 -18.11 11.70
N ASP A 555 -3.41 -17.71 10.66
CA ASP A 555 -3.23 -16.41 10.01
C ASP A 555 -3.81 -15.32 10.90
N GLU A 556 -3.42 -14.08 10.65
CA GLU A 556 -4.03 -12.93 11.30
C GLU A 556 -5.56 -13.07 11.24
N GLN A 557 -6.22 -12.81 12.35
CA GLN A 557 -7.70 -12.82 12.43
C GLN A 557 -8.35 -14.22 12.38
N TRP A 558 -7.51 -15.26 12.52
CA TRP A 558 -7.99 -16.64 12.47
C TRP A 558 -7.51 -17.48 13.64
N GLY A 559 -8.45 -18.14 14.32
CA GLY A 559 -8.13 -18.95 15.48
C GLY A 559 -8.66 -20.37 15.38
N GLY A 560 -8.75 -21.05 16.51
CA GLY A 560 -9.15 -22.44 16.54
C GLY A 560 -7.92 -23.34 16.45
N LEU A 561 -8.08 -24.59 16.87
CA LEU A 561 -6.99 -25.55 16.88
C LEU A 561 -6.51 -25.79 15.45
N TYR A 562 -7.46 -25.86 14.52
CA TYR A 562 -7.17 -26.08 13.10
C TYR A 562 -7.51 -24.88 12.23
N CYS A 563 -7.45 -23.70 12.86
CA CYS A 563 -7.48 -22.40 12.16
C CYS A 563 -8.77 -22.10 11.43
N ASP A 564 -9.88 -22.48 12.04
CA ASP A 564 -11.19 -22.36 11.40
C ASP A 564 -12.18 -21.51 12.21
N GLU A 565 -11.79 -21.10 13.42
CA GLU A 565 -12.59 -20.17 14.20
C GLU A 565 -12.19 -18.74 13.82
N PRO A 566 -13.12 -17.99 13.18
CA PRO A 566 -12.77 -16.64 12.78
C PRO A 566 -12.89 -15.66 13.96
N GLU A 567 -11.93 -14.74 14.08
CA GLU A 567 -11.87 -13.86 15.24
C GLU A 567 -12.67 -12.55 15.08
N THR A 568 -12.62 -11.97 13.89
CA THR A 568 -13.40 -10.75 13.59
C THR A 568 -14.59 -11.10 12.70
N SER A 569 -15.49 -10.12 12.48
CA SER A 569 -16.60 -10.31 11.54
C SER A 569 -16.16 -10.09 10.09
N LEU A 570 -16.52 -11.01 9.20
CA LEU A 570 -16.25 -10.88 7.77
C LEU A 570 -17.43 -10.20 7.06
N PRO A 571 -17.16 -9.45 5.98
CA PRO A 571 -18.25 -8.71 5.31
C PRO A 571 -19.32 -9.66 4.79
N THR A 572 -20.57 -9.21 4.77
CA THR A 572 -21.68 -10.07 4.38
C THR A 572 -22.23 -9.70 2.99
N GLN A 573 -21.55 -8.76 2.34
CA GLN A 573 -22.02 -8.18 1.12
C GLN A 573 -20.77 -7.67 0.42
N LEU A 574 -20.75 -7.77 -0.91
CA LEU A 574 -19.67 -7.16 -1.70
C LEU A 574 -20.28 -6.32 -2.79
N LYS A 575 -19.64 -5.20 -3.11
CA LYS A 575 -20.14 -4.32 -4.16
C LYS A 575 -19.04 -3.44 -4.73
N ASP A 576 -18.93 -3.42 -6.06
CA ASP A 576 -17.97 -2.57 -6.76
C ASP A 576 -18.56 -2.16 -8.11
N ASN A 577 -18.48 -0.87 -8.42
CA ASN A 577 -18.96 -0.36 -9.69
C ASN A 577 -17.79 0.14 -10.53
N PHE A 578 -16.60 -0.09 -9.97
CA PHE A 578 -15.29 0.19 -10.58
C PHE A 578 -15.06 1.67 -10.96
N ASN A 579 -15.43 2.54 -10.02
CA ASN A 579 -15.23 3.97 -10.13
C ASN A 579 -13.87 4.45 -9.64
N ARG A 580 -13.31 3.74 -8.67
CA ARG A 580 -11.95 3.96 -8.19
C ARG A 580 -11.18 2.67 -8.42
N ALA A 581 -9.85 2.72 -8.42
CA ALA A 581 -9.01 1.53 -8.57
C ALA A 581 -9.38 0.48 -7.54
N PRO A 582 -9.25 -0.82 -7.90
CA PRO A 582 -9.69 -1.88 -6.97
C PRO A 582 -9.07 -1.75 -5.57
N SER A 583 -9.92 -1.77 -4.55
CA SER A 583 -9.49 -1.75 -3.15
C SER A 583 -9.22 -3.15 -2.64
N ASN A 584 -8.28 -3.27 -1.71
CA ASN A 584 -8.04 -4.56 -1.07
C ASN A 584 -9.01 -4.83 0.08
N GLN A 585 -9.86 -3.84 0.35
CA GLN A 585 -11.04 -4.03 1.17
C GLN A 585 -11.99 -5.01 0.49
N ASN A 586 -12.09 -4.91 -0.84
CA ASN A 586 -12.90 -5.81 -1.66
C ASN A 586 -12.14 -6.99 -2.29
N TRP A 587 -10.95 -6.73 -2.83
CA TRP A 587 -10.28 -7.68 -3.71
C TRP A 587 -8.89 -8.19 -3.27
N LEU A 588 -8.80 -9.48 -2.93
CA LEU A 588 -7.50 -10.10 -2.67
C LEU A 588 -6.50 -9.96 -3.81
N THR A 589 -6.96 -10.13 -5.05
CA THR A 589 -6.05 -10.15 -6.21
C THR A 589 -6.74 -9.61 -7.45
N VAL A 590 -6.02 -8.75 -8.18
CA VAL A 590 -6.49 -8.22 -9.44
C VAL A 590 -5.29 -8.18 -10.37
N SER A 591 -5.25 -9.16 -11.26
CA SER A 591 -4.12 -9.35 -12.15
C SER A 591 -4.56 -9.26 -13.60
N GLY A 592 -3.81 -8.49 -14.39
CA GLY A 592 -4.08 -8.37 -15.83
C GLY A 592 -5.20 -7.42 -16.22
N GLY A 593 -5.97 -6.96 -15.23
CA GLY A 593 -7.09 -6.04 -15.48
C GLY A 593 -6.91 -4.64 -14.90
N LYS A 594 -7.50 -3.66 -15.56
CA LYS A 594 -7.43 -2.25 -15.13
C LYS A 594 -8.72 -1.54 -15.52
N LEU A 595 -8.96 -0.36 -14.95
CA LEU A 595 -10.14 0.45 -15.29
C LEU A 595 -10.01 1.04 -16.67
N SER A 596 -11.09 1.00 -17.45
CA SER A 596 -11.14 1.67 -18.74
C SER A 596 -12.57 1.81 -19.26
N THR A 597 -12.73 2.72 -20.21
CA THR A 597 -14.00 2.93 -20.88
C THR A 597 -13.99 2.37 -22.29
N VAL A 598 -12.81 1.89 -22.72
CA VAL A 598 -12.63 1.21 -24.00
C VAL A 598 -13.79 0.26 -24.31
N CYS A 599 -14.27 -0.44 -23.29
CA CYS A 599 -15.31 -1.45 -23.48
C CYS A 599 -16.70 -0.88 -23.71
N GLY A 600 -16.78 0.38 -24.11
CA GLY A 600 -18.06 1.10 -24.15
C GLY A 600 -18.61 1.19 -22.74
N ALA A 601 -19.90 0.87 -22.60
CA ALA A 601 -20.54 0.90 -21.30
C ALA A 601 -21.12 -0.47 -20.95
N VAL A 602 -20.33 -1.30 -20.27
CA VAL A 602 -20.76 -2.61 -19.78
C VAL A 602 -22.02 -2.53 -18.92
N ALA A 603 -21.92 -1.85 -17.79
CA ALA A 603 -23.09 -1.47 -17.00
C ALA A 603 -23.22 0.04 -17.05
N SER A 604 -22.23 0.74 -16.51
CA SER A 604 -22.32 2.18 -16.28
C SER A 604 -20.93 2.79 -16.08
N GLY A 605 -20.62 3.78 -16.92
CA GLY A 605 -19.32 4.45 -16.87
C GLY A 605 -18.17 3.46 -16.97
N LEU A 606 -17.22 3.57 -16.04
CA LEU A 606 -16.01 2.73 -16.01
C LEU A 606 -16.28 1.29 -15.63
N ALA A 607 -15.48 0.39 -16.22
CA ALA A 607 -15.50 -1.05 -15.92
C ALA A 607 -14.08 -1.59 -15.78
N LEU A 608 -13.96 -2.78 -15.18
CA LEU A 608 -12.67 -3.41 -14.97
C LEU A 608 -12.38 -4.35 -16.13
N HIS A 609 -11.31 -4.05 -16.87
CA HIS A 609 -11.08 -4.62 -18.18
C HIS A 609 -9.80 -5.45 -18.28
N PHE A 610 -9.98 -6.75 -18.52
CA PHE A 610 -8.89 -7.72 -18.51
C PHE A 610 -8.28 -7.96 -19.89
N SER A 611 -7.19 -7.26 -20.16
CA SER A 611 -6.58 -7.19 -21.48
C SER A 611 -5.07 -7.37 -21.37
N GLY A 612 -4.65 -8.22 -20.44
CA GLY A 612 -3.24 -8.26 -20.07
C GLY A 612 -2.44 -9.33 -20.77
N GLY A 613 -1.13 -9.11 -20.85
CA GLY A 613 -0.24 -10.05 -21.51
C GLY A 613 0.04 -11.35 -20.77
N CYS A 614 -0.37 -11.43 -19.51
CA CYS A 614 0.13 -12.50 -18.61
C CYS A 614 -0.95 -13.34 -17.91
N SER A 615 -1.38 -12.95 -16.71
CA SER A 615 -2.47 -13.64 -16.02
C SER A 615 -3.67 -12.74 -16.00
N ARG A 616 -4.86 -13.32 -16.13
CA ARG A 616 -6.09 -12.56 -15.98
C ARG A 616 -6.91 -13.18 -14.86
N LEU A 617 -6.78 -12.56 -13.69
CA LEU A 617 -7.29 -13.13 -12.44
C LEU A 617 -7.97 -12.07 -11.60
N LEU A 618 -9.13 -12.42 -11.05
CA LEU A 618 -9.88 -11.54 -10.17
C LEU A 618 -10.43 -12.33 -8.99
N VAL A 619 -9.85 -12.13 -7.81
CA VAL A 619 -10.23 -12.88 -6.60
C VAL A 619 -10.76 -11.94 -5.53
N THR A 620 -11.81 -12.36 -4.83
CA THR A 620 -12.38 -11.56 -3.76
C THR A 620 -11.77 -11.92 -2.39
N VAL A 621 -11.92 -11.01 -1.43
CA VAL A 621 -11.69 -11.31 -0.01
C VAL A 621 -12.67 -12.40 0.46
N ASP A 622 -12.36 -13.04 1.58
CA ASP A 622 -13.30 -13.98 2.22
C ASP A 622 -14.54 -13.24 2.73
N LEU A 623 -15.71 -13.80 2.47
CA LEU A 623 -17.00 -13.19 2.82
C LEU A 623 -17.82 -14.14 3.69
N ASN A 624 -18.64 -13.57 4.57
CA ASN A 624 -19.63 -14.32 5.33
C ASN A 624 -20.90 -14.38 4.51
N LEU A 625 -21.17 -15.53 3.90
CA LEU A 625 -22.24 -15.65 2.93
C LEU A 625 -23.42 -16.46 3.44
N THR A 626 -23.42 -16.74 4.75
CA THR A 626 -24.43 -17.58 5.39
C THR A 626 -25.89 -17.15 5.17
N ASN A 627 -26.11 -15.86 4.94
CA ASN A 627 -27.45 -15.33 4.73
C ASN A 627 -27.57 -14.46 3.48
N ALA A 628 -26.59 -14.56 2.60
CA ALA A 628 -26.62 -13.88 1.30
C ALA A 628 -27.42 -14.74 0.34
N GLU A 629 -27.96 -14.13 -0.70
CA GLU A 629 -28.85 -14.83 -1.61
C GLU A 629 -28.27 -15.05 -3.01
N PHE A 630 -27.60 -14.04 -3.55
CA PHE A 630 -27.14 -14.08 -4.95
C PHE A 630 -25.76 -13.47 -5.21
N ILE A 631 -25.14 -13.89 -6.31
CA ILE A 631 -24.00 -13.16 -6.88
C ILE A 631 -24.41 -12.65 -8.26
N GLN A 632 -24.21 -11.35 -8.50
CA GLN A 632 -24.55 -10.78 -9.80
C GLN A 632 -23.51 -9.80 -10.34
N PHE A 633 -23.40 -9.73 -11.66
CA PHE A 633 -22.45 -8.84 -12.34
C PHE A 633 -22.81 -8.64 -13.80
N TYR A 634 -22.15 -7.70 -14.45
CA TYR A 634 -22.25 -7.53 -15.91
C TYR A 634 -20.96 -8.04 -16.54
N PHE A 635 -21.08 -8.60 -17.75
CA PHE A 635 -19.93 -9.21 -18.42
C PHE A 635 -19.96 -8.89 -19.89
N TYR A 637 -17.41 -9.72 -23.59
CA TYR A 637 -16.23 -10.20 -24.30
C TYR A 637 -15.86 -9.31 -25.48
N GLY A 638 -14.58 -9.38 -25.87
CA GLY A 638 -14.10 -8.81 -27.12
C GLY A 638 -14.43 -7.36 -27.36
N CYS A 639 -13.80 -6.49 -26.59
CA CYS A 639 -13.90 -5.06 -26.85
C CYS A 639 -12.81 -4.67 -27.83
N LEU A 640 -11.86 -5.59 -28.00
CA LEU A 640 -10.75 -5.44 -28.94
C LEU A 640 -10.67 -6.66 -29.87
N ILE A 641 -10.62 -7.85 -29.28
CA ILE A 641 -10.58 -9.11 -30.03
C ILE A 641 -11.47 -10.12 -29.30
N THR A 642 -12.21 -10.92 -30.05
CA THR A 642 -13.13 -11.92 -29.49
C THR A 642 -12.38 -13.20 -29.15
N PRO A 643 -12.72 -13.85 -28.03
CA PRO A 643 -12.15 -15.18 -27.78
C PRO A 643 -12.58 -16.19 -28.84
N SER A 644 -11.66 -17.07 -29.22
CA SER A 644 -11.89 -18.03 -30.31
C SER A 644 -12.09 -19.47 -29.85
N ASN A 645 -11.48 -19.86 -28.73
CA ASN A 645 -11.66 -21.21 -28.17
C ASN A 645 -12.66 -21.24 -27.03
N ARG A 646 -13.17 -22.43 -26.74
CA ARG A 646 -13.94 -22.67 -25.53
C ARG A 646 -13.04 -22.48 -24.30
N ASN A 647 -11.75 -22.70 -24.51
CA ASN A 647 -10.77 -22.64 -23.44
C ASN A 647 -10.29 -21.20 -23.18
N GLN A 648 -10.90 -20.25 -23.88
CA GLN A 648 -10.66 -18.83 -23.64
C GLN A 648 -11.82 -18.25 -22.82
N GLY A 649 -12.77 -19.12 -22.47
CA GLY A 649 -13.92 -18.71 -21.68
C GLY A 649 -13.53 -18.54 -20.22
N VAL A 650 -13.99 -17.43 -19.64
CA VAL A 650 -13.75 -17.12 -18.23
C VAL A 650 -14.50 -18.11 -17.33
N LEU A 651 -13.91 -18.48 -16.20
CA LEU A 651 -14.57 -19.38 -15.25
C LEU A 651 -14.86 -18.67 -13.93
N LEU A 652 -16.04 -18.91 -13.37
CA LEU A 652 -16.37 -18.34 -12.08
C LEU A 652 -16.46 -19.43 -11.02
N GLU A 653 -15.44 -19.48 -10.17
CA GLU A 653 -15.36 -20.50 -9.12
C GLU A 653 -15.53 -19.86 -7.74
N TYR A 654 -15.69 -20.72 -6.72
CA TYR A 654 -15.68 -20.28 -5.33
C TYR A 654 -14.91 -21.26 -4.48
N SER A 655 -14.12 -20.74 -3.55
CA SER A 655 -13.47 -21.56 -2.55
C SER A 655 -14.03 -21.29 -1.16
N VAL A 656 -14.05 -22.34 -0.34
CA VAL A 656 -14.51 -22.24 1.04
C VAL A 656 -13.42 -22.68 2.02
N ASN A 657 -12.26 -23.07 1.48
CA ASN A 657 -11.08 -23.40 2.28
C ASN A 657 -9.93 -22.41 2.06
N GLY A 658 -10.29 -21.14 1.93
CA GLY A 658 -9.32 -20.07 1.71
C GLY A 658 -8.41 -20.30 0.53
N GLY A 659 -8.99 -20.74 -0.60
CA GLY A 659 -8.29 -20.83 -1.88
C GLY A 659 -7.53 -22.10 -2.19
N ILE A 660 -7.68 -23.14 -1.36
CA ILE A 660 -6.97 -24.41 -1.61
C ILE A 660 -7.63 -25.20 -2.73
N THR A 661 -8.92 -25.49 -2.58
CA THR A 661 -9.71 -26.09 -3.67
C THR A 661 -10.93 -25.24 -4.02
N TRP A 662 -11.09 -25.01 -5.32
CA TRP A 662 -12.19 -24.21 -5.87
C TRP A 662 -13.31 -25.08 -6.45
N ASN A 663 -14.52 -24.53 -6.50
CA ASN A 663 -15.67 -25.20 -7.10
C ASN A 663 -16.26 -24.31 -8.18
N LEU A 664 -16.45 -24.87 -9.38
CA LEU A 664 -17.05 -24.13 -10.50
C LEU A 664 -18.50 -23.76 -10.23
N LEU A 665 -18.86 -22.55 -10.64
CA LEU A 665 -20.20 -22.05 -10.46
C LEU A 665 -20.81 -21.62 -11.80
N GLU A 667 -19.42 -21.55 -16.22
CA GLU A 667 -18.58 -21.25 -17.38
C GLU A 667 -19.30 -20.17 -18.16
N ILE A 668 -18.65 -19.01 -18.26
CA ILE A 668 -19.12 -17.90 -19.10
C ILE A 668 -18.62 -18.18 -20.51
N PHE A 669 -19.48 -18.82 -21.32
CA PHE A 669 -19.08 -19.32 -22.64
C PHE A 669 -18.60 -18.20 -23.57
N TYR A 670 -17.49 -18.45 -24.25
CA TYR A 670 -16.83 -17.46 -25.09
C TYR A 670 -17.72 -16.87 -26.19
N ASP A 671 -18.69 -17.65 -26.67
CA ASP A 671 -19.55 -17.22 -27.78
C ASP A 671 -20.76 -16.34 -27.41
N GLN A 672 -21.20 -16.35 -26.14
CA GLN A 672 -22.19 -15.36 -25.70
C GLN A 672 -21.53 -14.03 -25.35
N TYR A 673 -22.31 -13.14 -24.72
CA TYR A 673 -21.82 -11.86 -24.20
C TYR A 673 -20.98 -11.05 -25.19
N SER A 674 -21.37 -11.12 -26.45
CA SER A 674 -20.83 -10.25 -27.48
C SER A 674 -21.26 -8.82 -27.16
N LYS A 675 -22.54 -8.69 -26.78
CA LYS A 675 -23.09 -7.50 -26.16
C LYS A 675 -23.13 -7.69 -24.63
N PRO A 676 -22.93 -6.60 -23.85
CA PRO A 676 -22.91 -6.70 -22.39
C PRO A 676 -24.17 -7.31 -21.81
N GLY A 677 -24.01 -8.36 -21.01
CA GLY A 677 -25.13 -9.09 -20.44
C GLY A 677 -25.14 -9.13 -18.91
N PHE A 678 -26.29 -9.43 -18.35
CA PHE A 678 -26.47 -9.34 -16.92
C PHE A 678 -26.56 -10.73 -16.29
N VAL A 679 -25.49 -11.13 -15.61
CA VAL A 679 -25.44 -12.41 -14.92
C VAL A 679 -26.03 -12.23 -13.52
N ASN A 680 -26.82 -13.20 -13.07
CA ASN A 680 -27.52 -13.12 -11.79
C ASN A 680 -27.89 -14.52 -11.30
N ILE A 681 -27.12 -15.04 -10.36
CA ILE A 681 -27.18 -16.45 -9.96
C ILE A 681 -27.57 -16.63 -8.50
N LEU A 682 -28.44 -17.61 -8.21
CA LEU A 682 -28.66 -18.03 -6.82
C LEU A 682 -27.42 -18.75 -6.27
N LEU A 683 -27.06 -18.43 -5.03
CA LEU A 683 -25.92 -19.08 -4.40
C LEU A 683 -26.31 -20.47 -3.96
N PRO A 684 -25.57 -21.49 -4.43
CA PRO A 684 -25.79 -22.88 -4.00
C PRO A 684 -25.61 -23.01 -2.49
N PRO A 685 -26.56 -23.67 -1.80
CA PRO A 685 -26.41 -23.90 -0.37
C PRO A 685 -24.95 -24.15 0.05
N ASP A 686 -24.19 -24.78 -0.84
CA ASP A 686 -22.81 -25.19 -0.58
C ASP A 686 -21.79 -24.04 -0.52
N ALA A 687 -22.20 -22.85 -0.92
CA ALA A 687 -21.30 -21.69 -0.97
C ALA A 687 -21.64 -20.65 0.10
N LYS A 688 -22.76 -20.86 0.79
CA LYS A 688 -23.21 -19.96 1.84
C LYS A 688 -22.57 -20.33 3.17
N GLU A 689 -21.24 -20.37 3.20
CA GLU A 689 -20.52 -20.67 4.44
C GLU A 689 -19.87 -19.40 4.99
N ILE A 690 -19.34 -19.48 6.23
CA ILE A 690 -18.85 -18.29 6.94
C ILE A 690 -17.60 -17.63 6.35
N ALA A 691 -16.80 -18.39 5.59
CA ALA A 691 -15.63 -17.82 4.92
C ALA A 691 -15.51 -18.30 3.48
N THR A 692 -16.05 -17.52 2.55
CA THR A 692 -16.08 -17.91 1.14
C THR A 692 -15.55 -16.80 0.25
N ARG A 693 -14.65 -17.16 -0.66
CA ARG A 693 -14.18 -16.22 -1.68
C ARG A 693 -14.54 -16.67 -3.10
N PHE A 694 -14.50 -15.74 -4.05
CA PHE A 694 -14.82 -16.01 -5.44
C PHE A 694 -13.68 -15.60 -6.35
N ARG A 695 -13.45 -16.38 -7.40
CA ARG A 695 -12.57 -15.93 -8.48
C ARG A 695 -13.20 -15.95 -9.87
N TRP A 696 -12.81 -14.97 -10.67
CA TRP A 696 -13.03 -14.96 -12.11
C TRP A 696 -11.65 -15.12 -12.73
N TRP A 697 -11.46 -16.13 -13.58
CA TRP A 697 -10.19 -16.25 -14.30
C TRP A 697 -10.29 -16.82 -15.71
N GLN A 698 -9.37 -16.37 -16.55
CA GLN A 698 -9.31 -16.80 -17.93
C GLN A 698 -8.11 -17.72 -18.11
N PRO A 699 -8.37 -19.04 -18.27
CA PRO A 699 -7.32 -20.05 -18.39
C PRO A 699 -6.33 -19.80 -19.53
N ARG A 700 -6.82 -19.42 -20.71
CA ARG A 700 -5.97 -19.26 -21.90
C ARG A 700 -6.34 -18.04 -22.74
N HIS A 701 -5.32 -17.36 -23.28
CA HIS A 701 -5.51 -16.25 -24.22
C HIS A 701 -4.28 -16.02 -25.07
N ASP A 702 -4.44 -15.34 -26.21
CA ASP A 702 -3.35 -15.17 -27.18
C ASP A 702 -2.50 -13.92 -26.94
N GLY A 703 -2.29 -13.57 -25.68
CA GLY A 703 -1.40 -12.47 -25.32
C GLY A 703 -2.03 -11.10 -25.18
N LEU A 704 -1.18 -10.09 -25.05
CA LEU A 704 -1.59 -8.71 -24.79
C LEU A 704 -2.68 -8.22 -25.74
N ASP A 705 -3.68 -7.55 -25.17
CA ASP A 705 -4.72 -6.82 -25.93
C ASP A 705 -5.70 -7.70 -26.70
N GLN A 706 -5.70 -9.00 -26.39
CA GLN A 706 -6.41 -9.97 -27.22
C GLN A 706 -7.26 -10.91 -26.41
N ASN A 707 -8.41 -11.28 -26.97
CA ASN A 707 -9.34 -12.20 -26.32
C ASN A 707 -9.74 -11.68 -24.94
N ASP A 708 -10.04 -10.39 -24.90
CA ASP A 708 -10.28 -9.68 -23.65
C ASP A 708 -11.73 -9.73 -23.21
N TRP A 709 -11.94 -9.38 -21.94
CA TRP A 709 -13.24 -9.37 -21.32
C TRP A 709 -13.31 -8.24 -20.30
N ALA A 710 -14.51 -7.98 -19.79
CA ALA A 710 -14.71 -6.90 -18.80
C ALA A 710 -15.94 -7.12 -17.91
N ILE A 711 -15.79 -6.71 -16.66
CA ILE A 711 -16.82 -6.86 -15.63
C ILE A 711 -17.21 -5.48 -15.08
N ASP A 712 -18.50 -5.27 -14.77
CA ASP A 712 -18.99 -4.05 -14.07
C ASP A 712 -20.12 -4.41 -13.12
N ASN A 713 -20.45 -3.49 -12.19
CA ASN A 713 -21.54 -3.68 -11.21
C ASN A 713 -21.62 -5.06 -10.55
N VAL A 714 -20.54 -5.46 -9.92
CA VAL A 714 -20.53 -6.69 -9.12
C VAL A 714 -21.34 -6.45 -7.84
N LEU A 715 -22.08 -7.46 -7.40
CA LEU A 715 -22.89 -7.38 -6.20
C LEU A 715 -23.22 -8.77 -5.67
N ILE A 716 -22.72 -9.06 -4.48
CA ILE A 716 -22.98 -10.31 -3.78
C ILE A 716 -23.70 -9.89 -2.53
N SER A 717 -24.90 -10.43 -2.30
CA SER A 717 -25.83 -9.79 -1.37
C SER A 717 -27.16 -10.51 -1.21
N ARG A 718 -27.96 -10.03 -0.26
CA ARG A 718 -29.35 -10.44 -0.09
C ARG A 718 -30.23 -9.26 -0.50
N LEU A 719 -31.54 -9.36 -0.24
CA LEU A 719 -32.47 -8.28 -0.52
C LEU A 719 -32.52 -7.27 0.63
N GLU A 720 -32.67 -5.99 0.27
CA GLU A 720 -32.73 -4.89 1.23
C GLU A 720 -33.93 -4.95 2.18
N ASN A 721 -33.75 -4.41 3.39
CA ASN A 721 -34.87 -3.99 4.21
C ASN A 721 -35.40 -2.68 3.63
N LEU A 722 -36.72 -2.55 3.55
CA LEU A 722 -37.31 -1.48 2.76
C LEU A 722 -38.20 -0.55 3.59
N TYR A 723 -37.76 0.71 3.73
CA TYR A 723 -38.51 1.72 4.48
C TYR A 723 -38.60 3.07 3.74
N LYS B 5 17.06 10.51 -1.02
CA LYS B 5 16.53 9.10 -0.98
C LYS B 5 17.67 8.07 -0.97
N GLU B 6 17.71 7.26 0.08
CA GLU B 6 18.73 6.22 0.24
C GLU B 6 18.16 4.86 -0.14
N CYS B 7 19.05 3.88 -0.35
CA CYS B 7 18.60 2.52 -0.64
C CYS B 7 18.55 1.67 0.64
N GLU B 8 17.70 0.65 0.62
CA GLU B 8 17.61 -0.30 1.72
C GLU B 8 18.91 -1.11 1.87
N LYS B 9 19.00 -1.89 2.94
CA LYS B 9 20.26 -2.49 3.38
C LYS B 9 21.04 -3.22 2.29
N ASP B 10 20.36 -4.14 1.62
CA ASP B 10 21.03 -5.01 0.64
C ASP B 10 20.96 -4.53 -0.83
N GLN B 11 20.81 -3.22 -1.01
CA GLN B 11 20.81 -2.62 -2.32
C GLN B 11 22.07 -1.77 -2.55
N PHE B 12 22.37 -1.54 -3.82
CA PHE B 12 23.44 -0.65 -4.24
C PHE B 12 22.77 0.53 -4.90
N GLN B 13 23.24 1.72 -4.57
CA GLN B 13 22.70 2.93 -5.17
C GLN B 13 23.50 3.39 -6.38
N CYS B 14 22.83 3.42 -7.52
CA CYS B 14 23.43 3.90 -8.77
C CYS B 14 23.55 5.41 -8.68
N ARG B 15 24.44 5.99 -9.46
CA ARG B 15 24.62 7.44 -9.47
C ARG B 15 23.38 8.22 -9.92
N ASN B 16 22.48 7.57 -10.65
CA ASN B 16 21.26 8.22 -11.11
C ASN B 16 20.06 7.97 -10.20
N GLU B 17 20.34 7.87 -8.91
CA GLU B 17 19.30 7.74 -7.86
C GLU B 17 18.51 6.42 -7.83
N ARG B 18 19.00 5.39 -8.53
CA ARG B 18 18.25 4.15 -8.68
C ARG B 18 18.86 3.02 -7.84
N CYS B 19 18.01 2.15 -7.29
CA CYS B 19 18.49 1.08 -6.41
C CYS B 19 18.48 -0.27 -7.11
N ILE B 20 19.61 -0.99 -7.06
CA ILE B 20 19.63 -2.35 -7.56
C ILE B 20 20.05 -3.31 -6.45
N PRO B 21 19.79 -4.60 -6.61
CA PRO B 21 20.41 -5.56 -5.71
C PRO B 21 21.91 -5.37 -5.65
N SER B 22 22.47 -5.35 -4.44
CA SER B 22 23.91 -5.17 -4.30
C SER B 22 24.69 -6.39 -4.79
N VAL B 23 24.00 -7.49 -5.06
CA VAL B 23 24.67 -8.67 -5.56
C VAL B 23 24.82 -8.57 -7.08
N TRP B 24 24.32 -7.49 -7.66
CA TRP B 24 24.54 -7.21 -9.08
C TRP B 24 25.62 -6.14 -9.24
N ARG B 25 26.21 -5.73 -8.13
CA ARG B 25 27.38 -4.87 -8.17
C ARG B 25 28.54 -5.73 -8.70
N CYS B 26 29.21 -5.28 -9.77
CA CYS B 26 30.42 -5.92 -10.29
C CYS B 26 30.27 -7.37 -10.75
N ASP B 27 29.39 -7.60 -11.72
CA ASP B 27 29.21 -8.94 -12.30
C ASP B 27 29.18 -8.84 -13.83
N GLU B 28 29.65 -7.68 -14.31
CA GLU B 28 29.83 -7.38 -15.73
C GLU B 28 28.53 -7.21 -16.51
N ASP B 29 27.45 -6.93 -15.77
CA ASP B 29 26.21 -6.51 -16.41
C ASP B 29 25.88 -5.08 -15.99
N ASP B 30 25.66 -4.22 -16.97
CA ASP B 30 25.19 -2.88 -16.66
C ASP B 30 23.70 -2.90 -16.27
N ASP B 31 23.45 -2.81 -14.97
CA ASP B 31 22.10 -2.92 -14.46
C ASP B 31 21.54 -1.57 -14.09
N CYS B 32 22.41 -0.58 -13.98
CA CYS B 32 21.98 0.78 -13.66
C CYS B 32 21.56 1.54 -14.91
N LEU B 33 22.07 1.07 -16.05
CA LEU B 33 21.84 1.62 -17.39
C LEU B 33 22.85 2.70 -17.71
N ASP B 34 23.58 3.15 -16.70
CA ASP B 34 24.64 4.13 -16.91
C ASP B 34 26.00 3.62 -16.43
N HIS B 35 26.18 2.31 -16.50
CA HIS B 35 27.45 1.61 -16.19
C HIS B 35 28.00 1.79 -14.77
N SER B 36 27.24 2.49 -13.92
CA SER B 36 27.63 2.78 -12.54
C SER B 36 27.98 1.55 -11.71
N ASP B 37 27.18 0.49 -11.84
CA ASP B 37 27.39 -0.71 -11.02
C ASP B 37 28.58 -1.52 -11.49
N GLU B 38 29.17 -1.11 -12.61
CA GLU B 38 30.35 -1.78 -13.15
C GLU B 38 31.51 -0.78 -13.31
N ASP B 39 31.67 0.09 -12.32
CA ASP B 39 32.84 0.97 -12.22
C ASP B 39 33.72 0.62 -11.03
N ASP B 40 35.03 0.81 -11.23
CA ASP B 40 36.03 0.55 -10.20
C ASP B 40 35.86 -0.80 -9.54
N CYS B 41 35.52 -1.80 -10.32
CA CYS B 41 35.44 -3.15 -9.79
C CYS B 41 36.84 -3.73 -9.71
N PRO B 42 37.18 -4.36 -8.57
CA PRO B 42 38.51 -4.91 -8.41
C PRO B 42 38.81 -5.94 -9.47
N LYS B 43 40.00 -5.89 -10.06
CA LYS B 43 40.39 -6.85 -11.08
C LYS B 43 40.84 -8.15 -10.43
N LYS B 44 41.30 -9.10 -11.25
CA LYS B 44 41.67 -10.42 -10.74
C LYS B 44 43.05 -10.96 -11.14
N THR B 45 43.90 -11.15 -10.13
CA THR B 45 45.07 -12.04 -10.23
C THR B 45 44.79 -13.25 -9.32
N CYS B 46 45.20 -14.44 -9.78
CA CYS B 46 44.75 -15.72 -9.21
C CYS B 46 45.58 -16.19 -8.03
N ALA B 47 45.52 -17.50 -7.78
CA ALA B 47 46.35 -18.13 -6.77
C ALA B 47 47.79 -18.29 -7.25
N ASP B 48 48.57 -19.04 -6.49
CA ASP B 48 50.03 -19.07 -6.52
C ASP B 48 50.78 -18.95 -7.86
N SER B 49 50.47 -19.82 -8.82
CA SER B 49 51.10 -19.80 -10.14
C SER B 49 50.08 -19.99 -11.25
N ASP B 50 48.97 -19.26 -11.15
CA ASP B 50 47.87 -19.42 -12.11
C ASP B 50 47.91 -18.36 -13.19
N PHE B 51 47.52 -18.73 -14.40
CA PHE B 51 47.64 -17.82 -15.53
C PHE B 51 46.42 -16.90 -15.62
N THR B 52 46.68 -15.60 -15.76
CA THR B 52 45.63 -14.63 -15.99
C THR B 52 45.44 -14.42 -17.50
N CYS B 53 44.30 -14.86 -18.03
CA CYS B 53 44.00 -14.63 -19.43
C CYS B 53 43.81 -13.14 -19.67
N ASP B 54 43.52 -12.78 -20.91
CA ASP B 54 43.37 -11.37 -21.28
C ASP B 54 42.14 -10.70 -20.68
N ASN B 55 41.24 -11.46 -20.05
CA ASN B 55 40.03 -10.91 -19.46
C ASN B 55 39.92 -11.12 -17.95
N GLY B 56 40.84 -11.88 -17.38
CA GLY B 56 40.94 -11.97 -15.92
C GLY B 56 40.38 -13.24 -15.30
N HIS B 57 40.15 -14.24 -16.15
CA HIS B 57 39.62 -15.51 -15.71
C HIS B 57 40.77 -16.44 -15.33
N CYS B 58 40.60 -17.23 -14.27
CA CYS B 58 41.70 -18.00 -13.69
C CYS B 58 41.79 -19.48 -14.05
N ILE B 59 42.84 -19.83 -14.80
CA ILE B 59 43.10 -21.21 -15.22
C ILE B 59 44.49 -21.67 -14.72
N HIS B 60 44.62 -22.96 -14.47
CA HIS B 60 45.90 -23.53 -14.10
C HIS B 60 46.87 -23.39 -15.27
N GLU B 61 48.13 -23.15 -14.94
CA GLU B 61 49.18 -22.94 -15.93
C GLU B 61 49.25 -24.03 -16.99
N ARG B 62 48.95 -25.26 -16.58
CA ARG B 62 49.12 -26.40 -17.48
C ARG B 62 48.08 -26.47 -18.61
N TRP B 63 46.88 -25.94 -18.40
CA TRP B 63 45.86 -25.89 -19.48
C TRP B 63 46.21 -24.86 -20.57
N LYS B 64 46.97 -23.84 -20.18
CA LYS B 64 47.44 -22.81 -21.08
C LYS B 64 48.38 -23.43 -22.11
N CYS B 65 48.17 -23.09 -23.38
CA CYS B 65 49.03 -23.51 -24.51
C CYS B 65 48.92 -24.98 -24.86
N ASP B 66 47.67 -25.44 -25.02
CA ASP B 66 47.40 -26.83 -25.34
C ASP B 66 46.37 -27.02 -26.45
N GLY B 67 46.01 -25.96 -27.16
CA GLY B 67 44.98 -26.05 -28.21
C GLY B 67 43.53 -25.99 -27.78
N GLU B 68 43.28 -26.00 -26.47
CA GLU B 68 41.90 -25.97 -25.99
C GLU B 68 41.64 -24.63 -25.28
N GLU B 69 40.49 -24.03 -25.56
CA GLU B 69 40.10 -22.76 -24.94
C GLU B 69 39.46 -22.95 -23.57
N GLU B 70 40.07 -22.34 -22.54
CA GLU B 70 39.56 -22.42 -21.18
C GLU B 70 38.81 -21.16 -20.75
N CYS B 71 39.42 -20.01 -21.00
CA CYS B 71 38.83 -18.72 -20.67
C CYS B 71 37.67 -18.39 -21.62
N PRO B 72 36.64 -17.70 -21.09
CA PRO B 72 35.36 -17.52 -21.78
C PRO B 72 35.50 -16.74 -23.08
N ASP B 73 36.59 -15.97 -23.20
CA ASP B 73 36.87 -15.29 -24.46
C ASP B 73 37.79 -16.12 -25.35
N GLY B 74 38.49 -17.08 -24.75
CA GLY B 74 39.39 -17.98 -25.50
C GLY B 74 40.73 -17.35 -25.87
N SER B 75 41.30 -16.56 -24.96
CA SER B 75 42.51 -15.80 -25.27
C SER B 75 43.81 -16.43 -24.78
N ASP B 76 43.72 -17.60 -24.14
CA ASP B 76 44.93 -18.35 -23.81
C ASP B 76 45.42 -19.12 -25.04
N GLU B 77 44.65 -18.99 -26.13
CA GLU B 77 44.92 -19.73 -27.36
C GLU B 77 45.29 -18.86 -28.54
N SER B 78 45.63 -17.59 -28.27
CA SER B 78 46.28 -16.74 -29.26
C SER B 78 47.79 -16.69 -29.01
N GLU B 79 48.55 -16.24 -30.02
CA GLU B 79 50.01 -16.36 -30.04
C GLU B 79 50.81 -15.49 -29.07
N ALA B 80 50.12 -14.65 -28.29
CA ALA B 80 50.77 -13.86 -27.24
C ALA B 80 50.69 -14.58 -25.89
N THR B 81 50.86 -15.90 -25.89
CA THR B 81 50.55 -16.72 -24.71
C THR B 81 51.74 -17.53 -24.19
N CYS B 82 52.54 -18.08 -25.11
CA CYS B 82 53.48 -19.13 -24.71
C CYS B 82 54.94 -18.70 -24.63
N THR B 83 55.76 -19.14 -25.59
CA THR B 83 57.21 -18.92 -25.55
C THR B 83 57.79 -18.24 -26.79
N ASN B 169 66.45 -32.50 -23.78
CA ASN B 169 66.99 -32.99 -22.52
C ASN B 169 68.32 -32.34 -22.12
N GLU B 170 68.31 -31.01 -22.08
CA GLU B 170 69.38 -30.22 -21.46
C GLU B 170 69.30 -30.45 -19.95
N CYS B 171 68.47 -31.42 -19.57
CA CYS B 171 67.84 -31.49 -18.26
C CYS B 171 68.22 -32.70 -17.38
N LEU B 172 68.30 -33.89 -17.97
CA LEU B 172 68.63 -35.12 -17.21
C LEU B 172 70.13 -35.36 -17.04
N HIS B 173 70.92 -34.93 -18.03
CA HIS B 173 72.36 -35.21 -18.09
C HIS B 173 73.17 -34.26 -17.18
N ASN B 174 73.72 -34.83 -16.10
CA ASN B 174 74.35 -34.08 -15.01
C ASN B 174 73.31 -33.26 -14.25
N ASN B 175 72.05 -33.43 -14.64
CA ASN B 175 70.93 -32.55 -14.25
C ASN B 175 70.99 -31.15 -14.90
N GLY B 176 71.97 -30.94 -15.77
CA GLY B 176 72.12 -29.69 -16.54
C GLY B 176 72.08 -28.39 -15.75
N GLY B 177 72.87 -28.33 -14.68
CA GLY B 177 72.95 -27.13 -13.84
C GLY B 177 71.90 -27.01 -12.75
N CYS B 178 70.79 -27.73 -12.90
CA CYS B 178 69.69 -27.73 -11.93
C CYS B 178 69.97 -28.66 -10.75
N SER B 179 69.50 -28.27 -9.56
CA SER B 179 69.85 -28.97 -8.31
C SER B 179 68.92 -30.12 -7.93
N HIS B 180 67.61 -29.94 -8.10
CA HIS B 180 66.63 -30.94 -7.65
C HIS B 180 65.68 -31.44 -8.77
N ILE B 181 64.51 -30.82 -8.91
CA ILE B 181 63.52 -31.25 -9.92
C ILE B 181 63.64 -30.44 -11.22
N CYS B 182 63.86 -31.15 -12.32
CA CYS B 182 64.00 -30.53 -13.62
C CYS B 182 63.03 -31.16 -14.62
N THR B 183 62.43 -30.31 -15.46
CA THR B 183 61.63 -30.75 -16.61
C THR B 183 62.07 -29.97 -17.86
N ASP B 184 62.21 -30.69 -18.97
CA ASP B 184 62.64 -30.09 -20.24
C ASP B 184 61.50 -29.34 -20.94
N LEU B 185 61.65 -28.02 -21.05
CA LEU B 185 60.79 -27.20 -21.89
C LEU B 185 61.39 -27.16 -23.30
N LYS B 186 60.57 -26.79 -24.28
CA LYS B 186 60.99 -26.80 -25.68
C LYS B 186 61.87 -25.61 -26.09
N ILE B 187 61.46 -24.39 -25.75
CA ILE B 187 62.33 -23.21 -25.91
C ILE B 187 63.04 -22.92 -24.57
N GLY B 188 64.18 -23.58 -24.37
CA GLY B 188 64.94 -23.53 -23.11
C GLY B 188 64.47 -24.57 -22.10
N PHE B 189 65.31 -24.87 -21.12
CA PHE B 189 64.92 -25.77 -20.02
C PHE B 189 64.53 -24.95 -18.78
N GLU B 190 63.76 -25.57 -17.87
CA GLU B 190 63.41 -24.91 -16.60
C GLU B 190 63.60 -25.81 -15.38
N CYS B 191 63.78 -25.17 -14.22
CA CYS B 191 64.20 -25.85 -13.00
C CYS B 191 63.46 -25.32 -11.77
N THR B 192 62.65 -26.18 -11.15
CA THR B 192 61.87 -25.86 -9.93
C THR B 192 62.15 -26.84 -8.78
N CYS B 193 61.60 -26.53 -7.59
CA CYS B 193 61.90 -27.29 -6.37
C CYS B 193 60.68 -28.11 -5.87
N PRO B 194 60.92 -29.07 -4.93
CA PRO B 194 59.83 -29.79 -4.24
C PRO B 194 59.38 -29.25 -2.87
N ALA B 195 58.49 -29.98 -2.21
CA ALA B 195 57.87 -29.56 -0.96
C ALA B 195 58.86 -29.39 0.20
N GLY B 196 58.79 -28.23 0.85
CA GLY B 196 59.57 -27.97 2.07
C GLY B 196 60.78 -27.08 1.90
N PHE B 197 61.25 -27.01 0.65
CA PHE B 197 62.37 -26.16 0.26
C PHE B 197 62.13 -25.74 -1.19
N GLN B 198 61.61 -24.53 -1.36
CA GLN B 198 61.25 -24.02 -2.68
C GLN B 198 61.98 -22.73 -3.05
N LEU B 199 62.62 -22.12 -2.05
CA LEU B 199 63.37 -20.87 -2.24
C LEU B 199 64.64 -21.12 -3.06
N LEU B 200 64.73 -20.43 -4.20
CA LEU B 200 65.87 -20.57 -5.12
C LEU B 200 66.46 -19.20 -5.49
N ASP B 201 67.78 -19.11 -5.50
CA ASP B 201 68.48 -17.88 -5.92
C ASP B 201 68.37 -17.68 -7.45
N GLN B 202 69.11 -18.52 -8.19
CA GLN B 202 68.93 -18.69 -9.62
C GLN B 202 68.94 -20.19 -9.92
N LYS B 203 67.76 -20.79 -9.82
CA LYS B 203 67.52 -22.22 -10.11
C LYS B 203 68.43 -23.23 -9.38
N THR B 204 68.83 -22.88 -8.16
CA THR B 204 69.37 -23.82 -7.16
C THR B 204 68.59 -23.63 -5.84
N CYS B 205 68.10 -24.73 -5.28
CA CYS B 205 67.13 -24.66 -4.17
C CYS B 205 67.73 -24.84 -2.78
N GLY B 206 67.22 -24.04 -1.84
CA GLY B 206 67.54 -24.15 -0.41
C GLY B 206 66.28 -24.29 0.42
N ASP B 207 66.45 -24.59 1.71
CA ASP B 207 65.34 -24.86 2.63
C ASP B 207 64.40 -23.66 2.85
N ILE B 208 63.11 -23.97 3.02
CA ILE B 208 62.16 -22.99 3.53
C ILE B 208 62.30 -22.89 5.04
N ASP B 209 62.59 -21.68 5.52
CA ASP B 209 62.42 -21.33 6.92
C ASP B 209 60.93 -21.06 7.05
N GLU B 210 60.22 -22.02 7.64
CA GLU B 210 58.76 -21.92 7.75
C GLU B 210 58.31 -20.99 8.86
N CYS B 211 59.16 -20.81 9.88
CA CYS B 211 58.81 -20.00 11.05
C CYS B 211 59.12 -18.51 10.88
N LYS B 212 59.27 -18.08 9.63
CA LYS B 212 59.24 -16.65 9.31
C LYS B 212 57.82 -16.23 8.88
N ASP B 213 56.86 -17.14 9.09
CA ASP B 213 55.45 -16.81 9.00
C ASP B 213 54.74 -17.06 10.33
N PRO B 214 54.09 -16.01 10.88
CA PRO B 214 53.38 -16.02 12.17
C PRO B 214 52.40 -17.18 12.29
N ASP B 215 51.60 -17.38 11.24
CA ASP B 215 50.53 -18.37 11.26
C ASP B 215 50.90 -19.70 10.54
N ALA B 216 52.18 -20.05 10.57
CA ALA B 216 52.66 -21.36 10.10
C ALA B 216 52.17 -22.48 11.03
N CYS B 217 52.47 -22.35 12.32
CA CYS B 217 51.86 -23.17 13.37
C CYS B 217 50.98 -22.28 14.25
N SER B 218 49.97 -22.86 14.90
CA SER B 218 49.17 -22.10 15.86
C SER B 218 50.07 -21.53 16.97
N GLN B 219 50.92 -22.40 17.53
CA GLN B 219 51.73 -22.06 18.70
C GLN B 219 53.24 -22.03 18.42
N ILE B 220 53.92 -23.16 18.66
CA ILE B 220 55.38 -23.28 18.51
C ILE B 220 55.76 -23.88 17.15
N CYS B 221 56.77 -23.30 16.51
CA CYS B 221 57.25 -23.72 15.19
C CYS B 221 58.77 -23.95 15.23
N VAL B 222 59.19 -25.15 14.86
CA VAL B 222 60.61 -25.49 14.75
C VAL B 222 60.94 -25.74 13.28
N ASN B 223 61.96 -25.06 12.75
CA ASN B 223 62.35 -25.24 11.36
C ASN B 223 63.50 -26.22 11.16
N TYR B 224 63.28 -27.18 10.28
CA TYR B 224 64.31 -28.11 9.85
C TYR B 224 64.59 -27.90 8.37
N LYS B 225 65.55 -28.65 7.84
CA LYS B 225 65.87 -28.64 6.42
C LYS B 225 64.76 -29.37 5.67
N GLY B 226 64.05 -28.63 4.82
CA GLY B 226 63.04 -29.22 3.95
C GLY B 226 61.70 -29.62 4.56
N TYR B 227 61.51 -29.30 5.83
CA TYR B 227 60.20 -29.41 6.50
C TYR B 227 60.17 -28.53 7.76
N PHE B 228 59.20 -28.81 8.64
CA PHE B 228 59.01 -28.11 9.91
C PHE B 228 58.10 -28.92 10.83
N LYS B 229 58.06 -28.56 12.12
CA LYS B 229 57.28 -29.29 13.13
C LYS B 229 56.64 -28.35 14.16
N CYS B 230 55.39 -28.61 14.52
CA CYS B 230 54.69 -27.79 15.51
C CYS B 230 54.65 -28.46 16.88
N GLU B 231 54.83 -27.66 17.94
CA GLU B 231 54.71 -28.13 19.34
C GLU B 231 53.75 -27.23 20.11
N CYS B 232 53.42 -27.64 21.34
CA CYS B 232 52.46 -26.88 22.15
C CYS B 232 53.07 -26.16 23.36
N TYR B 233 52.60 -24.94 23.63
CA TYR B 233 52.93 -24.21 24.85
C TYR B 233 52.41 -24.95 26.07
N PRO B 234 53.11 -24.84 27.23
CA PRO B 234 52.68 -25.50 28.46
C PRO B 234 51.20 -25.27 28.74
N GLY B 235 50.48 -26.35 29.05
CA GLY B 235 49.03 -26.27 29.31
C GLY B 235 48.20 -26.72 28.13
N TYR B 236 48.85 -26.87 26.98
CA TYR B 236 48.20 -27.29 25.75
C TYR B 236 48.69 -28.68 25.28
N GLU B 237 47.76 -29.52 24.86
CA GLU B 237 48.08 -30.84 24.29
C GLU B 237 47.74 -30.92 22.79
N MET B 238 48.70 -31.42 22.01
CA MET B 238 48.52 -31.65 20.57
C MET B 238 47.51 -32.76 20.27
N ASP B 239 46.33 -32.36 19.78
CA ASP B 239 45.31 -33.33 19.34
C ASP B 239 45.76 -34.01 18.04
N LEU B 240 45.97 -35.31 18.13
CA LEU B 240 46.62 -36.10 17.08
C LEU B 240 45.71 -36.33 15.87
N LEU B 241 44.41 -36.32 16.10
CA LEU B 241 43.41 -36.47 15.02
C LEU B 241 43.33 -35.24 14.13
N THR B 242 43.22 -34.07 14.76
CA THR B 242 43.26 -32.79 14.05
C THR B 242 44.71 -32.27 13.90
N LYS B 243 44.84 -31.04 13.46
CA LYS B 243 46.13 -30.39 13.33
C LYS B 243 46.55 -29.76 14.67
N ASN B 244 45.56 -29.47 15.51
CA ASN B 244 45.65 -28.40 16.51
C ASN B 244 46.06 -28.71 17.94
N CYS B 245 46.78 -27.76 18.55
CA CYS B 245 47.06 -27.74 19.98
C CYS B 245 45.80 -27.30 20.74
N LYS B 246 45.18 -28.24 21.46
CA LYS B 246 44.02 -27.92 22.31
C LYS B 246 44.44 -27.78 23.77
N ALA B 247 43.57 -27.19 24.58
CA ALA B 247 43.85 -27.05 26.00
C ALA B 247 43.77 -28.41 26.69
N ALA B 248 44.66 -28.65 27.66
CA ALA B 248 44.58 -29.83 28.52
C ALA B 248 43.15 -29.95 29.09
N ALA B 249 42.64 -31.17 29.15
CA ALA B 249 41.24 -31.42 29.52
C ALA B 249 40.92 -31.00 30.96
N GLY B 250 39.70 -30.51 31.18
CA GLY B 250 39.27 -30.01 32.47
C GLY B 250 38.10 -29.05 32.30
N LYS B 251 38.24 -27.83 32.82
CA LYS B 251 37.23 -26.79 32.64
C LYS B 251 37.28 -26.22 31.21
N SER B 252 36.15 -26.20 30.53
CA SER B 252 36.11 -25.82 29.12
C SER B 252 35.85 -24.32 28.89
N PRO B 253 36.45 -23.75 27.84
CA PRO B 253 36.29 -22.34 27.48
C PRO B 253 34.85 -21.85 27.45
N SER B 254 34.61 -20.63 27.92
CA SER B 254 33.35 -19.93 27.69
C SER B 254 33.60 -18.64 26.93
N LEU B 255 32.55 -18.12 26.30
CA LEU B 255 32.54 -16.75 25.82
C LEU B 255 31.60 -15.95 26.72
N ILE B 256 32.08 -14.82 27.22
CA ILE B 256 31.24 -13.89 27.97
C ILE B 256 31.19 -12.60 27.14
N PHE B 257 30.00 -12.01 27.02
CA PHE B 257 29.79 -10.85 26.16
C PHE B 257 28.63 -9.99 26.61
N THR B 258 28.65 -8.71 26.25
CA THR B 258 27.55 -7.80 26.63
C THR B 258 26.54 -7.64 25.50
N ASN B 259 25.26 -7.71 25.87
CA ASN B 259 24.19 -7.43 24.94
C ASN B 259 23.59 -6.06 25.30
N ARG B 260 24.42 -5.23 25.91
CA ARG B 260 24.08 -3.84 26.26
C ARG B 260 23.18 -3.70 27.49
N HIS B 261 22.19 -4.58 27.63
CA HIS B 261 21.29 -4.54 28.80
C HIS B 261 21.29 -5.83 29.64
N GLU B 262 22.32 -6.63 29.44
CA GLU B 262 22.48 -7.93 30.06
C GLU B 262 23.85 -8.48 29.69
N VAL B 263 24.33 -9.47 30.44
CA VAL B 263 25.55 -10.20 30.08
C VAL B 263 25.25 -11.71 29.94
N ARG B 264 25.78 -12.32 28.88
CA ARG B 264 25.50 -13.71 28.51
C ARG B 264 26.74 -14.58 28.42
N ARG B 265 26.64 -15.81 28.92
CA ARG B 265 27.72 -16.79 28.82
C ARG B 265 27.37 -17.92 27.87
N ILE B 266 28.32 -18.28 27.01
CA ILE B 266 28.18 -19.39 26.07
C ILE B 266 29.28 -20.40 26.36
N ASP B 267 28.88 -21.62 26.73
CA ASP B 267 29.84 -22.74 26.82
C ASP B 267 30.33 -23.02 25.40
N LEU B 268 31.40 -23.78 25.25
CA LEU B 268 31.97 -24.04 23.93
C LEU B 268 32.06 -25.52 23.56
N VAL B 269 32.36 -26.36 24.55
CA VAL B 269 32.34 -27.82 24.36
C VAL B 269 30.88 -28.28 24.28
N LYS B 270 30.12 -27.99 25.33
CA LYS B 270 28.68 -28.12 25.29
C LYS B 270 28.11 -26.91 24.57
N ARG B 271 26.80 -26.90 24.39
CA ARG B 271 26.08 -25.68 24.07
C ARG B 271 25.17 -25.43 25.27
N ASN B 272 25.71 -24.69 26.24
CA ASN B 272 24.94 -24.28 27.40
C ASN B 272 24.97 -22.76 27.53
N TYR B 273 23.87 -22.16 27.09
CA TYR B 273 23.75 -20.74 26.82
C TYR B 273 22.97 -20.11 27.96
N SER B 274 23.64 -19.30 28.78
CA SER B 274 23.03 -18.75 30.00
C SER B 274 23.22 -17.26 30.20
N ARG B 275 22.27 -16.67 30.93
CA ARG B 275 22.23 -15.26 31.25
C ARG B 275 22.96 -15.06 32.58
N LEU B 276 24.16 -14.50 32.49
CA LEU B 276 25.04 -14.29 33.65
C LEU B 276 24.67 -13.04 34.49
N ILE B 277 24.34 -11.94 33.82
CA ILE B 277 23.71 -10.81 34.51
C ILE B 277 22.49 -10.31 33.73
N PRO B 278 21.32 -10.28 34.39
CA PRO B 278 20.10 -9.74 33.81
C PRO B 278 19.84 -8.34 34.33
N MET B 279 19.51 -7.40 33.43
CA MET B 279 19.11 -6.05 33.85
C MET B 279 20.29 -5.10 34.13
N LEU B 280 20.85 -4.56 33.05
CA LEU B 280 21.81 -3.47 33.11
C LEU B 280 21.25 -2.36 32.24
N LYS B 281 21.63 -1.12 32.51
CA LYS B 281 21.08 0.04 31.80
C LYS B 281 21.77 0.19 30.46
N ASN B 282 23.10 0.31 30.48
CA ASN B 282 23.87 0.71 29.32
C ASN B 282 25.33 0.30 29.52
N VAL B 283 25.67 -0.93 29.14
CA VAL B 283 27.00 -1.50 29.40
C VAL B 283 27.65 -2.06 28.13
N VAL B 284 28.74 -1.44 27.67
CA VAL B 284 29.43 -1.96 26.48
C VAL B 284 30.79 -2.55 26.80
N ALA B 285 31.33 -2.23 27.97
CA ALA B 285 32.68 -2.69 28.32
C ALA B 285 32.70 -3.68 29.48
N LEU B 286 33.49 -4.74 29.31
CA LEU B 286 33.68 -5.74 30.36
C LEU B 286 35.04 -6.45 30.23
N ASP B 287 35.57 -6.92 31.36
CA ASP B 287 36.65 -7.90 31.37
C ASP B 287 36.53 -8.79 32.59
N VAL B 288 37.30 -9.87 32.61
CA VAL B 288 37.21 -10.87 33.66
C VAL B 288 38.56 -11.16 34.27
N GLU B 289 38.56 -11.47 35.57
CA GLU B 289 39.72 -12.04 36.26
C GLU B 289 39.37 -13.50 36.50
N VAL B 290 39.99 -14.39 35.72
CA VAL B 290 39.64 -15.81 35.72
C VAL B 290 39.86 -16.47 37.07
N ALA B 291 41.10 -16.44 37.55
CA ALA B 291 41.53 -17.13 38.78
C ALA B 291 40.79 -16.74 40.08
N THR B 292 40.17 -15.58 40.12
CA THR B 292 39.42 -15.19 41.32
C THR B 292 37.95 -15.18 40.97
N ASN B 293 37.67 -15.52 39.71
CA ASN B 293 36.31 -15.62 39.19
C ASN B 293 35.50 -14.33 39.31
N ARG B 294 36.11 -13.21 38.92
CA ARG B 294 35.46 -11.90 38.97
C ARG B 294 35.14 -11.36 37.60
N ILE B 295 33.97 -10.73 37.50
CA ILE B 295 33.61 -9.98 36.32
C ILE B 295 33.61 -8.47 36.64
N TYR B 296 34.25 -7.69 35.76
CA TYR B 296 34.33 -6.25 35.84
C TYR B 296 33.62 -5.66 34.64
N TRP B 297 32.71 -4.73 34.86
CA TRP B 297 31.97 -4.11 33.75
C TRP B 297 31.70 -2.65 34.00
N CYS B 298 31.43 -1.90 32.92
CA CYS B 298 31.13 -0.46 33.03
C CYS B 298 29.84 0.07 32.42
N ASP B 299 29.02 0.76 33.22
CA ASP B 299 27.79 1.39 32.74
C ASP B 299 27.98 2.85 32.32
N LEU B 300 27.60 3.19 31.09
CA LEU B 300 27.76 4.55 30.55
C LEU B 300 26.67 5.52 31.00
N SER B 301 25.58 5.01 31.57
CA SER B 301 24.50 5.89 31.96
C SER B 301 24.52 6.23 33.45
N TYR B 302 24.85 5.25 34.27
CA TYR B 302 25.08 5.50 35.68
C TYR B 302 26.49 6.04 35.95
N ARG B 303 27.36 5.93 34.95
CA ARG B 303 28.76 6.37 35.05
C ARG B 303 29.46 5.79 36.28
N LYS B 304 29.58 4.47 36.33
CA LYS B 304 30.26 3.75 37.41
C LYS B 304 30.97 2.54 36.82
N ILE B 305 31.95 2.03 37.54
CA ILE B 305 32.56 0.77 37.18
C ILE B 305 32.27 -0.23 38.27
N TYR B 306 31.71 -1.38 37.90
CA TYR B 306 31.30 -2.37 38.90
C TYR B 306 32.15 -3.64 38.86
N SER B 307 31.92 -4.50 39.85
CA SER B 307 32.58 -5.80 39.95
C SER B 307 31.78 -6.76 40.80
N ALA B 308 31.74 -8.03 40.38
CA ALA B 308 31.10 -9.08 41.16
C ALA B 308 31.76 -10.41 40.90
N TYR B 309 31.46 -11.39 41.76
CA TYR B 309 31.78 -12.79 41.51
C TYR B 309 30.70 -13.33 40.58
N MET B 310 31.07 -14.25 39.70
CA MET B 310 30.12 -14.72 38.69
C MET B 310 28.94 -15.51 39.25
N ASP B 311 29.21 -16.36 40.24
CA ASP B 311 28.16 -17.08 40.93
C ASP B 311 27.14 -16.18 41.63
N LYS B 312 27.47 -14.90 41.82
CA LYS B 312 26.60 -13.95 42.51
C LYS B 312 26.34 -12.65 41.75
N ALA B 313 26.82 -12.58 40.51
CA ALA B 313 26.72 -11.37 39.66
C ALA B 313 25.31 -10.85 39.35
N SER B 314 24.32 -11.73 39.40
CA SER B 314 22.94 -11.37 39.09
C SER B 314 22.24 -10.69 40.26
N ASP B 315 22.72 -10.98 41.47
CA ASP B 315 22.16 -10.38 42.69
C ASP B 315 22.65 -8.94 42.81
N PRO B 316 21.73 -7.97 42.72
CA PRO B 316 22.16 -6.57 42.70
C PRO B 316 23.00 -6.20 43.92
N LYS B 317 22.65 -6.76 45.08
CA LYS B 317 23.39 -6.59 46.32
C LYS B 317 24.85 -7.07 46.27
N GLU B 318 25.12 -8.09 45.46
CA GLU B 318 26.49 -8.64 45.36
C GLU B 318 27.33 -8.01 44.24
N GLN B 319 26.81 -6.93 43.64
CA GLN B 319 27.55 -6.13 42.67
C GLN B 319 28.15 -4.91 43.38
N GLU B 320 29.47 -4.81 43.42
CA GLU B 320 30.14 -3.72 44.13
C GLU B 320 30.52 -2.58 43.20
N VAL B 321 30.26 -1.34 43.63
CA VAL B 321 30.77 -0.17 42.93
C VAL B 321 32.26 0.07 43.21
N LEU B 322 33.06 0.08 42.17
CA LEU B 322 34.50 0.33 42.30
C LEU B 322 34.87 1.81 42.16
N ILE B 323 34.25 2.46 41.17
CA ILE B 323 34.52 3.85 40.84
C ILE B 323 33.15 4.50 40.60
N ASP B 324 32.88 5.63 41.24
CA ASP B 324 31.56 6.26 41.12
C ASP B 324 31.65 7.75 40.84
N GLU B 325 32.88 8.23 40.63
CA GLU B 325 33.16 9.64 40.39
C GLU B 325 34.15 9.76 39.26
N GLN B 326 34.13 10.90 38.57
CA GLN B 326 35.18 11.25 37.62
C GLN B 326 35.17 10.37 36.36
N LEU B 327 34.01 9.82 36.01
CA LEU B 327 33.85 9.04 34.76
C LEU B 327 32.87 9.72 33.84
N HIS B 328 33.18 9.75 32.55
CA HIS B 328 32.23 10.24 31.57
C HIS B 328 31.59 9.10 30.80
N SER B 329 32.38 8.52 29.91
CA SER B 329 31.93 7.47 29.01
C SER B 329 33.04 6.48 28.75
N PRO B 330 33.28 5.55 29.71
CA PRO B 330 34.32 4.54 29.54
C PRO B 330 33.85 3.39 28.64
N GLU B 331 34.50 3.25 27.50
CA GLU B 331 34.06 2.28 26.51
C GLU B 331 34.96 1.04 26.44
N GLY B 332 36.10 1.09 27.12
CA GLY B 332 37.02 -0.05 27.21
C GLY B 332 37.45 -0.38 28.63
N LEU B 333 37.61 -1.66 28.92
CA LEU B 333 38.14 -2.10 30.21
C LEU B 333 39.18 -3.16 29.99
N ALA B 334 40.07 -3.29 30.96
CA ALA B 334 41.09 -4.30 30.93
C ALA B 334 41.51 -4.55 32.36
N VAL B 335 41.60 -5.81 32.74
CA VAL B 335 42.11 -6.16 34.06
C VAL B 335 43.50 -6.71 33.87
N ASP B 336 44.45 -6.16 34.62
CA ASP B 336 45.77 -6.76 34.79
C ASP B 336 45.72 -7.73 35.96
N TRP B 337 45.67 -9.03 35.65
CA TRP B 337 45.50 -10.08 36.68
C TRP B 337 46.74 -10.33 37.53
N VAL B 338 47.93 -10.16 36.95
CA VAL B 338 49.18 -10.34 37.67
C VAL B 338 49.34 -9.33 38.81
N HIS B 339 49.14 -8.05 38.49
CA HIS B 339 49.43 -6.92 39.40
C HIS B 339 48.20 -6.23 40.01
N LYS B 340 47.03 -6.82 39.84
CA LYS B 340 45.81 -6.38 40.53
C LYS B 340 45.37 -4.93 40.20
N HIS B 341 45.43 -4.57 38.91
CA HIS B 341 44.96 -3.25 38.46
C HIS B 341 43.89 -3.34 37.36
N ILE B 342 42.95 -2.38 37.35
CA ILE B 342 42.06 -2.17 36.20
C ILE B 342 42.48 -0.95 35.38
N TYR B 343 42.55 -1.13 34.06
CA TYR B 343 42.79 -0.05 33.11
C TYR B 343 41.54 0.26 32.28
N TRP B 344 41.22 1.54 32.10
CA TRP B 344 40.09 1.91 31.24
C TRP B 344 40.32 3.12 30.36
N THR B 345 39.64 3.14 29.21
CA THR B 345 39.57 4.32 28.35
C THR B 345 38.28 5.04 28.65
N ASP B 346 38.19 6.29 28.22
CA ASP B 346 37.00 7.12 28.39
C ASP B 346 37.04 8.15 27.27
N SER B 347 36.14 7.99 26.30
CA SER B 347 36.13 8.81 25.10
C SER B 347 35.35 10.11 25.30
N GLY B 348 34.98 10.37 26.55
CA GLY B 348 34.27 11.59 26.92
C GLY B 348 35.24 12.59 27.51
N ASN B 349 35.81 12.26 28.68
CA ASN B 349 36.96 12.96 29.24
C ASN B 349 38.15 12.97 28.25
N LYS B 350 38.16 12.01 27.32
CA LYS B 350 39.28 11.78 26.40
C LYS B 350 40.60 11.35 27.11
N THR B 351 40.51 10.36 28.00
CA THR B 351 41.63 9.93 28.84
C THR B 351 41.83 8.39 28.88
N ILE B 352 42.98 7.97 29.37
CA ILE B 352 43.22 6.56 29.75
C ILE B 352 43.68 6.51 31.21
N SER B 353 43.09 5.62 31.99
CA SER B 353 43.33 5.61 33.44
C SER B 353 43.69 4.26 34.02
N VAL B 354 44.01 4.25 35.32
CA VAL B 354 44.40 3.03 36.03
C VAL B 354 43.91 3.13 37.48
N ALA B 355 43.58 1.99 38.08
CA ALA B 355 43.11 1.97 39.46
C ALA B 355 43.35 0.60 40.06
N THR B 356 43.42 0.55 41.39
CA THR B 356 43.54 -0.73 42.06
C THR B 356 42.19 -1.43 41.90
N VAL B 357 42.19 -2.77 41.97
CA VAL B 357 41.00 -3.60 41.80
C VAL B 357 39.86 -3.23 42.76
N ASP B 358 40.20 -2.76 43.95
CA ASP B 358 39.23 -2.30 44.95
C ASP B 358 38.65 -0.93 44.59
N GLY B 359 39.28 -0.27 43.63
CA GLY B 359 38.86 1.07 43.19
C GLY B 359 39.28 2.19 44.12
N GLY B 360 40.23 1.90 45.01
CA GLY B 360 40.61 2.82 46.09
C GLY B 360 41.72 3.79 45.75
N ARG B 361 42.58 3.43 44.80
CA ARG B 361 43.68 4.30 44.38
C ARG B 361 43.74 4.39 42.87
N ARG B 362 43.94 5.60 42.36
CA ARG B 362 43.62 5.90 40.97
C ARG B 362 44.51 6.98 40.36
N ARG B 363 44.90 6.79 39.10
CA ARG B 363 45.65 7.79 38.35
C ARG B 363 45.23 7.85 36.87
N THR B 364 45.22 9.07 36.32
CA THR B 364 45.10 9.26 34.87
C THR B 364 46.48 9.16 34.26
N LEU B 365 46.64 8.28 33.28
CA LEU B 365 47.91 8.03 32.64
C LEU B 365 48.12 8.78 31.32
N PHE B 366 47.04 9.14 30.65
CA PHE B 366 47.11 9.81 29.36
C PHE B 366 45.90 10.71 29.18
N SER B 367 46.16 11.97 28.83
CA SER B 367 45.10 12.96 28.57
C SER B 367 45.19 13.48 27.14
N ARG B 368 46.42 13.56 26.63
CA ARG B 368 46.68 14.28 25.40
C ARG B 368 46.76 13.36 24.19
N ASN B 369 46.40 13.91 23.03
CA ASN B 369 46.35 13.19 21.75
C ASN B 369 45.50 11.92 21.79
N LEU B 370 44.32 12.05 22.39
CA LEU B 370 43.31 11.00 22.37
C LEU B 370 42.00 11.58 21.89
N SER B 371 41.53 11.05 20.75
CA SER B 371 40.21 11.33 20.23
C SER B 371 39.54 9.99 19.99
N GLU B 372 38.37 9.81 20.60
CA GLU B 372 37.65 8.53 20.52
C GLU B 372 38.51 7.28 20.82
N PRO B 373 39.12 7.19 22.02
CA PRO B 373 39.77 5.95 22.45
C PRO B 373 38.70 4.91 22.79
N ARG B 374 38.90 3.69 22.35
CA ARG B 374 37.86 2.67 22.47
C ARG B 374 38.31 1.46 23.30
N ALA B 375 39.15 0.62 22.71
CA ALA B 375 39.42 -0.69 23.28
C ALA B 375 40.80 -0.74 23.87
N ILE B 376 40.94 -1.44 25.00
CA ILE B 376 42.21 -1.53 25.71
C ILE B 376 42.47 -2.96 26.18
N ALA B 377 43.71 -3.40 26.04
CA ALA B 377 44.13 -4.74 26.44
C ALA B 377 45.54 -4.70 27.04
N VAL B 378 45.78 -5.50 28.08
CA VAL B 378 47.07 -5.51 28.78
C VAL B 378 47.88 -6.81 28.60
N ASP B 379 49.21 -6.66 28.55
CA ASP B 379 50.16 -7.78 28.49
C ASP B 379 51.03 -7.68 29.75
N PRO B 380 50.53 -8.22 30.88
CA PRO B 380 51.23 -7.96 32.13
C PRO B 380 52.53 -8.72 32.32
N LEU B 381 52.78 -9.73 31.47
CA LEU B 381 54.03 -10.49 31.55
C LEU B 381 55.24 -9.70 31.04
N ARG B 382 55.01 -8.75 30.13
CA ARG B 382 56.07 -7.92 29.56
C ARG B 382 55.87 -6.42 29.84
N GLY B 383 54.81 -6.09 30.57
CA GLY B 383 54.62 -4.75 31.11
C GLY B 383 53.99 -3.73 30.17
N PHE B 384 53.25 -4.20 29.17
CA PHE B 384 52.65 -3.31 28.19
C PHE B 384 51.14 -3.21 28.24
N MET B 385 50.60 -2.16 27.61
CA MET B 385 49.18 -2.03 27.33
C MET B 385 48.99 -1.52 25.90
N TYR B 386 47.91 -1.96 25.27
CA TYR B 386 47.63 -1.61 23.90
C TYR B 386 46.21 -1.05 23.84
N TRP B 387 45.96 -0.12 22.93
CA TRP B 387 44.61 0.42 22.74
C TRP B 387 44.36 0.95 21.34
N SER B 388 43.10 1.23 21.05
CA SER B 388 42.68 1.70 19.74
C SER B 388 42.02 3.06 19.86
N ASP B 389 42.08 3.86 18.80
CA ASP B 389 41.14 4.97 18.68
C ASP B 389 40.79 5.30 17.24
N TRP B 390 39.52 5.67 17.03
CA TRP B 390 38.96 5.94 15.71
C TRP B 390 38.65 7.42 15.46
N GLY B 391 39.42 8.30 16.10
CA GLY B 391 39.40 9.73 15.78
C GLY B 391 39.85 9.94 14.34
N ASP B 392 39.90 11.20 13.90
CA ASP B 392 40.27 11.49 12.52
C ASP B 392 41.55 10.78 12.09
N GLN B 393 42.49 10.66 13.02
CA GLN B 393 43.71 9.90 12.80
C GLN B 393 43.61 8.62 13.61
N ALA B 394 43.29 7.53 12.94
CA ALA B 394 43.07 6.23 13.62
C ALA B 394 44.38 5.53 13.95
N LYS B 395 44.47 5.04 15.18
CA LYS B 395 45.70 4.42 15.66
C LYS B 395 45.38 3.15 16.44
N ILE B 396 46.34 2.25 16.43
CA ILE B 396 46.54 1.37 17.56
C ILE B 396 47.84 1.84 18.20
N GLU B 397 47.77 2.22 19.47
CA GLU B 397 48.94 2.70 20.23
C GLU B 397 49.38 1.68 21.28
N LYS B 398 50.57 1.90 21.82
CA LYS B 398 51.22 0.96 22.74
C LYS B 398 52.00 1.79 23.77
N SER B 399 51.91 1.44 25.04
CA SER B 399 52.72 2.08 26.07
C SER B 399 53.01 1.09 27.19
N GLY B 400 53.84 1.51 28.14
CA GLY B 400 54.09 0.70 29.32
C GLY B 400 52.86 0.70 30.20
N LEU B 401 52.77 -0.30 31.07
CA LEU B 401 51.67 -0.38 32.04
C LEU B 401 51.71 0.73 33.10
N ASN B 402 52.85 1.40 33.19
CA ASN B 402 53.01 2.60 34.02
C ASN B 402 52.79 3.84 33.18
N GLY B 403 52.52 3.64 31.89
CA GLY B 403 52.14 4.72 31.02
C GLY B 403 53.30 5.59 30.60
N VAL B 404 54.45 4.96 30.39
CA VAL B 404 55.57 5.62 29.75
C VAL B 404 55.86 4.92 28.43
N ASP B 405 56.66 5.57 27.57
CA ASP B 405 57.18 4.95 26.35
C ASP B 405 56.09 4.70 25.30
N ARG B 406 55.12 5.62 25.25
CA ARG B 406 53.99 5.57 24.31
C ARG B 406 54.44 5.69 22.85
N GLN B 407 54.04 4.71 22.04
CA GLN B 407 54.34 4.75 20.61
C GLN B 407 53.12 4.31 19.79
N THR B 408 53.01 4.84 18.57
CA THR B 408 52.00 4.38 17.62
C THR B 408 52.49 3.09 16.99
N LEU B 409 51.57 2.16 16.79
CA LEU B 409 51.89 0.82 16.33
C LEU B 409 51.29 0.57 14.95
N VAL B 410 50.19 1.24 14.66
CA VAL B 410 49.47 1.16 13.38
C VAL B 410 48.87 2.53 13.08
N SER B 411 49.10 3.02 11.86
CA SER B 411 48.44 4.25 11.37
C SER B 411 48.09 4.29 9.86
N ASP B 412 48.36 3.18 9.14
CA ASP B 412 48.02 3.06 7.71
C ASP B 412 46.91 2.03 7.47
N ASN B 413 46.07 2.26 6.47
CA ASN B 413 44.86 1.45 6.22
C ASN B 413 44.09 1.20 7.51
N ILE B 414 43.71 2.29 8.19
CA ILE B 414 43.03 2.16 9.48
C ILE B 414 42.02 3.29 9.64
N GLU B 415 40.74 2.92 9.71
CA GLU B 415 39.64 3.88 9.73
C GLU B 415 38.89 3.93 11.05
N TRP B 416 38.35 2.78 11.43
CA TRP B 416 37.38 2.65 12.51
C TRP B 416 37.74 1.39 13.30
N PRO B 417 38.96 1.35 13.88
CA PRO B 417 39.35 0.14 14.61
C PRO B 417 38.80 0.22 16.02
N ASN B 418 37.98 -0.76 16.42
CA ASN B 418 37.31 -0.62 17.71
C ASN B 418 37.15 -1.92 18.49
N GLY B 419 38.08 -2.83 18.29
CA GLY B 419 38.14 -4.10 18.99
C GLY B 419 39.57 -4.56 18.90
N ILE B 420 40.10 -5.06 20.01
CA ILE B 420 41.52 -5.38 20.08
C ILE B 420 41.67 -6.52 21.08
N THR B 421 42.52 -7.48 20.73
CA THR B 421 42.83 -8.62 21.61
C THR B 421 44.23 -9.14 21.35
N LEU B 422 44.85 -9.71 22.39
CA LEU B 422 46.22 -10.19 22.32
C LEU B 422 46.34 -11.71 22.43
N ASP B 423 47.21 -12.28 21.60
CA ASP B 423 47.76 -13.59 21.85
C ASP B 423 49.11 -13.39 22.54
N LEU B 424 49.12 -13.58 23.85
CA LEU B 424 50.25 -13.26 24.72
C LEU B 424 51.49 -14.10 24.51
N LEU B 425 51.31 -15.34 24.07
CA LEU B 425 52.41 -16.30 24.03
C LEU B 425 53.18 -16.23 22.72
N SER B 426 52.45 -16.13 21.61
CA SER B 426 53.09 -15.95 20.30
C SER B 426 53.15 -14.47 19.92
N GLN B 427 53.00 -13.61 20.92
CA GLN B 427 53.21 -12.16 20.82
C GLN B 427 52.59 -11.56 19.56
N ARG B 428 51.26 -11.64 19.51
CA ARG B 428 50.50 -11.25 18.32
C ARG B 428 49.22 -10.51 18.71
N LEU B 429 48.95 -9.39 18.03
CA LEU B 429 47.77 -8.54 18.30
C LEU B 429 46.72 -8.58 17.19
N TYR B 430 45.45 -8.72 17.59
CA TYR B 430 44.32 -8.82 16.67
C TYR B 430 43.34 -7.65 16.81
N TRP B 431 42.96 -7.06 15.66
CA TRP B 431 41.99 -5.95 15.64
C TRP B 431 40.90 -6.07 14.57
N VAL B 432 39.76 -5.42 14.81
CA VAL B 432 38.70 -5.32 13.78
C VAL B 432 38.46 -3.86 13.38
N ASP B 433 38.17 -3.65 12.10
CA ASP B 433 37.94 -2.29 11.59
C ASP B 433 36.53 -2.17 11.01
N SER B 434 35.67 -1.42 11.70
CA SER B 434 34.25 -1.31 11.33
C SER B 434 33.96 -0.65 9.97
N LYS B 435 34.86 0.21 9.51
CA LYS B 435 34.66 0.87 8.22
C LYS B 435 35.27 0.04 7.10
N LEU B 436 36.57 -0.25 7.19
CA LEU B 436 37.28 -1.05 6.19
C LEU B 436 36.84 -2.52 6.14
N HIS B 437 35.91 -2.89 7.01
CA HIS B 437 35.34 -4.25 7.05
C HIS B 437 36.36 -5.39 7.19
N GLN B 438 37.46 -5.15 7.90
CA GLN B 438 38.55 -6.12 7.98
C GLN B 438 38.79 -6.68 9.37
N LEU B 439 39.43 -7.85 9.41
CA LEU B 439 40.00 -8.42 10.62
C LEU B 439 41.47 -8.69 10.36
N SER B 440 42.34 -7.97 11.07
CA SER B 440 43.78 -8.01 10.81
C SER B 440 44.59 -8.41 12.05
N SER B 441 45.88 -8.63 11.86
CA SER B 441 46.82 -8.97 12.93
C SER B 441 48.18 -8.31 12.73
N ILE B 442 48.91 -8.13 13.84
CA ILE B 442 50.24 -7.50 13.83
C ILE B 442 51.12 -8.02 14.98
N ASP B 443 52.42 -8.00 14.80
CA ASP B 443 53.36 -8.33 15.88
C ASP B 443 53.31 -7.25 16.97
N PHE B 444 53.55 -7.64 18.21
CA PHE B 444 53.64 -6.68 19.33
C PHE B 444 54.63 -5.56 18.98
N SER B 445 55.66 -5.90 18.21
CA SER B 445 56.66 -4.96 17.72
C SER B 445 56.11 -3.99 16.67
N GLY B 446 55.15 -4.46 15.87
CA GLY B 446 54.46 -3.62 14.89
C GLY B 446 54.62 -4.00 13.42
N GLY B 447 55.32 -5.10 13.16
CA GLY B 447 55.52 -5.57 11.79
C GLY B 447 54.83 -6.89 11.52
N ASN B 448 55.11 -7.51 10.38
CA ASN B 448 54.46 -8.76 9.95
C ASN B 448 52.95 -8.64 9.95
N ARG B 449 52.47 -7.50 9.46
CA ARG B 449 51.05 -7.19 9.47
C ARG B 449 50.30 -8.03 8.43
N LYS B 450 49.12 -8.52 8.82
CA LYS B 450 48.38 -9.48 8.01
C LYS B 450 46.86 -9.21 8.05
N THR B 451 46.26 -9.04 6.86
CA THR B 451 44.82 -8.89 6.74
C THR B 451 44.18 -10.27 6.67
N LEU B 452 43.73 -10.77 7.80
CA LEU B 452 43.20 -12.14 7.89
C LEU B 452 41.88 -12.33 7.17
N ILE B 453 40.93 -11.41 7.40
CA ILE B 453 39.59 -11.52 6.86
C ILE B 453 39.15 -10.16 6.30
N SER B 454 38.57 -10.18 5.11
CA SER B 454 38.16 -8.94 4.45
C SER B 454 36.78 -9.09 3.82
N SER B 455 35.80 -9.47 4.63
CA SER B 455 34.45 -9.74 4.16
C SER B 455 33.42 -8.70 4.59
N THR B 456 32.89 -7.94 3.64
CA THR B 456 31.84 -6.94 3.95
C THR B 456 30.50 -7.59 4.33
N ASP B 457 30.41 -8.90 4.15
CA ASP B 457 29.20 -9.64 4.54
C ASP B 457 29.23 -10.03 6.02
N PHE B 458 30.38 -10.54 6.46
CA PHE B 458 30.54 -11.07 7.83
C PHE B 458 31.12 -10.06 8.81
N LEU B 459 31.68 -8.98 8.27
CA LEU B 459 32.23 -7.88 9.05
C LEU B 459 31.59 -6.58 8.59
N SER B 460 30.28 -6.47 8.79
CA SER B 460 29.53 -5.27 8.37
C SER B 460 29.78 -4.12 9.35
N HIS B 461 29.48 -4.35 10.62
CA HIS B 461 29.85 -3.45 11.72
C HIS B 461 30.30 -4.26 12.94
N PRO B 462 31.55 -4.76 12.93
CA PRO B 462 32.07 -5.57 14.02
C PRO B 462 32.49 -4.71 15.22
N PHE B 463 32.55 -5.31 16.41
CA PHE B 463 32.84 -4.56 17.63
C PHE B 463 33.85 -5.27 18.55
N GLY B 464 33.36 -6.25 19.30
CA GLY B 464 34.20 -7.07 20.19
C GLY B 464 34.96 -8.13 19.43
N ILE B 465 36.10 -8.56 19.99
CA ILE B 465 36.95 -9.56 19.35
C ILE B 465 37.61 -10.42 20.43
N ALA B 466 37.81 -11.71 20.15
CA ALA B 466 38.39 -12.65 21.12
C ALA B 466 39.17 -13.75 20.42
N VAL B 467 40.10 -14.39 21.13
CA VAL B 467 40.98 -15.40 20.54
C VAL B 467 41.21 -16.59 21.48
N PHE B 468 41.09 -17.82 20.96
CA PHE B 468 41.43 -19.02 21.74
C PHE B 468 41.78 -20.22 20.87
N GLU B 469 42.87 -20.89 21.23
CA GLU B 469 43.41 -22.04 20.48
C GLU B 469 43.57 -21.69 18.99
N ASP B 470 42.75 -22.28 18.13
CA ASP B 470 42.89 -22.09 16.68
C ASP B 470 41.90 -21.10 16.08
N LYS B 471 40.89 -20.72 16.88
CA LYS B 471 39.80 -19.89 16.39
C LYS B 471 39.85 -18.43 16.87
N VAL B 472 39.44 -17.51 15.98
CA VAL B 472 39.11 -16.12 16.37
C VAL B 472 37.59 -15.92 16.42
N PHE B 473 37.12 -15.20 17.45
CA PHE B 473 35.71 -14.81 17.57
C PHE B 473 35.55 -13.29 17.46
N TRP B 474 34.36 -12.86 17.02
CA TRP B 474 34.02 -11.44 16.97
C TRP B 474 32.51 -11.23 17.00
N THR B 475 32.08 -10.05 17.43
CA THR B 475 30.65 -9.70 17.37
C THR B 475 30.40 -8.72 16.23
N ASP B 476 29.23 -8.84 15.60
CA ASP B 476 28.81 -7.92 14.55
C ASP B 476 27.48 -7.29 14.94
N LEU B 477 27.37 -5.99 14.66
CA LEU B 477 26.20 -5.20 15.01
C LEU B 477 25.14 -5.18 13.91
N GLU B 478 25.56 -5.29 12.66
CA GLU B 478 24.62 -5.36 11.54
C GLU B 478 24.03 -6.75 11.37
N ASN B 479 24.83 -7.77 11.65
CA ASN B 479 24.37 -9.15 11.51
C ASN B 479 23.77 -9.71 12.80
N GLU B 480 23.74 -8.88 13.84
CA GLU B 480 23.16 -9.25 15.14
C GLU B 480 23.63 -10.63 15.65
N ALA B 481 24.94 -10.85 15.62
CA ALA B 481 25.50 -12.19 15.87
C ALA B 481 26.98 -12.25 16.32
N ILE B 482 27.39 -13.39 16.87
CA ILE B 482 28.80 -13.70 17.14
C ILE B 482 29.32 -14.77 16.15
N PHE B 483 30.38 -14.45 15.42
CA PHE B 483 30.98 -15.37 14.46
C PHE B 483 32.25 -16.00 15.00
N SER B 484 32.63 -17.16 14.45
CA SER B 484 33.96 -17.73 14.69
C SER B 484 34.66 -17.92 13.35
N ALA B 485 35.96 -18.23 13.39
CA ALA B 485 36.77 -18.44 12.19
C ALA B 485 38.13 -19.01 12.55
N ASN B 486 38.78 -19.67 11.58
CA ASN B 486 40.15 -20.13 11.76
C ASN B 486 41.10 -18.96 11.60
N ARG B 487 41.86 -18.68 12.66
CA ARG B 487 42.67 -17.46 12.76
C ARG B 487 44.04 -17.56 12.10
N LEU B 488 44.31 -18.70 11.49
CA LEU B 488 45.57 -18.92 10.79
C LEU B 488 45.44 -18.52 9.31
N ASN B 489 44.38 -18.97 8.67
CA ASN B 489 44.15 -18.70 7.25
C ASN B 489 43.14 -17.57 7.03
N GLY B 490 42.10 -17.55 7.85
CA GLY B 490 40.98 -16.63 7.70
C GLY B 490 39.71 -17.31 7.20
N LEU B 491 39.76 -18.64 7.09
CA LEU B 491 38.68 -19.44 6.54
C LEU B 491 37.85 -20.11 7.63
N GLU B 492 36.94 -20.99 7.20
CA GLU B 492 36.07 -21.77 8.08
C GLU B 492 35.15 -20.89 8.93
N ILE B 493 34.65 -19.80 8.34
CA ILE B 493 33.79 -18.85 9.07
C ILE B 493 32.45 -19.46 9.46
N SER B 494 32.31 -19.81 10.73
CA SER B 494 31.05 -20.32 11.26
C SER B 494 30.23 -19.16 11.87
N ILE B 495 29.08 -19.48 12.46
CA ILE B 495 28.21 -18.50 13.09
C ILE B 495 27.71 -19.02 14.44
N LEU B 496 28.35 -18.56 15.51
CA LEU B 496 28.28 -19.20 16.84
C LEU B 496 26.97 -18.97 17.61
N ALA B 497 26.44 -17.76 17.52
CA ALA B 497 25.11 -17.45 18.04
C ALA B 497 24.60 -16.27 17.24
N GLU B 498 23.28 -16.15 17.12
CA GLU B 498 22.70 -15.03 16.41
C GLU B 498 21.44 -14.55 17.11
N ASN B 499 20.64 -13.72 16.43
CA ASN B 499 19.42 -13.18 17.02
C ASN B 499 19.78 -12.43 18.32
N LEU B 500 20.78 -11.56 18.22
CA LEU B 500 21.32 -10.77 19.33
C LEU B 500 21.22 -9.31 18.98
N ASN B 501 20.43 -8.53 19.71
CA ASN B 501 20.16 -7.16 19.28
C ASN B 501 21.31 -6.17 19.38
N ASN B 502 22.03 -6.15 20.50
CA ASN B 502 23.17 -5.23 20.68
C ASN B 502 24.46 -5.93 21.16
N PRO B 503 25.04 -6.83 20.34
CA PRO B 503 26.16 -7.59 20.85
C PRO B 503 27.46 -6.82 20.72
N HIS B 504 27.95 -6.32 21.86
CA HIS B 504 29.12 -5.46 21.87
C HIS B 504 30.42 -6.17 22.21
N ASP B 505 30.76 -6.31 23.48
CA ASP B 505 32.11 -6.74 23.85
C ASP B 505 32.15 -8.21 24.27
N ILE B 506 33.25 -8.87 23.92
CA ILE B 506 33.38 -10.32 24.10
C ILE B 506 34.74 -10.75 24.68
N VAL B 507 34.71 -11.61 25.70
CA VAL B 507 35.94 -12.18 26.28
C VAL B 507 35.86 -13.70 26.38
N ILE B 508 37.00 -14.36 26.16
CA ILE B 508 37.16 -15.80 26.42
C ILE B 508 37.45 -15.97 27.91
N PHE B 509 36.56 -16.67 28.62
CA PHE B 509 36.83 -17.03 30.01
C PHE B 509 37.51 -18.40 30.09
N HIS B 510 38.84 -18.38 30.26
CA HIS B 510 39.59 -19.60 30.44
C HIS B 510 40.94 -19.37 31.10
N GLU B 511 41.19 -20.17 32.13
CA GLU B 511 42.44 -20.23 32.88
C GLU B 511 43.72 -19.96 32.07
N LEU B 512 43.77 -20.44 30.84
CA LEU B 512 44.99 -20.31 30.04
C LEU B 512 45.15 -18.96 29.35
N LYS B 513 44.10 -18.15 29.34
CA LYS B 513 44.19 -16.80 28.78
C LYS B 513 44.89 -15.87 29.75
N GLN B 514 44.96 -16.28 31.02
CA GLN B 514 45.56 -15.47 32.09
C GLN B 514 46.66 -16.21 32.86
N PRO B 515 47.82 -16.45 32.22
CA PRO B 515 48.95 -17.13 32.87
C PRO B 515 49.39 -16.48 34.18
N ARG B 516 49.84 -17.32 35.12
CA ARG B 516 50.45 -16.87 36.38
C ARG B 516 51.82 -16.27 36.10
N ALA B 517 52.13 -15.17 36.79
CA ALA B 517 53.43 -14.49 36.69
C ALA B 517 53.79 -13.82 38.01
N PRO B 518 55.10 -13.66 38.29
CA PRO B 518 55.52 -12.96 39.51
C PRO B 518 55.20 -11.47 39.48
N ASP B 519 54.75 -10.95 40.63
CA ASP B 519 54.47 -9.53 40.83
C ASP B 519 55.66 -8.91 41.58
N ALA B 520 56.43 -8.07 40.89
CA ALA B 520 57.65 -7.48 41.44
C ALA B 520 57.40 -6.51 42.61
N CYS B 521 56.26 -5.82 42.60
CA CYS B 521 55.84 -4.96 43.71
C CYS B 521 55.58 -5.74 45.00
N GLU B 522 55.81 -7.06 44.97
CA GLU B 522 55.62 -7.93 46.12
C GLU B 522 56.83 -8.79 46.47
N LEU B 523 57.71 -9.00 45.48
CA LEU B 523 59.02 -9.61 45.74
C LEU B 523 60.02 -8.48 45.94
N SER B 524 59.75 -7.61 46.91
CA SER B 524 60.50 -6.36 47.03
C SER B 524 60.98 -6.10 48.45
N VAL B 525 62.11 -5.41 48.58
CA VAL B 525 62.69 -5.03 49.88
C VAL B 525 61.61 -4.38 50.76
N GLN B 526 61.09 -3.25 50.31
CA GLN B 526 59.94 -2.61 50.94
C GLN B 526 58.63 -3.15 50.36
N PRO B 527 57.60 -3.32 51.21
CA PRO B 527 56.22 -3.53 50.75
C PRO B 527 55.81 -2.56 49.64
N ASN B 528 54.95 -3.04 48.75
CA ASN B 528 54.43 -2.23 47.66
C ASN B 528 55.52 -1.47 46.89
N GLY B 529 56.71 -2.08 46.84
CA GLY B 529 57.86 -1.50 46.12
C GLY B 529 58.35 -0.17 46.67
N GLY B 530 58.03 0.13 47.92
CA GLY B 530 58.41 1.40 48.51
C GLY B 530 57.38 2.50 48.35
N CYS B 531 56.47 2.33 47.39
CA CYS B 531 55.56 3.41 46.98
C CYS B 531 54.55 3.79 48.05
N GLU B 532 54.16 5.06 48.06
CA GLU B 532 53.18 5.58 49.01
C GLU B 532 51.77 5.45 48.46
N TYR B 533 51.64 5.46 47.13
CA TYR B 533 50.33 5.36 46.47
C TYR B 533 50.24 4.16 45.52
N LEU B 534 50.65 4.33 44.26
CA LEU B 534 50.56 3.26 43.26
C LEU B 534 51.89 2.66 42.86
N CYS B 535 51.92 1.34 42.71
CA CYS B 535 53.08 0.65 42.16
C CYS B 535 52.70 0.09 40.79
N LEU B 536 53.22 0.69 39.73
CA LEU B 536 52.86 0.27 38.38
C LEU B 536 54.00 -0.47 37.70
N PRO B 537 53.68 -1.63 37.09
CA PRO B 537 54.72 -2.40 36.38
C PRO B 537 55.34 -1.60 35.23
N ALA B 538 56.65 -1.70 35.06
CA ALA B 538 57.37 -0.99 34.00
C ALA B 538 57.52 -1.86 32.76
N PRO B 539 57.70 -1.24 31.58
CA PRO B 539 57.92 -2.02 30.37
C PRO B 539 59.32 -2.62 30.30
N GLN B 540 59.39 -3.92 30.11
CA GLN B 540 60.68 -4.59 29.97
C GLN B 540 61.18 -4.45 28.55
N ILE B 541 62.16 -3.56 28.36
CA ILE B 541 62.76 -3.29 27.04
C ILE B 541 64.13 -3.99 26.94
N SER B 542 65.01 -3.75 27.90
CA SER B 542 66.18 -4.61 28.10
C SER B 542 65.86 -5.66 29.17
N SER B 543 66.69 -6.70 29.29
CA SER B 543 66.50 -7.75 30.31
C SER B 543 66.63 -7.18 31.71
N HIS B 544 67.50 -6.19 31.87
CA HIS B 544 67.52 -5.35 33.06
C HIS B 544 66.98 -3.96 32.76
N SER B 545 65.66 -3.84 32.81
CA SER B 545 64.97 -2.56 32.93
C SER B 545 64.64 -2.42 34.41
N PRO B 546 64.11 -1.25 34.83
CA PRO B 546 63.39 -1.23 36.10
C PRO B 546 62.18 -2.16 36.01
N LYS B 547 61.82 -2.81 37.12
CA LYS B 547 60.67 -3.72 37.11
C LYS B 547 59.35 -3.02 37.44
N TYR B 548 59.45 -1.87 38.10
CA TYR B 548 58.28 -1.07 38.45
C TYR B 548 58.65 0.38 38.68
N THR B 549 57.65 1.23 38.94
CA THR B 549 57.84 2.65 39.22
C THR B 549 56.62 3.13 39.99
N CYS B 550 56.78 4.10 40.87
CA CYS B 550 55.65 4.57 41.66
C CYS B 550 54.86 5.63 40.92
N ALA B 551 53.66 5.91 41.41
CA ALA B 551 52.78 6.88 40.78
C ALA B 551 51.96 7.52 41.88
N CYS B 552 51.58 8.78 41.68
CA CYS B 552 50.86 9.56 42.69
C CYS B 552 49.47 9.91 42.20
N PRO B 553 48.59 10.36 43.11
CA PRO B 553 47.27 10.85 42.71
C PRO B 553 47.34 11.87 41.57
N ASP B 554 46.20 12.27 41.03
CA ASP B 554 46.21 13.22 39.92
C ASP B 554 46.52 14.62 40.40
N THR B 555 46.33 14.87 41.69
CA THR B 555 46.52 16.20 42.27
C THR B 555 47.79 16.30 43.14
N MET B 556 48.80 15.49 42.81
CA MET B 556 50.03 15.40 43.61
C MET B 556 51.21 15.01 42.73
N TRP B 557 52.43 15.24 43.21
CA TRP B 557 53.62 14.95 42.41
C TRP B 557 54.57 13.99 43.11
N LEU B 558 55.23 13.17 42.31
CA LEU B 558 56.22 12.24 42.83
C LEU B 558 57.45 13.02 43.26
N GLY B 559 57.88 12.81 44.50
CA GLY B 559 59.07 13.48 45.06
C GLY B 559 60.40 13.01 44.51
N PRO B 560 61.51 13.55 45.04
CA PRO B 560 62.81 13.25 44.46
C PRO B 560 63.36 11.87 44.88
N ASP B 561 62.84 11.31 45.98
CA ASP B 561 63.16 9.94 46.39
C ASP B 561 62.58 8.93 45.41
N MET B 562 61.71 9.41 44.52
CA MET B 562 61.02 8.61 43.50
C MET B 562 59.91 7.72 44.07
N LYS B 563 59.57 7.92 45.35
CA LYS B 563 58.71 6.98 46.11
C LYS B 563 57.63 7.62 46.98
N ARG B 564 57.83 8.88 47.39
CA ARG B 564 56.85 9.58 48.22
C ARG B 564 55.99 10.53 47.35
N CYS B 565 54.80 10.88 47.83
CA CYS B 565 53.92 11.85 47.15
C CYS B 565 54.00 13.22 47.82
N TYR B 566 54.26 14.27 47.04
CA TYR B 566 54.28 15.64 47.58
C TYR B 566 53.02 16.39 47.21
N ARG B 567 52.42 17.00 48.23
CA ARG B 567 51.25 17.88 48.10
C ARG B 567 51.51 19.13 47.25
N ALA B 568 50.48 19.89 46.92
CA ALA B 568 50.64 21.05 46.04
C ALA B 568 51.07 22.36 46.72
N PRO C 10 -72.98 58.00 6.70
CA PRO C 10 -72.97 56.57 6.35
C PRO C 10 -72.13 55.74 7.32
N VAL C 11 -72.35 54.42 7.33
CA VAL C 11 -71.66 53.50 8.26
C VAL C 11 -70.47 52.75 7.63
N LEU C 12 -70.59 52.38 6.36
CA LEU C 12 -69.51 51.69 5.64
C LEU C 12 -69.52 51.95 4.12
N LEU C 13 -68.36 51.76 3.49
CA LEU C 13 -68.19 51.90 2.04
C LEU C 13 -67.61 50.59 1.46
N LEU C 14 -68.25 50.05 0.43
CA LEU C 14 -68.04 48.65 0.03
C LEU C 14 -67.61 48.41 -1.44
N ASP C 15 -67.20 49.47 -2.12
CA ASP C 15 -66.97 49.47 -3.58
C ASP C 15 -65.79 48.60 -4.09
N THR C 16 -66.08 47.77 -5.10
CA THR C 16 -65.09 46.87 -5.73
C THR C 16 -64.74 47.22 -7.18
N PHE C 17 -65.62 47.98 -7.84
CA PHE C 17 -65.57 48.24 -9.30
C PHE C 17 -65.87 47.00 -10.14
N ASP C 18 -66.22 45.90 -9.48
CA ASP C 18 -66.36 44.58 -10.14
C ASP C 18 -67.63 44.42 -11.01
N PHE C 19 -68.51 45.43 -10.96
CA PHE C 19 -69.64 45.52 -11.89
C PHE C 19 -69.65 46.90 -12.55
N GLY C 20 -70.08 47.92 -11.81
CA GLY C 20 -70.06 49.29 -12.28
C GLY C 20 -69.46 50.24 -11.27
N PRO C 21 -69.30 51.53 -11.64
CA PRO C 21 -68.88 52.56 -10.69
C PRO C 21 -70.03 52.98 -9.76
N ARG C 22 -69.72 53.75 -8.72
CA ARG C 22 -70.75 54.17 -7.76
C ARG C 22 -70.88 55.69 -7.62
N GLU C 23 -72.07 56.14 -7.23
CA GLU C 23 -72.32 57.56 -6.99
C GLU C 23 -72.32 57.86 -5.49
N ASP C 24 -73.08 57.06 -4.73
CA ASP C 24 -73.29 57.29 -3.30
C ASP C 24 -72.03 57.12 -2.43
N ASN C 25 -70.99 56.52 -3.01
CA ASN C 25 -69.70 56.35 -2.32
C ASN C 25 -68.76 57.50 -2.63
N TRP C 26 -68.85 58.01 -3.86
CA TRP C 26 -67.78 58.82 -4.44
C TRP C 26 -68.16 60.27 -4.76
N PHE C 27 -67.25 61.15 -4.41
CA PHE C 27 -67.46 62.59 -4.54
C PHE C 27 -67.07 63.08 -5.95
N PHE C 28 -65.79 62.96 -6.29
CA PHE C 28 -65.20 63.71 -7.39
C PHE C 28 -63.81 63.12 -7.68
N TYR C 29 -63.41 63.14 -8.96
CA TYR C 29 -62.08 62.63 -9.34
C TYR C 29 -61.67 63.07 -10.74
N PRO C 30 -60.52 63.74 -10.86
CA PRO C 30 -60.01 64.11 -12.18
C PRO C 30 -59.37 62.93 -12.90
N GLY C 31 -59.98 62.55 -14.01
CA GLY C 31 -59.41 61.58 -14.94
C GLY C 31 -59.37 60.12 -14.56
N GLY C 32 -60.34 59.68 -13.76
CA GLY C 32 -60.49 58.26 -13.48
C GLY C 32 -61.37 57.60 -14.51
N ASN C 33 -60.81 56.64 -15.25
CA ASN C 33 -61.58 55.73 -16.09
C ASN C 33 -61.70 54.42 -15.34
N ILE C 34 -62.78 53.68 -15.57
CA ILE C 34 -62.85 52.29 -15.14
C ILE C 34 -62.12 51.45 -16.21
N GLY C 35 -61.60 50.30 -15.80
CA GLY C 35 -60.82 49.44 -16.69
C GLY C 35 -59.80 48.57 -15.99
N LEU C 36 -58.88 48.01 -16.77
CA LEU C 36 -57.90 47.05 -16.27
C LEU C 36 -56.48 47.63 -16.33
N TYR C 37 -55.79 47.63 -15.18
CA TYR C 37 -54.39 48.05 -15.11
C TYR C 37 -53.50 46.97 -14.50
N CYS C 38 -52.46 46.61 -15.27
CA CYS C 38 -51.52 45.54 -14.94
C CYS C 38 -52.19 44.23 -14.53
N PRO C 39 -52.73 43.50 -15.53
CA PRO C 39 -53.22 42.16 -15.28
C PRO C 39 -52.07 41.15 -15.24
N TYR C 40 -50.95 41.51 -15.86
CA TYR C 40 -49.88 40.56 -16.21
C TYR C 40 -49.27 39.74 -15.07
N SER C 41 -49.58 38.45 -15.09
CA SER C 41 -48.87 37.47 -14.30
C SER C 41 -48.01 36.69 -15.28
N SER C 42 -46.70 36.69 -15.03
CA SER C 42 -45.78 35.80 -15.75
C SER C 42 -45.92 34.38 -15.21
N LYS C 43 -46.51 34.28 -14.01
CA LYS C 43 -46.78 32.99 -13.38
C LYS C 43 -48.03 32.30 -13.93
N GLY C 44 -48.86 33.05 -14.67
CA GLY C 44 -50.01 32.45 -15.35
C GLY C 44 -51.37 32.99 -14.98
N ALA C 45 -51.67 33.08 -13.68
CA ALA C 45 -52.98 33.54 -13.21
C ALA C 45 -53.00 35.06 -13.02
N PRO C 46 -53.71 35.78 -13.91
CA PRO C 46 -53.62 37.25 -14.00
C PRO C 46 -54.63 38.02 -13.14
N GLU C 47 -54.32 39.29 -12.87
CA GLU C 47 -55.21 40.21 -12.13
C GLU C 47 -56.27 40.78 -13.08
N GLU C 48 -57.51 40.29 -12.94
CA GLU C 48 -58.58 40.61 -13.89
C GLU C 48 -59.74 41.46 -13.30
N ASP C 49 -59.73 41.68 -11.98
CA ASP C 49 -60.70 42.59 -11.37
C ASP C 49 -60.64 43.96 -12.02
N SER C 50 -61.80 44.51 -12.41
CA SER C 50 -61.84 45.86 -12.99
C SER C 50 -61.57 46.91 -11.91
N ALA C 51 -60.84 47.96 -12.29
CA ALA C 51 -60.19 48.86 -11.34
C ALA C 51 -60.19 50.33 -11.77
N VAL C 53 -58.47 53.35 -12.76
CA VAL C 53 -57.19 53.70 -13.38
C VAL C 53 -57.05 55.19 -13.72
N PHE C 54 -55.86 55.73 -13.47
CA PHE C 54 -55.54 57.14 -13.74
C PHE C 54 -54.38 57.27 -14.72
N VAL C 55 -54.69 57.15 -16.01
CA VAL C 55 -53.66 57.17 -17.07
C VAL C 55 -52.76 58.41 -17.06
N SER C 56 -51.50 58.21 -17.44
CA SER C 56 -50.50 59.28 -17.46
C SER C 56 -50.72 60.25 -18.63
N ASN C 57 -51.49 59.80 -19.63
CA ASN C 57 -51.91 60.67 -20.73
C ASN C 57 -53.21 61.37 -20.33
N GLU C 58 -53.14 62.12 -19.23
CA GLU C 58 -54.27 62.87 -18.71
C GLU C 58 -53.87 64.33 -18.58
N VAL C 59 -54.52 65.16 -19.38
CA VAL C 59 -54.36 66.62 -19.32
C VAL C 59 -55.27 67.16 -18.21
N GLY C 60 -54.66 67.58 -17.10
CA GLY C 60 -55.41 68.04 -15.93
C GLY C 60 -54.94 67.44 -14.62
N GLU C 61 -55.86 66.87 -13.86
CA GLU C 61 -55.56 66.37 -12.52
C GLU C 61 -55.89 64.88 -12.33
N HIS C 62 -55.02 64.19 -11.58
CA HIS C 62 -55.18 62.77 -11.25
C HIS C 62 -55.43 62.63 -9.75
N SER C 63 -56.66 62.29 -9.37
CA SER C 63 -57.03 62.07 -7.95
C SER C 63 -58.43 61.47 -7.79
N ILE C 64 -58.78 61.13 -6.54
CA ILE C 64 -60.13 60.62 -6.20
C ILE C 64 -60.47 60.94 -4.74
N THR C 65 -61.76 61.22 -4.49
CA THR C 65 -62.25 61.64 -3.16
C THR C 65 -63.54 60.90 -2.75
N THR C 66 -63.62 60.49 -1.48
CA THR C 66 -64.84 59.88 -0.92
C THR C 66 -65.84 60.97 -0.51
N ARG C 67 -67.10 60.56 -0.32
CA ARG C 67 -68.08 61.41 0.35
C ARG C 67 -67.83 61.37 1.85
N ASP C 68 -68.37 62.35 2.59
CA ASP C 68 -68.19 62.46 4.04
C ASP C 68 -68.75 61.23 4.76
N LEU C 69 -67.88 60.52 5.46
CA LEU C 69 -68.26 59.29 6.17
C LEU C 69 -67.96 59.40 7.65
N SER C 70 -68.95 59.05 8.47
CA SER C 70 -68.78 58.99 9.91
C SER C 70 -67.95 57.75 10.24
N VAL C 71 -66.85 57.94 10.96
CA VAL C 71 -65.88 56.86 11.20
C VAL C 71 -65.77 56.40 12.66
N ASN C 72 -65.51 55.11 12.83
CA ASN C 72 -65.30 54.49 14.14
C ASN C 72 -63.81 54.27 14.40
N GLU C 73 -63.44 54.14 15.68
CA GLU C 73 -62.05 53.95 16.09
C GLU C 73 -61.54 52.54 15.77
N ASN C 74 -62.47 51.58 15.71
CA ASN C 74 -62.19 50.23 15.21
C ASN C 74 -62.67 50.00 13.78
N THR C 75 -62.30 50.93 12.90
CA THR C 75 -62.49 50.78 11.45
C THR C 75 -61.13 50.72 10.75
N ILE C 76 -61.15 50.45 9.45
CA ILE C 76 -59.95 50.32 8.63
C ILE C 76 -60.13 50.98 7.26
N ILE C 77 -59.01 51.27 6.59
CA ILE C 77 -59.04 51.67 5.17
C ILE C 77 -58.26 50.63 4.34
N GLN C 78 -58.87 49.45 4.22
CA GLN C 78 -58.35 48.34 3.43
C GLN C 78 -58.60 48.56 1.95
N PHE C 79 -57.56 48.39 1.14
CA PHE C 79 -57.68 48.54 -0.31
C PHE C 79 -56.48 47.92 -1.03
N GLU C 80 -56.64 47.72 -2.35
CA GLU C 80 -55.59 47.15 -3.19
C GLU C 80 -55.13 48.19 -4.19
N ILE C 81 -53.83 48.27 -4.40
CA ILE C 81 -53.21 49.38 -5.13
C ILE C 81 -52.05 48.92 -6.02
N ASN C 82 -51.91 49.56 -7.18
CA ASN C 82 -50.76 49.33 -8.05
C ASN C 82 -50.23 50.65 -8.60
N VAL C 83 -49.62 51.44 -7.72
CA VAL C 83 -48.90 52.64 -8.12
C VAL C 83 -47.60 52.24 -8.83
N GLY C 84 -47.43 52.76 -10.05
CA GLY C 84 -46.24 52.49 -10.84
C GLY C 84 -46.40 51.28 -11.73
N CYS C 85 -46.49 50.11 -11.10
CA CYS C 85 -46.39 48.81 -11.78
C CYS C 85 -45.07 48.73 -12.54
N SER C 86 -43.97 48.79 -11.79
CA SER C 86 -42.61 48.82 -12.32
C SER C 86 -41.68 48.10 -11.34
N THR C 87 -40.42 47.92 -11.75
CA THR C 87 -39.39 47.42 -10.85
C THR C 87 -38.49 48.55 -10.36
N ASP C 88 -38.50 49.66 -11.10
CA ASP C 88 -37.78 50.88 -10.74
C ASP C 88 -38.54 51.71 -9.71
N SER C 89 -37.96 51.86 -8.53
CA SER C 89 -38.54 52.71 -7.49
C SER C 89 -38.23 54.19 -7.76
N SER C 90 -39.21 55.05 -7.47
CA SER C 90 -39.08 56.50 -7.69
C SER C 90 -39.84 57.27 -6.61
N SER C 91 -39.33 58.44 -6.24
CA SER C 91 -40.03 59.35 -5.32
C SER C 91 -40.96 60.28 -6.10
N ALA C 92 -40.88 60.21 -7.42
CA ALA C 92 -41.68 61.01 -8.33
C ALA C 92 -43.16 60.60 -8.33
N ASP C 93 -44.03 61.61 -8.23
CA ASP C 93 -45.49 61.46 -8.40
C ASP C 93 -46.19 60.53 -7.38
N PRO C 94 -45.76 60.58 -6.10
CA PRO C 94 -46.24 59.57 -5.17
C PRO C 94 -47.68 59.80 -4.72
N VAL C 95 -48.48 58.73 -4.74
CA VAL C 95 -49.89 58.79 -4.35
C VAL C 95 -50.04 58.88 -2.82
N ARG C 96 -50.81 59.85 -2.36
CA ARG C 96 -51.04 60.05 -0.92
C ARG C 96 -52.47 59.76 -0.49
N LEU C 97 -52.61 59.05 0.64
CA LEU C 97 -53.92 58.84 1.25
C LEU C 97 -54.11 59.87 2.37
N GLU C 98 -54.99 60.84 2.10
CA GLU C 98 -55.22 61.99 2.97
C GLU C 98 -56.62 62.03 3.61
N PHE C 99 -56.69 62.64 4.80
CA PHE C 99 -57.96 62.87 5.49
C PHE C 99 -58.16 64.34 5.85
N SER C 100 -59.41 64.80 5.76
CA SER C 100 -59.77 66.15 6.21
C SER C 100 -60.95 66.14 7.18
N ARG C 101 -60.74 66.75 8.35
CA ARG C 101 -61.81 66.98 9.34
C ARG C 101 -62.45 68.34 9.09
N ASP C 102 -61.76 69.19 8.34
CA ASP C 102 -62.22 70.54 8.01
C ASP C 102 -63.05 70.59 6.71
N PHE C 103 -63.84 69.55 6.48
CA PHE C 103 -64.80 69.46 5.35
C PHE C 103 -64.20 69.72 3.96
N GLY C 104 -62.97 69.23 3.75
CA GLY C 104 -62.32 69.29 2.45
C GLY C 104 -61.57 70.57 2.14
N ALA C 105 -61.40 71.44 3.13
CA ALA C 105 -60.68 72.72 2.96
C ALA C 105 -59.17 72.49 2.85
N THR C 106 -58.60 71.82 3.85
CA THR C 106 -57.18 71.44 3.88
C THR C 106 -57.01 69.97 4.33
N TRP C 107 -56.13 69.26 3.64
CA TRP C 107 -55.91 67.82 3.85
C TRP C 107 -54.69 67.48 4.71
N HIS C 108 -54.76 66.33 5.39
CA HIS C 108 -53.64 65.76 6.13
C HIS C 108 -53.44 64.29 5.74
N LEU C 109 -52.19 63.85 5.63
CA LEU C 109 -51.88 62.43 5.37
C LEU C 109 -52.40 61.54 6.51
N LEU C 110 -52.98 60.39 6.16
CA LEU C 110 -53.63 59.54 7.16
C LEU C 110 -52.66 58.86 8.14
N LEU C 111 -51.69 58.10 7.62
CA LEU C 111 -50.55 57.66 8.43
C LEU C 111 -49.42 58.67 8.28
N PRO C 112 -48.81 59.06 9.42
CA PRO C 112 -47.64 59.94 9.40
C PRO C 112 -46.32 59.16 9.38
N LEU C 113 -45.29 59.74 8.75
CA LEU C 113 -43.93 59.19 8.76
C LEU C 113 -43.31 59.43 10.14
N CYS C 114 -42.81 58.37 10.78
CA CYS C 114 -42.32 58.48 12.15
C CYS C 114 -41.16 57.56 12.53
N TYR C 115 -40.00 58.17 12.75
CA TYR C 115 -38.84 57.47 13.29
C TYR C 115 -38.39 58.14 14.60
N HIS C 116 -37.14 57.90 15.01
CA HIS C 116 -36.52 58.61 16.12
C HIS C 116 -35.28 59.35 15.62
N SER C 117 -35.26 60.67 15.79
CA SER C 117 -34.06 61.49 15.52
C SER C 117 -34.00 62.75 16.39
N SER C 123 -44.84 65.45 20.56
CA SER C 123 -44.98 64.12 19.98
C SER C 123 -46.21 64.02 19.07
N LEU C 124 -45.94 63.89 17.77
CA LEU C 124 -47.00 63.73 16.75
C LEU C 124 -47.49 62.27 16.65
N CYS C 125 -46.60 61.32 16.92
CA CYS C 125 -46.86 59.87 16.78
C CYS C 125 -46.86 59.07 18.09
N SER C 126 -46.97 57.75 17.92
CA SER C 126 -46.86 56.78 19.00
C SER C 126 -45.40 56.29 19.12
N THR C 127 -45.18 55.23 19.90
CA THR C 127 -43.81 54.75 20.20
C THR C 127 -43.17 53.89 19.12
N GLU C 128 -43.98 53.21 18.30
CA GLU C 128 -43.47 52.39 17.19
C GLU C 128 -43.20 53.21 15.91
N HIS C 129 -42.22 52.77 15.13
CA HIS C 129 -41.86 53.46 13.88
C HIS C 129 -42.50 52.76 12.67
N HIS C 130 -42.81 53.54 11.63
CA HIS C 130 -43.50 53.07 10.43
C HIS C 130 -43.50 54.15 9.34
N PRO C 131 -43.58 53.76 8.06
CA PRO C 131 -43.64 54.79 7.01
C PRO C 131 -45.03 55.40 6.88
N SER C 132 -45.18 56.38 5.99
CA SER C 132 -46.43 57.13 5.85
C SER C 132 -47.41 56.48 4.87
N SER C 133 -48.55 57.13 4.66
CA SER C 133 -49.53 56.70 3.66
C SER C 133 -49.25 57.35 2.31
N THR C 134 -47.97 57.39 1.95
CA THR C 134 -47.52 57.75 0.60
C THR C 134 -47.13 56.43 -0.07
N TYR C 135 -47.20 56.40 -1.40
CA TYR C 135 -46.93 55.16 -2.14
C TYR C 135 -46.11 55.49 -3.36
N TYR C 136 -44.93 54.87 -3.42
CA TYR C 136 -43.96 55.19 -4.46
C TYR C 136 -43.96 54.14 -5.56
N ALA C 137 -43.53 54.56 -6.75
CA ALA C 137 -43.44 53.69 -7.91
C ALA C 137 -42.48 52.52 -7.65
N GLY C 138 -42.71 51.42 -8.35
CA GLY C 138 -41.82 50.25 -8.34
C GLY C 138 -41.56 49.56 -7.01
N THR C 139 -42.53 49.63 -6.10
CA THR C 139 -42.43 48.96 -4.80
C THR C 139 -42.65 47.44 -4.96
N THR C 140 -43.69 47.07 -5.71
CA THR C 140 -43.86 45.71 -6.21
C THR C 140 -44.02 45.78 -7.74
N GLN C 141 -44.09 44.61 -8.39
CA GLN C 141 -44.48 44.53 -9.79
C GLN C 141 -45.99 44.72 -9.90
N GLY C 142 -46.73 43.99 -9.05
CA GLY C 142 -48.17 43.97 -9.14
C GLY C 142 -48.89 44.50 -7.92
N TRP C 143 -50.12 44.01 -7.75
CA TRP C 143 -51.06 44.51 -6.75
C TRP C 143 -50.74 44.01 -5.34
N ARG C 144 -50.77 44.93 -4.38
CA ARG C 144 -50.57 44.60 -2.97
C ARG C 144 -51.70 45.20 -2.14
N ARG C 145 -51.98 44.59 -1.00
CA ARG C 145 -53.06 45.04 -0.13
C ARG C 145 -52.55 45.89 1.05
N GLU C 146 -52.97 47.16 1.09
CA GLU C 146 -52.60 48.07 2.18
C GLU C 146 -53.74 48.25 3.16
N VAL C 147 -53.42 48.21 4.46
CA VAL C 147 -54.42 48.23 5.54
C VAL C 147 -54.04 49.27 6.60
N VAL C 148 -55.01 50.10 6.99
CA VAL C 148 -54.76 51.19 7.95
C VAL C 148 -55.73 51.14 9.13
N HIS C 149 -55.26 50.68 10.28
CA HIS C 149 -56.05 50.69 11.53
C HIS C 149 -56.18 52.13 12.05
N PHE C 150 -57.16 52.37 12.92
CA PHE C 150 -57.39 53.70 13.48
C PHE C 150 -57.16 53.76 14.99
N GLY C 151 -56.68 52.65 15.56
CA GLY C 151 -56.48 52.50 17.00
C GLY C 151 -55.60 53.56 17.64
N LYS C 152 -54.41 53.78 17.07
CA LYS C 152 -53.46 54.77 17.60
C LYS C 152 -53.67 56.19 17.05
N LEU C 153 -54.36 56.30 15.91
CA LEU C 153 -54.76 57.61 15.38
C LEU C 153 -55.86 58.22 16.24
N HIS C 154 -55.73 59.50 16.55
CA HIS C 154 -56.75 60.21 17.34
C HIS C 154 -57.79 60.83 16.40
N LEU C 155 -58.81 60.02 16.07
CA LEU C 155 -59.87 60.43 15.14
C LEU C 155 -61.25 59.96 15.60
N ALA C 156 -62.25 60.83 15.42
CA ALA C 156 -63.67 60.52 15.68
C ALA C 156 -64.59 61.42 14.85
N GLY C 157 -65.81 60.97 14.60
CA GLY C 157 -66.80 61.75 13.87
C GLY C 157 -66.78 61.54 12.36
N SER C 158 -67.15 62.57 11.62
CA SER C 158 -67.22 62.52 10.15
C SER C 158 -65.91 63.00 9.50
N VAL C 159 -65.45 62.24 8.50
CA VAL C 159 -64.19 62.56 7.79
C VAL C 159 -64.34 62.32 6.28
N ARG C 160 -63.57 63.08 5.50
CA ARG C 160 -63.37 62.82 4.07
C ARG C 160 -62.02 62.14 3.83
N PHE C 161 -61.99 61.20 2.90
CA PHE C 161 -60.74 60.50 2.53
C PHE C 161 -60.47 60.61 1.03
N ARG C 162 -59.20 60.60 0.67
CA ARG C 162 -58.80 60.79 -0.73
C ARG C 162 -57.44 60.16 -1.11
N TRP C 163 -57.28 59.93 -2.41
CA TRP C 163 -56.03 59.47 -2.99
C TRP C 163 -55.57 60.53 -3.98
N TYR C 164 -54.45 61.19 -3.66
CA TYR C 164 -53.99 62.34 -4.46
C TYR C 164 -52.62 62.15 -5.10
N GLN C 165 -52.55 62.45 -6.40
CA GLN C 165 -51.29 62.46 -7.13
C GLN C 165 -50.83 63.90 -7.40
N GLY C 166 -51.55 64.64 -8.25
CA GLY C 166 -51.22 66.03 -8.55
C GLY C 166 -52.01 66.71 -9.65
N PHE C 167 -51.84 68.03 -9.74
CA PHE C 167 -52.40 68.83 -10.84
C PHE C 167 -51.30 68.98 -11.90
N TYR C 168 -51.54 68.41 -13.08
CA TYR C 168 -50.51 68.35 -14.12
C TYR C 168 -50.87 69.15 -15.39
N PRO C 169 -49.86 69.80 -16.01
CA PRO C 169 -50.05 70.63 -17.21
C PRO C 169 -50.71 69.90 -18.39
N ALA C 170 -51.00 70.65 -19.44
CA ALA C 170 -51.45 70.08 -20.71
C ALA C 170 -50.28 69.33 -21.33
N GLY C 171 -50.48 68.06 -21.66
CA GLY C 171 -49.43 67.21 -22.22
C GLY C 171 -48.34 66.82 -21.23
N SER C 172 -48.71 66.68 -19.96
CA SER C 172 -47.81 66.25 -18.90
C SER C 172 -47.60 64.73 -18.97
N GLN C 173 -46.50 64.26 -18.37
CA GLN C 173 -46.24 62.82 -18.29
C GLN C 173 -45.86 62.33 -16.89
N PRO C 174 -46.87 62.00 -16.06
CA PRO C 174 -46.73 61.47 -14.70
C PRO C 174 -46.91 59.95 -14.59
N VAL C 175 -46.81 59.42 -13.37
CA VAL C 175 -46.87 57.99 -13.07
C VAL C 175 -48.32 57.46 -13.00
N THR C 176 -48.63 56.48 -13.84
CA THR C 176 -49.95 55.82 -13.89
C THR C 176 -50.21 54.99 -12.64
N TRP C 177 -51.47 54.89 -12.23
CA TRP C 177 -51.84 54.06 -11.08
C TRP C 177 -53.30 53.64 -11.11
N ALA C 178 -53.73 52.94 -10.05
CA ALA C 178 -55.11 52.43 -9.93
C ALA C 178 -55.35 51.92 -8.52
N ILE C 179 -56.62 51.77 -8.14
CA ILE C 179 -56.98 51.08 -6.89
C ILE C 179 -58.17 50.17 -7.11
N ASP C 180 -58.40 49.24 -6.18
CA ASP C 180 -59.46 48.25 -6.28
C ASP C 180 -59.87 47.77 -4.90
N ASN C 181 -60.97 47.02 -4.84
CA ASN C 181 -61.50 46.40 -3.61
C ASN C 181 -61.33 47.22 -2.34
N VAL C 182 -61.72 48.50 -2.44
CA VAL C 182 -61.69 49.46 -1.33
C VAL C 182 -62.75 49.11 -0.28
N TYR C 183 -62.40 49.31 0.99
CA TYR C 183 -63.33 49.06 2.09
C TYR C 183 -62.98 49.98 3.25
N ILE C 184 -63.99 50.67 3.74
CA ILE C 184 -63.90 51.47 4.94
C ILE C 184 -65.04 51.00 5.84
N GLY C 185 -64.70 50.51 7.04
CA GLY C 185 -65.72 49.99 7.95
C GLY C 185 -65.14 49.09 9.03
N PRO C 186 -66.02 48.50 9.88
CA PRO C 186 -65.61 47.67 11.01
C PRO C 186 -64.51 46.67 10.67
N GLN C 187 -63.52 46.55 11.55
CA GLN C 187 -62.53 45.49 11.47
C GLN C 187 -63.19 44.16 11.83
N CYS C 188 -62.80 43.09 11.14
CA CYS C 188 -63.38 41.76 11.37
C CYS C 188 -62.75 41.08 12.58
N GLU C 189 -63.35 39.95 12.99
CA GLU C 189 -62.88 39.17 14.14
C GLU C 189 -61.36 38.96 14.15
N GLU C 190 -60.73 39.46 15.21
CA GLU C 190 -59.28 39.29 15.47
C GLU C 190 -58.36 39.82 14.36
N CYS C 192 -58.44 39.32 11.50
CA CYS C 192 -58.19 38.18 10.59
C CYS C 192 -56.71 37.86 10.36
N TYR C 193 -55.93 37.99 11.44
CA TYR C 193 -54.53 37.60 11.50
C TYR C 193 -53.63 38.10 10.36
N GLY C 194 -54.08 39.17 9.70
CA GLY C 194 -53.31 39.82 8.64
C GLY C 194 -53.32 39.13 7.29
N HIS C 195 -53.89 37.93 7.23
CA HIS C 195 -53.85 37.10 6.02
C HIS C 195 -55.19 37.01 5.25
N GLY C 196 -56.22 37.68 5.75
CA GLY C 196 -57.53 37.74 5.09
C GLY C 196 -58.17 39.12 5.11
N SER C 197 -58.79 39.50 4.00
CA SER C 197 -59.41 40.83 3.83
C SER C 197 -60.86 40.90 4.33
N CYS C 198 -61.30 42.10 4.73
CA CYS C 198 -62.61 42.32 5.38
C CYS C 198 -63.78 42.65 4.43
N ILE C 199 -64.95 42.13 4.77
CA ILE C 199 -66.22 42.51 4.14
C ILE C 199 -67.27 42.65 5.24
N ASN C 200 -67.99 43.78 5.25
CA ASN C 200 -69.12 44.04 6.17
C ASN C 200 -68.75 44.01 7.67
N GLY C 201 -67.48 43.76 7.98
CA GLY C 201 -67.02 43.69 9.36
C GLY C 201 -67.24 42.33 10.02
N THR C 202 -67.83 41.39 9.27
CA THR C 202 -68.20 40.07 9.79
C THR C 202 -67.71 38.91 8.92
N LYS C 203 -67.35 39.21 7.67
CA LYS C 203 -66.88 38.22 6.69
C LYS C 203 -65.43 38.48 6.30
N CYS C 204 -64.66 37.40 6.14
CA CYS C 204 -63.25 37.48 5.76
C CYS C 204 -62.89 36.62 4.56
N ILE C 205 -62.37 37.26 3.50
CA ILE C 205 -61.86 36.53 2.34
C ILE C 205 -60.39 36.17 2.59
N CYS C 206 -60.13 34.91 2.93
CA CYS C 206 -58.77 34.43 3.21
C CYS C 206 -57.89 34.40 1.96
N ASP C 207 -56.60 34.65 2.14
CA ASP C 207 -55.61 34.62 1.05
C ASP C 207 -55.23 33.18 0.70
N PRO C 208 -54.63 32.96 -0.50
CA PRO C 208 -54.16 31.62 -0.88
C PRO C 208 -53.53 30.83 0.27
N GLY C 209 -54.14 29.71 0.63
CA GLY C 209 -53.59 28.77 1.61
C GLY C 209 -54.02 28.95 3.07
N TYR C 210 -55.22 29.46 3.28
CA TYR C 210 -55.69 29.75 4.65
C TYR C 210 -57.10 29.29 4.95
N SER C 211 -57.20 28.36 5.90
CA SER C 211 -58.47 27.87 6.39
C SER C 211 -58.85 28.63 7.67
N GLY C 212 -60.10 28.49 8.12
CA GLY C 212 -60.57 29.10 9.36
C GLY C 212 -61.53 30.28 9.18
N PRO C 213 -62.27 30.63 10.25
CA PRO C 213 -63.18 31.77 10.20
C PRO C 213 -62.43 33.10 10.23
N THR C 214 -61.23 33.07 10.83
CA THR C 214 -60.37 34.25 11.00
C THR C 214 -59.04 34.06 10.25
N CYS C 215 -59.01 33.08 9.35
CA CYS C 215 -57.83 32.70 8.55
C CYS C 215 -56.64 32.20 9.39
N LYS C 216 -56.94 31.48 10.47
CA LYS C 216 -55.93 31.02 11.44
C LYS C 216 -55.24 29.70 11.06
N ILE C 217 -55.76 29.00 10.06
CA ILE C 217 -55.16 27.74 9.61
C ILE C 217 -54.21 27.92 8.42
N SER C 218 -53.21 27.03 8.38
CA SER C 218 -52.26 26.87 7.28
C SER C 218 -51.24 25.85 7.76
N THR C 219 -50.36 25.40 6.86
CA THR C 219 -49.22 24.57 7.27
C THR C 219 -48.31 25.38 8.20
N LYS C 220 -47.44 24.67 8.94
CA LYS C 220 -46.47 25.34 9.81
C LYS C 220 -45.42 26.08 8.97
N ASN C 221 -44.94 27.21 9.51
CA ASN C 221 -43.97 28.06 8.82
C ASN C 221 -42.55 27.50 8.87
N PRO C 222 -41.73 27.79 7.82
CA PRO C 222 -40.31 27.42 7.88
C PRO C 222 -39.62 28.07 9.09
N ASP C 223 -38.84 27.27 9.82
CA ASP C 223 -38.19 27.72 11.06
C ASP C 223 -36.72 28.06 10.84
N PHE C 224 -36.39 28.27 9.57
CA PHE C 224 -35.06 28.63 9.14
C PHE C 224 -35.20 29.54 7.92
N LEU C 225 -34.27 30.47 7.75
CA LEU C 225 -34.22 31.28 6.54
C LEU C 225 -32.78 31.61 6.17
N LYS C 226 -32.47 31.47 4.88
CA LYS C 226 -31.13 31.77 4.36
C LYS C 226 -31.20 32.32 2.95
N ASP C 227 -30.52 33.43 2.73
CA ASP C 227 -30.29 33.95 1.38
C ASP C 227 -28.98 34.72 1.38
N ASP C 228 -28.22 34.55 0.32
CA ASP C 228 -26.95 35.22 0.13
C ASP C 228 -26.90 35.82 -1.28
N PHE C 229 -28.04 35.68 -1.96
CA PHE C 229 -28.32 36.28 -3.27
C PHE C 229 -27.47 35.70 -4.41
N GLU C 230 -26.90 34.52 -4.15
CA GLU C 230 -26.20 33.75 -5.16
C GLU C 230 -27.20 32.94 -5.97
N GLY C 231 -28.34 32.65 -5.35
CA GLY C 231 -29.44 31.92 -6.00
C GLY C 231 -30.11 32.75 -7.07
N GLN C 232 -30.99 32.12 -7.84
CA GLN C 232 -31.69 32.75 -8.98
C GLN C 232 -32.49 34.00 -8.57
N LEU C 233 -32.66 34.92 -9.52
CA LEU C 233 -33.21 36.25 -9.26
C LEU C 233 -34.56 36.28 -8.54
N GLU C 234 -35.47 35.37 -8.90
CA GLU C 234 -36.81 35.31 -8.32
C GLU C 234 -37.00 34.16 -7.31
N SER C 235 -37.39 34.54 -6.09
CA SER C 235 -37.60 33.61 -4.99
C SER C 235 -38.78 34.10 -4.13
N ASP C 236 -39.30 33.22 -3.28
CA ASP C 236 -40.42 33.59 -2.39
C ASP C 236 -40.09 33.43 -0.89
N ARG C 237 -38.87 33.79 -0.53
CA ARG C 237 -38.47 33.90 0.88
C ARG C 237 -38.90 35.26 1.43
N PHE C 238 -38.75 36.29 0.59
CA PHE C 238 -39.10 37.67 0.93
C PHE C 238 -40.43 38.09 0.32
N LEU C 239 -41.37 38.51 1.17
CA LEU C 239 -42.67 39.03 0.73
C LEU C 239 -42.53 40.33 -0.07
N LEU C 240 -41.76 41.28 0.48
CA LEU C 240 -41.47 42.54 -0.23
C LEU C 240 -39.97 42.86 -0.23
N SER C 242 -38.35 45.99 -1.98
CA SER C 242 -38.30 47.24 -2.76
C SER C 242 -37.03 48.03 -2.48
N GLY C 243 -36.55 48.72 -3.51
CA GLY C 243 -35.30 49.48 -3.43
C GLY C 243 -34.05 48.67 -3.72
N GLY C 244 -34.11 47.38 -3.39
CA GLY C 244 -32.97 46.46 -3.50
C GLY C 244 -32.81 45.79 -4.85
N LYS C 245 -31.57 45.77 -5.33
CA LYS C 245 -31.22 45.15 -6.61
C LYS C 245 -30.14 44.07 -6.43
N PRO C 246 -30.31 42.91 -7.10
CA PRO C 246 -29.29 41.86 -7.01
C PRO C 246 -28.03 42.29 -7.76
N SER C 247 -27.08 42.89 -7.04
CA SER C 247 -25.94 43.55 -7.66
C SER C 247 -24.61 42.84 -7.43
N ARG C 248 -23.60 43.27 -8.21
CA ARG C 248 -22.23 42.84 -8.04
C ARG C 248 -21.39 43.97 -7.43
N LYS C 249 -22.03 45.07 -7.04
CA LYS C 249 -21.34 46.30 -6.63
C LYS C 249 -20.83 46.30 -5.18
N CYS C 250 -19.55 46.66 -5.04
CA CYS C 250 -18.82 46.65 -3.77
C CYS C 250 -19.15 45.49 -2.83
N GLY C 251 -18.97 44.27 -3.34
CA GLY C 251 -19.19 43.04 -2.58
C GLY C 251 -18.60 43.10 -1.19
N ILE C 252 -19.42 42.84 -0.18
CA ILE C 252 -18.98 42.80 1.22
C ILE C 252 -18.20 41.50 1.48
N LEU C 253 -18.64 40.44 0.83
CA LEU C 253 -17.81 39.28 0.54
C LEU C 253 -17.16 39.59 -0.80
N SER C 254 -15.82 39.48 -0.86
CA SER C 254 -15.09 39.71 -2.10
C SER C 254 -15.53 38.71 -3.18
N SER C 255 -16.27 37.69 -2.75
CA SER C 255 -16.93 36.73 -3.64
C SER C 255 -18.44 36.85 -3.54
N GLY C 256 -19.12 36.66 -4.68
CA GLY C 256 -20.57 36.52 -4.72
C GLY C 256 -21.42 37.78 -4.67
N ASN C 257 -22.66 37.65 -5.16
CA ASN C 257 -23.63 38.74 -5.22
C ASN C 257 -24.13 39.25 -3.87
N ASN C 258 -24.79 40.41 -3.91
CA ASN C 258 -25.44 41.01 -2.75
C ASN C 258 -26.74 41.74 -3.12
N LEU C 259 -27.44 42.27 -2.11
CA LEU C 259 -28.61 43.11 -2.33
C LEU C 259 -28.27 44.58 -2.08
N PHE C 260 -28.54 45.42 -3.08
CA PHE C 260 -28.05 46.80 -3.11
C PHE C 260 -29.15 47.86 -3.22
N PHE C 261 -29.15 48.80 -2.27
CA PHE C 261 -30.18 49.83 -2.18
C PHE C 261 -29.68 51.20 -2.68
N ASN C 262 -29.51 51.31 -3.99
CA ASN C 262 -29.11 52.57 -4.62
C ASN C 262 -30.33 53.46 -4.89
N GLU C 263 -31.43 52.84 -5.29
CA GLU C 263 -32.62 53.54 -5.77
C GLU C 263 -33.38 54.30 -4.69
N ASP C 264 -33.81 55.51 -5.03
CA ASP C 264 -34.68 56.32 -4.17
C ASP C 264 -36.16 56.06 -4.49
N GLY C 265 -37.00 56.18 -3.48
CA GLY C 265 -38.41 55.78 -3.53
C GLY C 265 -38.72 55.17 -2.18
N LEU C 266 -39.39 54.01 -2.16
CA LEU C 266 -39.37 53.19 -0.95
C LEU C 266 -38.20 52.22 -1.03
N ARG C 267 -37.49 52.07 0.08
CA ARG C 267 -36.54 50.97 0.23
C ARG C 267 -36.84 50.18 1.49
N LEU C 269 -37.08 45.89 3.00
CA LEU C 269 -36.89 44.46 2.84
C LEU C 269 -37.74 43.71 3.85
N VAL C 270 -38.67 42.90 3.35
CA VAL C 270 -39.59 42.13 4.20
C VAL C 270 -39.52 40.63 3.89
N THR C 271 -39.33 39.83 4.94
CA THR C 271 -39.36 38.39 4.84
C THR C 271 -40.80 37.91 4.92
N ARG C 272 -41.01 36.62 4.73
CA ARG C 272 -42.26 35.95 5.05
C ARG C 272 -42.42 35.81 6.56
N ASP C 273 -43.56 35.28 6.99
CA ASP C 273 -43.72 34.84 8.37
C ASP C 273 -42.89 33.56 8.57
N LEU C 274 -42.25 33.44 9.73
CA LEU C 274 -41.38 32.32 10.05
C LEU C 274 -41.67 31.80 11.44
N ASP C 275 -41.46 30.50 11.67
CA ASP C 275 -41.60 29.96 13.00
C ASP C 275 -40.33 30.23 13.79
N LEU C 276 -40.33 31.34 14.51
CA LEU C 276 -39.15 31.74 15.27
C LEU C 276 -39.37 31.49 16.75
N SER C 277 -40.04 30.38 17.06
CA SER C 277 -40.45 30.07 18.43
C SER C 277 -39.34 29.45 19.28
N HIS C 278 -38.23 29.08 18.63
CA HIS C 278 -37.07 28.51 19.30
C HIS C 278 -35.78 29.00 18.64
N ALA C 279 -35.88 30.08 17.87
CA ALA C 279 -34.75 30.67 17.15
C ALA C 279 -33.76 31.36 18.10
N ARG C 280 -32.48 31.32 17.73
CA ARG C 280 -31.40 31.91 18.53
C ARG C 280 -30.93 33.25 17.98
N PHE C 281 -31.07 33.48 16.68
CA PHE C 281 -30.37 34.61 16.05
C PHE C 281 -30.88 35.05 14.69
N VAL C 282 -30.57 36.30 14.36
CA VAL C 282 -30.54 36.79 13.00
C VAL C 282 -29.14 37.32 12.78
N GLN C 283 -28.53 36.97 11.65
CA GLN C 283 -27.20 37.43 11.33
C GLN C 283 -27.12 37.76 9.86
N PHE C 284 -26.30 38.75 9.52
CA PHE C 284 -26.13 39.20 8.14
C PHE C 284 -24.89 40.07 8.03
N PHE C 285 -24.36 40.15 6.82
CA PHE C 285 -23.28 41.06 6.49
C PHE C 285 -23.92 42.34 5.95
N ARG C 287 -23.21 46.64 4.95
CA ARG C 287 -22.41 47.85 4.76
C ARG C 287 -23.30 49.10 4.71
N LEU C 288 -22.78 50.21 5.23
CA LEU C 288 -23.46 51.50 5.20
C LEU C 288 -22.54 52.55 4.60
N GLY C 289 -22.95 53.10 3.46
CA GLY C 289 -22.14 54.08 2.74
C GLY C 289 -21.09 53.45 1.87
N CYS C 290 -21.54 52.70 0.87
CA CYS C 290 -20.65 52.09 -0.13
C CYS C 290 -20.05 53.17 -1.04
N GLY C 291 -18.94 52.84 -1.70
CA GLY C 291 -18.19 53.82 -2.50
C GLY C 291 -17.03 54.38 -1.71
N LYS C 292 -16.02 54.90 -2.41
CA LYS C 292 -14.80 55.41 -1.79
C LYS C 292 -15.00 56.65 -0.91
N GLY C 293 -16.07 57.41 -1.17
CA GLY C 293 -16.43 58.56 -0.35
C GLY C 293 -17.13 58.18 0.94
N VAL C 294 -16.71 58.82 2.04
CA VAL C 294 -17.32 58.64 3.36
C VAL C 294 -18.72 59.29 3.40
N PRO C 295 -19.73 58.56 3.91
CA PRO C 295 -21.15 58.95 3.79
C PRO C 295 -21.58 60.19 4.61
N ASP C 296 -22.66 60.84 4.17
CA ASP C 296 -23.24 62.02 4.81
C ASP C 296 -23.74 61.74 6.25
N PRO C 297 -23.71 62.76 7.12
CA PRO C 297 -24.33 62.62 8.44
C PRO C 297 -25.84 62.83 8.38
N ARG C 298 -26.30 63.39 7.26
CA ARG C 298 -27.73 63.62 7.02
C ARG C 298 -28.41 62.38 6.44
N SER C 299 -27.62 61.37 6.08
CA SER C 299 -28.15 60.13 5.50
C SER C 299 -28.88 59.30 6.56
N GLN C 300 -29.98 58.68 6.14
CA GLN C 300 -30.95 58.09 7.05
C GLN C 300 -30.55 56.72 7.61
N PRO C 301 -30.82 56.48 8.91
CA PRO C 301 -30.51 55.20 9.56
C PRO C 301 -31.31 54.02 8.99
N VAL C 302 -30.74 52.82 9.04
CA VAL C 302 -31.42 51.60 8.60
C VAL C 302 -32.03 50.85 9.79
N LEU C 303 -33.35 50.66 9.74
CA LEU C 303 -34.09 50.07 10.85
C LEU C 303 -34.43 48.61 10.59
N LEU C 304 -34.07 47.76 11.55
CA LEU C 304 -34.46 46.36 11.52
C LEU C 304 -35.59 46.12 12.52
N GLN C 305 -36.70 45.57 12.03
CA GLN C 305 -37.93 45.43 12.83
C GLN C 305 -38.56 44.06 12.68
N TYR C 306 -39.42 43.72 13.65
CA TYR C 306 -40.22 42.50 13.57
C TYR C 306 -41.72 42.71 13.81
N SER C 307 -42.55 42.06 13.00
CA SER C 307 -43.99 42.04 13.21
C SER C 307 -44.44 40.69 13.76
N LEU C 308 -45.26 40.73 14.81
CA LEU C 308 -45.87 39.52 15.37
C LEU C 308 -47.22 39.21 14.73
N ASN C 309 -47.72 40.17 13.95
CA ASN C 309 -49.07 40.13 13.40
C ASN C 309 -49.11 40.51 11.92
N GLY C 310 -48.31 39.80 11.12
CA GLY C 310 -48.30 39.96 9.68
C GLY C 310 -48.40 41.38 9.12
N GLY C 311 -47.44 42.22 9.46
CA GLY C 311 -47.26 43.50 8.79
C GLY C 311 -48.18 44.64 9.20
N LEU C 312 -48.83 44.50 10.35
CA LEU C 312 -49.70 45.56 10.86
C LEU C 312 -48.99 46.42 11.91
N SER C 313 -48.57 45.81 13.01
CA SER C 313 -47.80 46.51 14.07
C SER C 313 -46.37 45.97 14.26
N TRP C 314 -45.41 46.90 14.28
CA TRP C 314 -43.97 46.58 14.27
C TRP C 314 -43.20 47.05 15.51
N SER C 315 -42.47 46.14 16.13
CA SER C 315 -41.56 46.48 17.23
C SER C 315 -40.12 46.68 16.73
N LEU C 316 -39.29 47.30 17.56
CA LEU C 316 -37.92 47.63 17.19
C LEU C 316 -36.93 46.56 17.64
N LEU C 317 -36.10 46.12 16.70
CA LEU C 317 -35.07 45.10 16.95
C LEU C 317 -33.70 45.77 17.12
N GLN C 318 -33.27 46.50 16.09
CA GLN C 318 -32.01 47.22 16.11
C GLN C 318 -32.01 48.38 15.12
N GLU C 319 -31.58 49.55 15.58
CA GLU C 319 -31.28 50.66 14.67
C GLU C 319 -29.82 50.57 14.23
N PHE C 320 -29.59 50.81 12.95
CA PHE C 320 -28.23 50.82 12.40
C PHE C 320 -27.90 52.19 11.80
N LEU C 321 -27.05 52.92 12.51
CA LEU C 321 -26.67 54.29 12.13
C LEU C 321 -25.46 54.35 11.20
N PHE C 322 -25.42 55.36 10.33
CA PHE C 322 -24.29 55.62 9.43
C PHE C 322 -23.13 56.32 10.16
N SER C 323 -21.89 56.04 9.75
CA SER C 323 -20.71 56.65 10.38
C SER C 323 -19.53 56.87 9.42
N ASN C 324 -18.34 57.12 9.99
CA ASN C 324 -17.11 57.30 9.22
C ASN C 324 -16.51 55.98 8.71
N SER C 325 -16.41 54.99 9.60
CA SER C 325 -15.87 53.66 9.25
C SER C 325 -16.92 52.53 9.26
N SER C 326 -18.20 52.91 9.37
CA SER C 326 -19.32 52.02 9.03
C SER C 326 -19.37 51.91 7.51
N ASN C 327 -18.66 52.83 6.86
CA ASN C 327 -18.31 52.77 5.44
C ASN C 327 -17.68 51.43 5.05
N VAL C 328 -16.85 50.89 5.96
CA VAL C 328 -16.25 49.55 5.80
C VAL C 328 -17.34 48.47 6.00
N GLY C 329 -17.25 47.38 5.22
CA GLY C 329 -18.17 46.24 5.35
C GLY C 329 -18.13 45.58 6.71
N ARG C 330 -19.27 45.04 7.15
CA ARG C 330 -19.41 44.49 8.50
C ARG C 330 -20.19 43.17 8.61
N TYR C 331 -20.05 42.50 9.75
CA TYR C 331 -20.83 41.30 10.08
C TYR C 331 -21.63 41.51 11.36
N ILE C 332 -22.94 41.27 11.26
CA ILE C 332 -23.87 41.50 12.35
C ILE C 332 -24.47 40.18 12.84
N ALA C 333 -24.55 40.02 14.15
CA ALA C 333 -25.23 38.86 14.74
C ALA C 333 -25.95 39.25 16.02
N LEU C 334 -27.25 38.97 16.06
CA LEU C 334 -28.12 39.43 17.14
C LEU C 334 -29.01 38.30 17.63
N GLU C 335 -28.99 38.09 18.95
CA GLU C 335 -29.87 37.15 19.63
C GLU C 335 -31.34 37.56 19.48
N PRO C 337 -34.92 38.26 20.59
CA PRO C 337 -35.59 38.62 21.85
C PRO C 337 -36.81 37.74 22.13
N LEU C 338 -37.00 37.38 23.40
CA LEU C 338 -38.12 36.53 23.84
C LEU C 338 -39.49 37.03 23.39
N LYS C 339 -39.62 38.36 23.27
CA LYS C 339 -40.83 38.99 22.73
C LYS C 339 -41.10 38.70 21.25
N ALA C 340 -40.11 38.16 20.53
CA ALA C 340 -40.23 37.93 19.10
C ALA C 340 -40.36 36.44 18.71
N ARG C 341 -40.42 35.56 19.70
CA ARG C 341 -40.54 34.12 19.46
C ARG C 341 -41.99 33.70 19.26
N SER C 342 -42.38 33.46 18.01
CA SER C 342 -43.77 33.14 17.69
C SER C 342 -43.91 32.05 16.62
N GLY C 343 -45.13 31.58 16.43
CA GLY C 343 -45.49 30.73 15.31
C GLY C 343 -45.26 31.44 13.98
N SER C 344 -45.62 32.73 13.94
CA SER C 344 -45.44 33.56 12.75
C SER C 344 -44.85 34.93 13.06
N THR C 345 -43.54 35.04 12.97
CA THR C 345 -42.87 36.34 13.03
C THR C 345 -42.27 36.65 11.66
N ARG C 346 -42.45 37.89 11.22
CA ARG C 346 -41.75 38.37 10.03
C ARG C 346 -40.75 39.47 10.40
N LEU C 347 -39.87 39.80 9.45
CA LEU C 347 -38.77 40.71 9.71
C LEU C 347 -38.58 41.70 8.58
N ARG C 348 -38.13 42.90 8.94
CA ARG C 348 -38.16 44.03 8.03
C ARG C 348 -36.91 44.87 8.15
N TRP C 349 -36.28 45.14 7.01
CA TRP C 349 -35.17 46.07 6.93
C TRP C 349 -35.69 47.29 6.17
N TRP C 350 -35.71 48.43 6.84
CA TRP C 350 -36.24 49.66 6.24
C TRP C 350 -35.42 50.92 6.54
N GLN C 351 -35.13 51.69 5.49
CA GLN C 351 -34.54 53.03 5.62
C GLN C 351 -35.61 54.10 5.33
N PRO C 352 -35.97 54.90 6.35
CA PRO C 352 -36.88 56.05 6.21
C PRO C 352 -36.38 57.16 5.26
N SER C 353 -37.30 58.01 4.82
CA SER C 353 -36.97 59.20 4.01
C SER C 353 -38.06 60.26 4.14
N GLU C 354 -37.66 61.50 4.36
CA GLU C 354 -38.60 62.61 4.57
C GLU C 354 -39.56 62.76 3.38
N ASN C 355 -39.03 62.61 2.18
CA ASN C 355 -39.81 62.75 0.96
C ASN C 355 -39.68 61.56 -0.02
N GLY C 356 -38.59 60.82 0.10
CA GLY C 356 -38.30 59.73 -0.82
C GLY C 356 -36.96 59.89 -1.51
N HIS C 357 -36.03 60.60 -0.87
CA HIS C 357 -34.65 60.72 -1.35
C HIS C 357 -33.65 60.23 -0.29
N PHE C 358 -32.57 59.61 -0.74
CA PHE C 358 -31.56 59.08 0.16
C PHE C 358 -30.18 59.61 -0.24
N TYR C 359 -29.37 59.94 0.76
CA TYR C 359 -28.10 60.60 0.52
C TYR C 359 -26.94 59.65 0.22
N SER C 360 -27.04 58.42 0.72
CA SER C 360 -26.07 57.36 0.42
C SER C 360 -26.77 56.00 0.27
N PRO C 361 -26.15 55.07 -0.50
CA PRO C 361 -26.72 53.73 -0.63
C PRO C 361 -26.20 52.80 0.47
N TRP C 362 -26.77 51.60 0.56
CA TRP C 362 -26.33 50.58 1.52
C TRP C 362 -26.49 49.16 0.99
N VAL C 363 -25.67 48.24 1.53
CA VAL C 363 -25.62 46.86 1.04
C VAL C 363 -25.91 45.83 2.14
N ILE C 364 -26.62 44.77 1.77
CA ILE C 364 -26.81 43.62 2.65
C ILE C 364 -26.48 42.32 1.89
N ASP C 365 -26.02 41.31 2.63
CA ASP C 365 -25.67 39.99 2.08
C ASP C 365 -25.70 38.91 3.17
N GLN C 366 -26.00 37.68 2.76
CA GLN C 366 -25.94 36.49 3.61
C GLN C 366 -26.73 36.63 4.90
N ILE C 367 -28.04 36.76 4.77
CA ILE C 367 -28.94 36.76 5.91
C ILE C 367 -29.21 35.32 6.32
N LEU C 368 -29.07 35.04 7.60
CA LEU C 368 -29.46 33.76 8.15
C LEU C 368 -30.28 34.03 9.40
N ILE C 369 -31.49 33.48 9.41
CA ILE C 369 -32.35 33.54 10.58
C ILE C 369 -32.64 32.11 10.98
N GLY C 370 -32.65 31.85 12.28
CA GLY C 370 -32.89 30.51 12.79
C GLY C 370 -32.03 30.16 13.99
N GLY C 371 -31.73 28.87 14.11
CA GLY C 371 -31.08 28.31 15.29
C GLY C 371 -32.12 27.65 16.17
N ASN C 372 -31.64 26.89 17.17
CA ASN C 372 -32.48 26.14 18.10
C ASN C 372 -32.05 26.45 19.54
N ILE C 373 -32.96 27.00 20.34
CA ILE C 373 -32.64 27.35 21.73
C ILE C 373 -32.94 26.23 22.72
N SER C 374 -33.21 25.02 22.22
CA SER C 374 -33.61 23.87 23.04
C SER C 374 -32.51 23.32 23.97
N GLY C 375 -31.27 23.77 23.75
CA GLY C 375 -30.12 23.23 24.47
C GLY C 375 -29.74 21.88 23.91
N ASN C 376 -29.70 21.80 22.58
CA ASN C 376 -29.28 20.61 21.88
C ASN C 376 -27.74 20.47 21.95
N THR C 377 -27.28 19.28 22.34
CA THR C 377 -25.85 19.06 22.60
C THR C 377 -25.12 18.15 21.60
N VAL C 378 -25.79 17.81 20.48
CA VAL C 378 -25.21 16.93 19.46
C VAL C 378 -25.30 17.51 18.04
N LEU C 379 -24.23 17.32 17.26
CA LEU C 379 -24.24 17.58 15.83
C LEU C 379 -23.50 16.47 15.09
N GLU C 380 -24.25 15.67 14.34
CA GLU C 380 -23.70 14.60 13.51
C GLU C 380 -23.83 14.98 12.04
N ASP C 381 -22.98 14.39 11.21
CA ASP C 381 -23.18 14.41 9.76
C ASP C 381 -22.20 13.45 9.07
N ASP C 382 -22.74 12.64 8.15
CA ASP C 382 -21.94 11.78 7.27
C ASP C 382 -21.99 12.29 5.82
N PHE C 383 -22.66 13.44 5.68
CA PHE C 383 -22.75 14.21 4.44
C PHE C 383 -23.50 13.56 3.29
N SER C 384 -24.54 12.79 3.62
CA SER C 384 -25.50 12.30 2.64
C SER C 384 -26.40 13.46 2.15
N THR C 385 -26.71 14.39 3.05
CA THR C 385 -27.35 15.67 2.68
C THR C 385 -26.51 16.83 3.24
N LEU C 386 -26.59 18.00 2.61
CA LEU C 386 -25.97 19.20 3.21
C LEU C 386 -27.02 20.15 3.81
N ASP C 387 -27.64 19.69 4.90
CA ASP C 387 -28.63 20.47 5.63
C ASP C 387 -28.00 21.77 6.10
N SER C 388 -28.36 22.86 5.45
CA SER C 388 -27.79 24.16 5.83
C SER C 388 -28.46 24.78 7.07
N ARG C 389 -29.26 23.97 7.76
CA ARG C 389 -29.68 24.27 9.13
C ARG C 389 -28.60 23.80 10.11
N LYS C 390 -27.69 22.95 9.62
CA LYS C 390 -26.53 22.48 10.40
C LYS C 390 -25.25 23.21 9.97
N TRP C 391 -25.16 23.54 8.69
CA TRP C 391 -23.96 24.14 8.12
C TRP C 391 -24.32 25.50 7.56
N LEU C 392 -24.38 26.46 8.48
CA LEU C 392 -24.80 27.83 8.19
C LEU C 392 -24.05 28.41 6.99
N LEU C 393 -22.74 28.28 6.98
CA LEU C 393 -21.94 28.76 5.87
C LEU C 393 -20.91 27.72 5.46
N HIS C 394 -20.67 27.62 4.16
CA HIS C 394 -19.68 26.68 3.63
C HIS C 394 -19.16 27.13 2.26
N PRO C 395 -18.62 28.38 2.18
CA PRO C 395 -18.12 28.88 0.88
C PRO C 395 -16.85 28.17 0.44
N GLY C 396 -16.86 27.67 -0.79
CA GLY C 396 -15.73 26.90 -1.34
C GLY C 396 -15.95 25.40 -1.27
N GLY C 397 -16.89 24.97 -0.44
CA GLY C 397 -17.17 23.55 -0.22
C GLY C 397 -18.27 22.92 -1.06
N THR C 398 -17.93 21.82 -1.72
CA THR C 398 -18.86 21.05 -2.50
C THR C 398 -19.14 19.77 -1.75
N LYS C 399 -20.37 19.27 -1.87
CA LYS C 399 -20.76 17.99 -1.33
C LYS C 399 -20.52 16.97 -2.44
N PRO C 401 -18.03 12.93 -3.29
CA PRO C 401 -17.04 12.02 -2.71
C PRO C 401 -15.64 12.42 -3.16
N VAL C 402 -14.62 12.08 -2.38
CA VAL C 402 -13.23 12.41 -2.72
C VAL C 402 -12.28 11.51 -1.95
N CYS C 403 -11.21 11.06 -2.61
CA CYS C 403 -10.07 10.45 -1.92
C CYS C 403 -10.45 9.17 -1.15
N GLY C 404 -11.39 8.41 -1.70
CA GLY C 404 -11.82 7.15 -1.07
C GLY C 404 -12.76 7.34 0.12
N SER C 405 -13.45 8.47 0.15
CA SER C 405 -14.38 8.78 1.23
C SER C 405 -15.48 7.73 1.30
N THR C 406 -16.04 7.54 2.49
CA THR C 406 -17.25 6.73 2.62
C THR C 406 -18.47 7.62 2.39
N GLY C 407 -19.07 7.45 1.22
CA GLY C 407 -20.12 8.32 0.76
C GLY C 407 -19.51 9.63 0.33
N ASP C 408 -20.34 10.67 0.27
CA ASP C 408 -19.84 12.02 0.08
C ASP C 408 -19.19 12.56 1.35
N ALA C 409 -18.37 13.59 1.13
CA ALA C 409 -17.74 14.37 2.18
C ALA C 409 -17.93 15.83 1.79
N LEU C 410 -17.65 16.74 2.72
CA LEU C 410 -17.64 18.16 2.37
C LEU C 410 -16.23 18.52 1.92
N VAL C 411 -16.11 18.98 0.67
CA VAL C 411 -14.79 19.09 0.02
C VAL C 411 -14.44 20.50 -0.45
N PHE C 412 -13.23 20.94 -0.10
CA PHE C 412 -12.74 22.24 -0.54
C PHE C 412 -11.70 22.07 -1.63
N ILE C 413 -12.16 22.09 -2.88
CA ILE C 413 -11.31 21.72 -4.01
C ILE C 413 -11.39 22.69 -5.20
N GLU C 414 -12.59 23.19 -5.50
CA GLU C 414 -12.82 24.12 -6.62
C GLU C 414 -12.07 25.43 -6.42
N LYS C 415 -11.82 26.14 -7.52
CA LYS C 415 -11.18 27.46 -7.46
C LYS C 415 -12.07 28.46 -6.69
N ALA C 416 -11.50 29.07 -5.65
CA ALA C 416 -12.21 30.04 -4.82
C ALA C 416 -11.27 30.88 -3.97
N SER C 417 -11.62 32.14 -3.79
CA SER C 417 -10.85 33.07 -2.95
C SER C 417 -11.11 32.84 -1.45
N THR C 418 -12.23 32.21 -1.14
CA THR C 418 -12.60 31.95 0.26
C THR C 418 -12.91 30.47 0.44
N ARG C 419 -12.42 29.90 1.55
CA ARG C 419 -12.68 28.50 1.89
C ARG C 419 -12.93 28.33 3.39
N TYR C 420 -14.18 28.31 3.81
CA TYR C 420 -14.48 27.93 5.20
C TYR C 420 -15.84 27.24 5.39
N VAL C 421 -16.05 26.75 6.60
CA VAL C 421 -17.32 26.15 6.96
C VAL C 421 -17.59 26.37 8.46
N VAL C 422 -18.81 26.81 8.75
CA VAL C 422 -19.26 27.21 10.09
C VAL C 422 -20.41 26.32 10.52
N THR C 423 -20.25 25.60 11.63
CA THR C 423 -21.36 24.83 12.21
C THR C 423 -22.36 25.77 12.87
N THR C 424 -23.53 25.22 13.16
CA THR C 424 -24.53 25.91 13.94
C THR C 424 -24.15 25.84 15.41
N ASP C 425 -24.79 26.67 16.22
CA ASP C 425 -24.51 26.77 17.65
C ASP C 425 -25.01 25.51 18.34
N ILE C 426 -24.22 24.98 19.26
CA ILE C 426 -24.59 23.78 20.01
C ILE C 426 -24.14 23.88 21.48
N ALA C 427 -24.80 23.14 22.36
CA ALA C 427 -24.47 23.20 23.78
C ALA C 427 -23.25 22.34 24.15
N VAL C 428 -22.21 23.00 24.65
CA VAL C 428 -20.98 22.33 25.05
C VAL C 428 -20.89 22.22 26.57
N ASN C 429 -20.56 21.02 27.05
CA ASN C 429 -20.40 20.80 28.47
C ASN C 429 -19.14 20.01 28.81
N GLU C 430 -19.09 19.50 30.05
CA GLU C 430 -17.91 18.84 30.56
C GLU C 430 -17.61 17.54 29.81
N ASP C 431 -18.65 16.89 29.29
CA ASP C 431 -18.50 15.60 28.61
C ASP C 431 -18.53 15.67 27.09
N SER C 432 -18.79 16.87 26.56
CA SER C 432 -18.72 17.14 25.12
C SER C 432 -17.33 16.86 24.55
N PHE C 433 -17.29 16.21 23.39
CA PHE C 433 -16.06 16.08 22.60
C PHE C 433 -16.31 16.34 21.12
N LEU C 434 -15.23 16.40 20.35
CA LEU C 434 -15.29 16.67 18.93
C LEU C 434 -14.44 15.66 18.19
N GLN C 435 -15.08 14.95 17.26
CA GLN C 435 -14.44 13.87 16.54
C GLN C 435 -14.83 13.98 15.06
N ILE C 436 -13.83 14.09 14.18
CA ILE C 436 -14.08 14.16 12.73
C ILE C 436 -13.06 13.38 11.92
N ASP C 437 -13.46 13.02 10.70
CA ASP C 437 -12.52 12.52 9.70
C ASP C 437 -12.07 13.69 8.84
N PHE C 438 -10.76 13.80 8.64
CA PHE C 438 -10.17 14.92 7.89
C PHE C 438 -9.17 14.38 6.89
N ALA C 439 -9.09 15.02 5.73
CA ALA C 439 -8.13 14.64 4.70
C ALA C 439 -7.60 15.90 4.05
N ALA C 440 -6.40 15.81 3.48
CA ALA C 440 -5.80 16.92 2.74
C ALA C 440 -5.71 16.65 1.24
N SER C 441 -4.51 16.76 0.67
CA SER C 441 -4.32 16.71 -0.78
C SER C 441 -4.34 15.32 -1.37
N CYS C 442 -4.45 14.30 -0.53
CA CYS C 442 -4.50 12.91 -0.98
C CYS C 442 -3.39 12.63 -2.01
N SER C 443 -2.19 13.13 -1.73
CA SER C 443 -1.01 12.97 -2.60
C SER C 443 -1.07 13.71 -3.95
N VAL C 444 -2.05 14.58 -4.14
CA VAL C 444 -2.08 15.45 -5.33
C VAL C 444 -0.90 16.43 -5.25
N THR C 445 -0.63 16.96 -4.07
CA THR C 445 0.57 17.79 -3.83
C THR C 445 1.44 17.24 -2.69
N ASP C 446 2.58 17.91 -2.44
CA ASP C 446 3.47 17.55 -1.34
C ASP C 446 3.86 18.79 -0.53
N SER C 447 3.24 19.93 -0.84
CA SER C 447 3.45 21.16 -0.08
C SER C 447 2.92 21.00 1.36
N CYS C 448 3.37 21.86 2.25
CA CYS C 448 3.05 21.75 3.68
C CYS C 448 2.12 22.89 4.13
N TYR C 449 0.86 22.54 4.39
CA TYR C 449 -0.17 23.52 4.80
C TYR C 449 -1.08 23.01 5.93
N ALA C 450 -1.85 23.94 6.52
CA ALA C 450 -2.71 23.61 7.67
C ALA C 450 -4.07 24.31 7.64
N ILE C 451 -5.10 23.59 8.06
CA ILE C 451 -6.45 24.15 8.16
C ILE C 451 -6.65 24.54 9.63
N GLU C 452 -7.02 25.79 9.86
CA GLU C 452 -7.23 26.24 11.23
C GLU C 452 -8.62 25.90 11.68
N LEU C 453 -8.72 25.42 12.91
CA LEU C 453 -9.98 25.04 13.54
C LEU C 453 -10.31 25.95 14.74
N GLU C 454 -11.19 26.93 14.51
CA GLU C 454 -11.55 27.93 15.52
C GLU C 454 -12.95 27.68 16.07
N TYR C 455 -13.31 28.41 17.12
CA TYR C 455 -14.66 28.34 17.71
C TYR C 455 -15.17 29.70 18.14
N SER C 456 -16.50 29.87 18.18
CA SER C 456 -17.12 31.09 18.69
C SER C 456 -18.09 30.80 19.83
N VAL C 457 -18.24 31.77 20.72
CA VAL C 457 -19.28 31.72 21.74
C VAL C 457 -20.12 32.99 21.74
N ASP C 458 -19.85 33.87 20.77
CA ASP C 458 -20.67 35.07 20.55
C ASP C 458 -21.27 35.08 19.15
N LEU C 459 -21.91 33.97 18.76
CA LEU C 459 -22.58 33.82 17.47
C LEU C 459 -21.74 34.27 16.26
N GLY C 460 -20.48 33.87 16.25
CA GLY C 460 -19.58 34.11 15.13
C GLY C 460 -19.04 35.53 14.97
N LEU C 461 -19.34 36.38 15.95
CA LEU C 461 -18.83 37.75 15.97
C LEU C 461 -17.30 37.78 16.18
N SER C 462 -16.79 36.88 17.02
CA SER C 462 -15.34 36.72 17.21
C SER C 462 -14.94 35.24 17.29
N TRP C 463 -13.86 34.88 16.59
CA TRP C 463 -13.35 33.51 16.53
C TRP C 463 -12.04 33.32 17.32
N HIS C 464 -11.81 32.10 17.82
CA HIS C 464 -10.67 31.80 18.70
C HIS C 464 -10.17 30.38 18.46
N PRO C 465 -8.84 30.18 18.40
CA PRO C 465 -8.33 28.85 18.07
C PRO C 465 -8.75 27.85 19.13
N LEU C 466 -9.13 26.66 18.70
CA LEU C 466 -9.69 25.64 19.58
C LEU C 466 -8.63 25.09 20.53
N VAL C 467 -7.51 24.63 19.97
CA VAL C 467 -6.36 24.24 20.78
C VAL C 467 -5.19 25.20 20.60
N ARG C 468 -4.33 25.24 21.62
CA ARG C 468 -3.18 26.16 21.66
C ARG C 468 -1.90 25.37 21.83
N ASP C 469 -0.76 25.98 21.45
CA ASP C 469 0.54 25.36 21.69
C ASP C 469 0.73 25.15 23.20
N CYS C 470 1.15 23.94 23.58
CA CYS C 470 1.61 23.72 24.93
C CYS C 470 2.73 22.71 25.01
N LEU C 471 3.91 23.19 25.42
CA LEU C 471 5.13 22.40 25.45
C LEU C 471 5.65 22.33 26.89
N PRO C 472 6.61 21.43 27.17
CA PRO C 472 7.02 21.22 28.57
C PRO C 472 7.70 22.41 29.27
N THR C 473 8.24 23.37 28.52
CA THR C 473 8.89 24.55 29.13
C THR C 473 7.90 25.35 29.97
N ASN C 474 6.68 25.49 29.47
CA ASN C 474 5.55 25.89 30.29
C ASN C 474 5.22 24.73 31.22
N VAL C 475 5.05 25.03 32.51
CA VAL C 475 4.89 23.99 33.53
C VAL C 475 3.45 23.89 34.04
N GLU C 476 2.64 24.88 33.67
CA GLU C 476 1.21 24.89 33.94
C GLU C 476 0.50 23.88 33.02
N CYS C 477 1.24 22.87 32.56
CA CYS C 477 0.80 22.05 31.44
C CYS C 477 1.01 20.54 31.60
N SER C 478 -0.09 19.80 31.53
CA SER C 478 -0.10 18.32 31.71
C SER C 478 -0.15 17.53 30.40
N ARG C 479 -0.84 18.08 29.39
CA ARG C 479 -0.85 17.53 28.05
C ARG C 479 -0.05 18.44 27.11
N TYR C 480 0.67 17.86 26.16
CA TYR C 480 1.42 18.67 25.21
C TYR C 480 0.91 18.50 23.79
N HIS C 481 0.73 19.62 23.09
CA HIS C 481 0.27 19.63 21.70
C HIS C 481 0.56 20.94 20.96
N LEU C 482 -0.04 21.09 19.77
CA LEU C 482 0.15 22.28 18.96
C LEU C 482 -1.17 22.83 18.43
N GLN C 483 -1.19 24.15 18.21
CA GLN C 483 -2.37 24.83 17.70
C GLN C 483 -2.74 24.33 16.30
N ARG C 484 -1.74 23.97 15.52
CA ARG C 484 -1.96 23.45 14.16
C ARG C 484 -1.98 21.93 14.16
N ILE C 485 -3.18 21.36 14.28
CA ILE C 485 -3.36 19.92 14.29
C ILE C 485 -3.57 19.38 12.87
N LEU C 486 -4.35 20.10 12.09
CA LEU C 486 -4.72 19.64 10.74
C LEU C 486 -3.67 19.96 9.69
N VAL C 487 -2.49 19.37 9.84
CA VAL C 487 -1.39 19.51 8.87
C VAL C 487 -1.59 18.60 7.65
N SER C 488 -0.99 19.00 6.54
CA SER C 488 -1.26 18.33 5.27
C SER C 488 -0.46 17.05 5.04
N ASP C 489 0.63 16.86 5.77
CA ASP C 489 1.44 15.65 5.57
C ASP C 489 0.99 14.48 6.45
N THR C 490 0.63 14.78 7.70
CA THR C 490 0.11 13.78 8.62
C THR C 490 -1.30 13.38 8.20
N PHE C 491 -2.10 14.36 7.80
CA PHE C 491 -3.49 14.12 7.43
C PHE C 491 -3.64 14.09 5.92
N ASN C 492 -2.64 13.46 5.29
CA ASN C 492 -2.58 13.31 3.84
C ASN C 492 -3.77 12.56 3.25
N LYS C 493 -4.03 11.36 3.75
CA LYS C 493 -5.21 10.57 3.39
C LYS C 493 -6.11 10.47 4.62
N TRP C 494 -7.41 10.23 4.42
CA TRP C 494 -8.42 10.29 5.49
C TRP C 494 -7.94 9.80 6.85
N THR C 495 -7.89 10.71 7.81
CA THR C 495 -7.59 10.36 9.20
C THR C 495 -8.69 10.85 10.15
N ARG C 496 -8.92 10.08 11.21
CA ARG C 496 -9.82 10.49 12.28
C ARG C 496 -9.06 11.30 13.32
N ILE C 497 -9.64 12.40 13.76
CA ILE C 497 -9.10 13.16 14.87
C ILE C 497 -10.16 13.31 15.96
N THR C 498 -9.80 12.96 17.20
CA THR C 498 -10.73 12.97 18.32
C THR C 498 -10.13 13.73 19.49
N LEU C 499 -10.80 14.81 19.90
CA LEU C 499 -10.31 15.61 21.02
C LEU C 499 -11.43 15.99 22.01
N PRO C 500 -11.19 15.85 23.32
CA PRO C 500 -12.15 16.40 24.30
C PRO C 500 -12.18 17.91 24.15
N LEU C 501 -13.35 18.52 24.29
CA LEU C 501 -13.43 19.97 24.16
C LEU C 501 -12.97 20.66 25.45
N PRO C 502 -12.04 21.63 25.32
CA PRO C 502 -11.52 22.33 26.49
C PRO C 502 -12.60 23.17 27.19
N SER C 503 -12.36 23.55 28.44
CA SER C 503 -13.34 24.28 29.25
C SER C 503 -13.78 25.61 28.64
N TYR C 504 -12.85 26.33 28.01
CA TYR C 504 -13.15 27.63 27.40
C TYR C 504 -14.09 27.61 26.19
N THR C 505 -14.66 26.44 25.88
CA THR C 505 -15.60 26.29 24.75
C THR C 505 -17.01 25.96 25.24
N ARG C 506 -17.14 25.68 26.53
CA ARG C 506 -18.44 25.40 27.16
C ARG C 506 -19.38 26.59 27.15
N SER C 507 -20.48 26.48 26.41
CA SER C 507 -21.54 27.50 26.45
C SER C 507 -22.91 26.88 26.18
N GLN C 508 -23.94 27.73 26.17
CA GLN C 508 -25.24 27.36 25.64
C GLN C 508 -25.09 27.18 24.13
N ALA C 509 -24.41 28.12 23.49
CA ALA C 509 -24.35 28.20 22.04
C ALA C 509 -22.94 28.46 21.46
N THR C 510 -22.09 27.43 21.50
CA THR C 510 -20.80 27.48 20.82
C THR C 510 -20.97 27.01 19.39
N ARG C 511 -20.34 27.70 18.45
CA ARG C 511 -20.22 27.19 17.08
C ARG C 511 -18.75 26.99 16.70
N PHE C 512 -18.51 26.28 15.60
CA PHE C 512 -17.17 25.87 15.21
C PHE C 512 -16.86 26.22 13.77
N ARG C 513 -15.59 26.53 13.49
CA ARG C 513 -15.17 26.86 12.12
C ARG C 513 -13.92 26.10 11.68
N TRP C 514 -13.95 25.60 10.45
CA TRP C 514 -12.79 25.09 9.76
C TRP C 514 -12.48 26.11 8.70
N HIS C 515 -11.31 26.76 8.82
CA HIS C 515 -10.94 27.93 7.99
C HIS C 515 -9.58 27.72 7.33
N GLN C 516 -9.50 28.00 6.04
CA GLN C 516 -8.20 28.03 5.35
C GLN C 516 -7.92 29.49 5.04
N PRO C 517 -7.04 30.12 5.85
CA PRO C 517 -6.75 31.55 5.76
C PRO C 517 -5.94 31.90 4.51
N ALA C 518 -6.15 33.11 4.00
CA ALA C 518 -5.45 33.62 2.82
C ALA C 518 -3.98 33.96 3.11
N PRO C 519 -3.09 33.79 2.11
CA PRO C 519 -3.42 33.22 0.82
C PRO C 519 -3.19 31.70 0.79
N PHE C 520 -3.87 31.02 -0.14
CA PHE C 520 -3.60 29.63 -0.42
C PHE C 520 -3.59 29.40 -1.92
N ASP C 521 -3.07 28.26 -2.33
CA ASP C 521 -3.19 27.80 -3.71
C ASP C 521 -4.46 26.98 -3.80
N LYS C 522 -4.97 26.85 -5.02
CA LYS C 522 -6.14 26.00 -5.29
C LYS C 522 -5.84 24.56 -4.90
N GLN C 523 -4.68 24.07 -5.33
CA GLN C 523 -4.30 22.66 -5.24
C GLN C 523 -4.08 22.20 -3.82
N GLN C 524 -4.18 23.13 -2.86
CA GLN C 524 -4.04 22.83 -1.43
C GLN C 524 -5.39 22.48 -0.83
N THR C 525 -5.97 21.40 -1.34
CA THR C 525 -7.32 20.96 -1.04
C THR C 525 -7.44 20.32 0.34
N TRP C 526 -8.67 20.31 0.87
CA TRP C 526 -8.97 19.56 2.07
C TRP C 526 -10.42 19.07 2.11
N ALA C 527 -10.77 18.28 3.12
CA ALA C 527 -12.13 17.76 3.23
C ALA C 527 -12.43 17.21 4.60
N ILE C 528 -13.70 17.28 4.98
CA ILE C 528 -14.16 16.66 6.23
C ILE C 528 -15.31 15.71 5.95
N ASP C 529 -15.48 14.70 6.80
CA ASP C 529 -16.57 13.72 6.70
C ASP C 529 -16.75 13.13 8.09
N ASN C 530 -17.90 12.50 8.32
CA ASN C 530 -18.21 11.86 9.60
C ASN C 530 -17.87 12.73 10.80
N VAL C 531 -18.51 13.88 10.85
CA VAL C 531 -18.38 14.85 11.95
C VAL C 531 -19.28 14.45 13.10
N TYR C 532 -18.75 14.41 14.31
CA TYR C 532 -19.56 14.25 15.51
C TYR C 532 -19.09 15.19 16.60
N ILE C 533 -20.00 16.03 17.09
CA ILE C 533 -19.70 16.95 18.18
C ILE C 533 -20.77 16.77 19.22
N GLY C 534 -20.41 16.23 20.38
CA GLY C 534 -21.39 16.04 21.46
C GLY C 534 -20.90 15.24 22.63
N ASP C 535 -21.83 14.96 23.56
CA ASP C 535 -21.54 14.28 24.82
C ASP C 535 -22.03 12.81 24.86
N GLY C 536 -22.54 12.32 23.74
CA GLY C 536 -23.07 10.95 23.64
C GLY C 536 -21.97 9.91 23.80
N CYS C 537 -22.36 8.64 23.72
CA CYS C 537 -21.42 7.51 23.88
C CYS C 537 -20.71 7.56 25.24
N LEU C 538 -19.59 6.87 25.37
CA LEU C 538 -18.83 6.87 26.60
C LEU C 538 -17.35 6.71 26.33
N ASP C 539 -16.52 7.37 27.13
CA ASP C 539 -15.07 7.30 27.00
C ASP C 539 -14.59 7.65 25.57
N CYS C 541 -15.67 6.41 22.90
CA CYS C 541 -15.56 5.11 22.25
C CYS C 541 -14.16 4.49 22.35
N SER C 542 -13.51 4.71 23.50
CA SER C 542 -12.21 4.12 23.84
C SER C 542 -11.11 4.40 22.84
N GLY C 543 -11.34 5.34 21.93
CA GLY C 543 -10.37 5.69 20.88
C GLY C 543 -10.25 4.68 19.75
N HIS C 544 -11.20 3.75 19.68
CA HIS C 544 -11.28 2.75 18.62
C HIS C 544 -12.73 2.66 18.12
N GLY C 545 -13.26 3.74 17.58
CA GLY C 545 -14.65 3.79 17.14
C GLY C 545 -15.23 5.19 17.05
N ARG C 546 -16.24 5.36 16.19
CA ARG C 546 -16.96 6.62 16.03
C ARG C 546 -18.26 6.55 16.81
N CYS C 547 -18.72 7.71 17.28
CA CYS C 547 -20.02 7.79 17.91
C CYS C 547 -21.07 8.11 16.84
N VAL C 548 -21.95 7.15 16.55
CA VAL C 548 -23.08 7.40 15.64
C VAL C 548 -24.42 7.16 16.36
N GLN C 549 -25.23 8.21 16.42
CA GLN C 549 -26.53 8.19 17.08
C GLN C 549 -26.47 7.61 18.50
N GLY C 550 -25.64 8.19 19.35
CA GLY C 550 -25.53 7.77 20.75
C GLY C 550 -24.82 6.45 21.02
N SER C 551 -24.56 5.67 19.97
CA SER C 551 -23.95 4.36 20.12
C SER C 551 -22.61 4.26 19.38
N CYS C 552 -21.66 3.54 19.98
CA CYS C 552 -20.34 3.39 19.38
C CYS C 552 -20.36 2.43 18.19
N VAL C 553 -19.79 2.88 17.07
CA VAL C 553 -19.54 2.06 15.90
C VAL C 553 -18.06 1.72 15.93
N CYS C 554 -17.74 0.45 16.18
CA CYS C 554 -16.34 0.07 16.41
C CYS C 554 -15.51 -0.03 15.13
N ASP C 555 -14.19 0.01 15.28
CA ASP C 555 -13.25 -0.07 14.16
C ASP C 555 -12.91 -1.51 13.84
N GLU C 556 -12.24 -1.72 12.71
CA GLU C 556 -11.74 -3.03 12.32
C GLU C 556 -11.04 -3.70 13.51
N GLN C 557 -11.43 -4.94 13.81
CA GLN C 557 -10.82 -5.76 14.86
C GLN C 557 -11.04 -5.25 16.30
N TRP C 558 -12.14 -4.54 16.52
CA TRP C 558 -12.47 -4.00 17.86
C TRP C 558 -13.93 -4.26 18.25
N GLY C 559 -14.15 -4.60 19.51
CA GLY C 559 -15.48 -4.95 19.98
C GLY C 559 -15.81 -4.58 21.41
N GLY C 560 -17.02 -4.96 21.83
CA GLY C 560 -17.57 -4.55 23.11
C GLY C 560 -18.44 -3.32 22.93
N LEU C 561 -19.22 -2.99 23.95
CA LEU C 561 -20.16 -1.87 23.85
C LEU C 561 -19.44 -0.56 23.58
N TYR C 562 -18.29 -0.39 24.22
CA TYR C 562 -17.57 0.87 24.15
C TYR C 562 -16.29 0.80 23.33
N CYS C 563 -16.12 -0.31 22.61
CA CYS C 563 -14.99 -0.55 21.72
C CYS C 563 -13.68 -0.73 22.49
N ASP C 564 -13.77 -1.40 23.64
CA ASP C 564 -12.65 -1.55 24.56
C ASP C 564 -12.12 -2.99 24.66
N GLU C 565 -12.77 -3.92 23.95
CA GLU C 565 -12.34 -5.32 23.90
C GLU C 565 -11.80 -5.65 22.51
N PRO C 566 -10.53 -6.06 22.42
CA PRO C 566 -9.91 -6.34 21.12
C PRO C 566 -10.22 -7.74 20.61
N GLU C 567 -10.61 -7.84 19.33
CA GLU C 567 -11.01 -9.11 18.74
C GLU C 567 -9.82 -10.01 18.41
N THR C 568 -8.78 -9.43 17.82
CA THR C 568 -7.57 -10.19 17.54
C THR C 568 -6.57 -9.94 18.66
N SER C 569 -5.52 -10.75 18.68
CA SER C 569 -4.38 -10.56 19.56
C SER C 569 -3.43 -9.51 18.95
N LEU C 570 -2.93 -8.61 19.79
CA LEU C 570 -2.04 -7.53 19.33
C LEU C 570 -0.57 -7.93 19.51
N PRO C 571 0.35 -7.32 18.72
CA PRO C 571 1.78 -7.64 18.86
C PRO C 571 2.27 -7.29 20.27
N THR C 572 3.17 -8.11 20.81
CA THR C 572 3.65 -7.90 22.17
C THR C 572 5.09 -7.37 22.20
N GLN C 573 5.62 -7.03 21.04
CA GLN C 573 7.01 -6.67 20.91
C GLN C 573 7.18 -5.87 19.63
N LEU C 574 7.93 -4.78 19.71
CA LEU C 574 8.31 -4.03 18.52
C LEU C 574 9.83 -4.07 18.32
N LYS C 575 10.24 -4.01 17.06
CA LYS C 575 11.65 -4.04 16.69
C LYS C 575 11.81 -3.56 15.25
N ASP C 576 12.85 -2.75 15.02
CA ASP C 576 13.16 -2.20 13.71
C ASP C 576 14.58 -1.64 13.78
N ASN C 577 15.46 -2.18 12.94
CA ASN C 577 16.85 -1.74 12.85
C ASN C 577 17.04 -0.89 11.61
N PHE C 578 15.88 -0.48 11.08
CA PHE C 578 15.73 0.38 9.92
C PHE C 578 16.55 -0.03 8.69
N ASN C 579 16.55 -1.34 8.43
CA ASN C 579 17.17 -1.89 7.23
C ASN C 579 16.28 -1.82 6.00
N ARG C 580 14.96 -1.84 6.21
CA ARG C 580 13.95 -1.73 5.15
C ARG C 580 13.10 -0.51 5.45
N ALA C 581 12.53 0.12 4.43
CA ALA C 581 11.58 1.23 4.65
C ALA C 581 10.52 0.83 5.68
N PRO C 582 10.10 1.77 6.54
CA PRO C 582 9.14 1.45 7.62
C PRO C 582 7.82 0.84 7.12
N SER C 583 7.30 -0.12 7.87
CA SER C 583 6.15 -0.94 7.47
C SER C 583 4.85 -0.63 8.22
N ASN C 584 3.72 -0.91 7.58
CA ASN C 584 2.41 -0.91 8.23
C ASN C 584 2.44 -1.64 9.57
N GLN C 585 3.11 -2.79 9.59
CA GLN C 585 3.09 -3.72 10.69
C GLN C 585 3.74 -3.21 11.99
N ASN C 586 4.61 -2.21 11.87
CA ASN C 586 5.25 -1.56 13.02
C ASN C 586 4.80 -0.11 13.21
N TRP C 587 4.63 0.59 12.10
CA TRP C 587 4.51 2.04 12.16
C TRP C 587 3.19 2.59 11.67
N LEU C 588 2.35 2.96 12.63
CA LEU C 588 1.10 3.64 12.31
C LEU C 588 1.34 4.90 11.49
N THR C 589 2.34 5.68 11.85
CA THR C 589 2.68 6.92 11.12
C THR C 589 4.18 7.23 11.10
N VAL C 590 4.70 7.50 9.91
CA VAL C 590 6.03 8.08 9.73
C VAL C 590 5.85 9.36 8.94
N SER C 591 6.47 10.44 9.41
CA SER C 591 6.25 11.75 8.86
C SER C 591 7.44 12.66 9.09
N GLY C 592 7.99 13.20 8.01
CA GLY C 592 9.21 14.02 8.08
C GLY C 592 10.51 13.23 8.18
N GLY C 593 10.41 11.89 8.21
CA GLY C 593 11.59 11.02 8.37
C GLY C 593 11.80 9.99 7.27
N LYS C 594 13.06 9.68 6.97
CA LYS C 594 13.39 8.70 5.93
C LYS C 594 14.66 7.93 6.25
N LEU C 595 14.84 6.77 5.61
CA LEU C 595 16.04 5.96 5.79
C LEU C 595 17.22 6.72 5.26
N SER C 596 18.27 6.79 6.07
CA SER C 596 19.46 7.53 5.70
C SER C 596 20.71 7.02 6.41
N THR C 597 21.85 7.30 5.79
CA THR C 597 23.13 6.87 6.29
C THR C 597 24.01 8.08 6.61
N VAL C 598 23.42 9.27 6.50
CA VAL C 598 24.12 10.54 6.69
C VAL C 598 24.67 10.73 8.11
N CYS C 599 24.06 10.06 9.08
CA CYS C 599 24.42 10.26 10.49
C CYS C 599 25.59 9.40 10.93
N GLY C 600 26.32 8.84 9.97
CA GLY C 600 27.28 7.79 10.26
C GLY C 600 26.51 6.68 10.94
N ALA C 601 27.16 5.94 11.84
CA ALA C 601 26.49 4.85 12.53
C ALA C 601 25.80 5.28 13.82
N VAL C 602 24.51 5.64 13.76
CA VAL C 602 23.75 5.91 15.01
C VAL C 602 23.72 4.69 15.93
N ALA C 603 23.11 3.60 15.48
CA ALA C 603 23.33 2.32 16.13
C ALA C 603 24.31 1.55 15.27
N SER C 604 23.88 1.30 14.03
CA SER C 604 24.54 0.40 13.10
C SER C 604 23.80 0.44 11.77
N GLY C 605 24.58 0.60 10.70
CA GLY C 605 24.02 0.69 9.35
C GLY C 605 23.08 1.87 9.21
N LEU C 606 21.97 1.63 8.49
CA LEU C 606 20.97 2.68 8.26
C LEU C 606 20.16 3.03 9.52
N ALA C 607 19.70 4.28 9.54
CA ALA C 607 18.86 4.79 10.61
C ALA C 607 17.77 5.67 10.03
N LEU C 608 16.71 5.88 10.82
CA LEU C 608 15.58 6.70 10.39
C LEU C 608 15.85 8.15 10.80
N HIS C 609 16.09 8.98 9.79
CA HIS C 609 16.55 10.35 9.97
C HIS C 609 15.41 11.34 9.73
N PHE C 610 15.21 12.26 10.67
CA PHE C 610 14.12 13.23 10.56
C PHE C 610 14.64 14.64 10.28
N SER C 611 14.49 15.09 9.04
CA SER C 611 15.00 16.41 8.64
C SER C 611 14.03 17.17 7.74
N GLY C 612 12.84 16.61 7.55
CA GLY C 612 11.81 17.21 6.69
C GLY C 612 11.41 18.62 7.07
N GLY C 613 10.82 19.33 6.12
CA GLY C 613 10.41 20.72 6.31
C GLY C 613 9.13 20.94 7.09
N CYS C 614 8.33 19.89 7.26
CA CYS C 614 7.00 20.00 7.84
C CYS C 614 6.91 19.27 9.19
N SER C 615 5.99 18.32 9.34
CA SER C 615 5.87 17.54 10.58
C SER C 615 7.00 16.54 10.74
N ARG C 616 7.41 16.30 11.98
CA ARG C 616 8.32 15.20 12.27
C ARG C 616 7.71 14.35 13.39
N LEU C 617 7.24 13.17 13.00
CA LEU C 617 6.38 12.36 13.84
C LEU C 617 6.69 10.89 13.59
N LEU C 618 6.63 10.09 14.65
CA LEU C 618 6.87 8.66 14.55
C LEU C 618 5.98 7.96 15.56
N VAL C 619 4.90 7.35 15.06
CA VAL C 619 3.90 6.68 15.92
C VAL C 619 3.87 5.18 15.68
N THR C 620 3.90 4.39 16.74
CA THR C 620 3.83 2.94 16.62
C THR C 620 2.37 2.50 16.51
N VAL C 621 2.20 1.30 15.99
CA VAL C 621 0.92 0.59 16.07
C VAL C 621 0.64 0.19 17.53
N ASP C 622 -0.62 -0.14 17.83
CA ASP C 622 -1.01 -0.55 19.18
C ASP C 622 -0.38 -1.88 19.58
N LEU C 623 -0.03 -2.01 20.86
CA LEU C 623 0.73 -3.16 21.33
C LEU C 623 0.18 -3.71 22.66
N ASN C 624 0.30 -5.03 22.84
CA ASN C 624 -0.03 -5.70 24.09
C ASN C 624 1.22 -5.68 24.96
N LEU C 625 1.27 -4.72 25.88
CA LEU C 625 2.48 -4.53 26.69
C LEU C 625 2.31 -5.05 28.11
N THR C 626 1.30 -5.87 28.35
CA THR C 626 0.98 -6.32 29.71
C THR C 626 2.12 -7.11 30.36
N ASN C 627 2.94 -7.76 29.53
CA ASN C 627 4.08 -8.54 29.99
C ASN C 627 5.40 -8.06 29.39
N ALA C 628 5.42 -6.80 28.96
CA ALA C 628 6.63 -6.21 28.40
C ALA C 628 7.38 -5.50 29.50
N GLU C 629 8.70 -5.43 29.36
CA GLU C 629 9.54 -4.80 30.38
C GLU C 629 10.03 -3.39 30.01
N PHE C 630 10.58 -3.23 28.79
CA PHE C 630 11.25 -1.98 28.44
C PHE C 630 11.01 -1.41 27.04
N ILE C 631 11.25 -0.11 26.90
CA ILE C 631 11.44 0.53 25.60
C ILE C 631 12.89 1.02 25.51
N GLN C 632 13.57 0.66 24.41
CA GLN C 632 14.95 1.06 24.22
C GLN C 632 15.23 1.39 22.76
N PHE C 633 16.14 2.35 22.55
CA PHE C 633 16.50 2.84 21.21
C PHE C 633 17.79 3.64 21.24
N TYR C 634 18.41 3.85 20.07
CA TYR C 634 19.52 4.79 19.94
C TYR C 634 19.02 6.13 19.43
N PHE C 635 19.74 7.19 19.75
CA PHE C 635 19.33 8.54 19.38
C PHE C 635 20.51 9.48 19.21
N TYR C 637 21.20 13.82 17.92
CA TYR C 637 20.80 15.11 17.37
C TYR C 637 21.88 15.66 16.45
N GLY C 638 21.45 16.44 15.45
CA GLY C 638 22.34 17.28 14.66
C GLY C 638 23.30 16.60 13.72
N CYS C 639 22.80 15.69 12.90
CA CYS C 639 23.60 15.04 11.85
C CYS C 639 24.00 16.08 10.79
N LEU C 640 23.20 17.14 10.71
CA LEU C 640 23.48 18.30 9.88
C LEU C 640 23.61 19.53 10.76
N ILE C 641 22.49 20.09 11.19
CA ILE C 641 22.47 21.30 12.03
C ILE C 641 21.86 20.98 13.40
N THR C 642 22.61 21.30 14.46
CA THR C 642 22.18 21.03 15.83
C THR C 642 20.88 21.77 16.21
N PRO C 643 20.08 21.21 17.16
CA PRO C 643 18.99 21.96 17.79
C PRO C 643 19.55 23.12 18.59
N SER C 644 18.81 24.21 18.66
CA SER C 644 19.28 25.43 19.30
C SER C 644 18.57 25.78 20.62
N ASN C 645 17.38 25.23 20.85
CA ASN C 645 16.64 25.51 22.10
C ASN C 645 15.76 24.37 22.61
N ARG C 646 15.30 24.50 23.85
CA ARG C 646 14.58 23.43 24.56
C ARG C 646 13.28 22.97 23.90
N ASN C 647 12.71 23.82 23.05
CA ASN C 647 11.44 23.51 22.43
C ASN C 647 11.59 22.74 21.12
N GLN C 648 12.83 22.40 20.78
CA GLN C 648 13.12 21.59 19.60
C GLN C 648 13.53 20.17 20.04
N GLY C 649 13.50 19.94 21.35
CA GLY C 649 13.73 18.62 21.89
C GLY C 649 12.60 17.69 21.50
N VAL C 650 12.96 16.47 21.14
CA VAL C 650 11.99 15.43 20.81
C VAL C 650 11.33 14.95 22.10
N LEU C 651 10.02 14.68 22.04
CA LEU C 651 9.29 14.14 23.18
C LEU C 651 8.83 12.72 22.88
N LEU C 652 9.03 11.82 23.83
CA LEU C 652 8.55 10.45 23.71
C LEU C 652 7.35 10.25 24.63
N GLU C 653 6.18 10.15 24.02
CA GLU C 653 4.93 10.01 24.76
C GLU C 653 4.31 8.66 24.44
N TYR C 654 3.33 8.26 25.25
CA TYR C 654 2.56 7.04 25.00
C TYR C 654 1.08 7.26 25.23
N SER C 655 0.25 6.67 24.38
CA SER C 655 -1.20 6.71 24.55
C SER C 655 -1.81 5.35 24.81
N VAL C 656 -2.88 5.31 25.60
CA VAL C 656 -3.60 4.06 25.86
C VAL C 656 -5.09 4.11 25.44
N ASN C 657 -5.50 5.26 24.90
CA ASN C 657 -6.85 5.42 24.37
C ASN C 657 -6.81 5.68 22.86
N GLY C 658 -5.98 4.89 22.17
CA GLY C 658 -5.85 4.99 20.72
C GLY C 658 -5.47 6.37 20.22
N GLY C 659 -4.61 7.05 20.98
CA GLY C 659 -4.04 8.32 20.56
C GLY C 659 -4.94 9.52 20.80
N ILE C 660 -5.96 9.34 21.63
CA ILE C 660 -6.78 10.49 22.04
C ILE C 660 -5.96 11.40 22.96
N THR C 661 -5.40 10.83 24.03
CA THR C 661 -4.52 11.60 24.92
C THR C 661 -3.22 10.86 25.26
N TRP C 662 -2.13 11.60 25.21
CA TRP C 662 -0.78 11.09 25.39
C TRP C 662 -0.17 11.43 26.75
N ASN C 663 0.71 10.57 27.24
CA ASN C 663 1.47 10.85 28.45
C ASN C 663 2.94 10.90 28.17
N LEU C 664 3.62 11.90 28.73
CA LEU C 664 5.05 12.04 28.55
C LEU C 664 5.77 10.94 29.30
N LEU C 665 6.75 10.35 28.62
CA LEU C 665 7.56 9.32 29.21
C LEU C 665 9.00 9.83 29.31
N GLU C 667 11.55 13.48 27.94
CA GLU C 667 11.99 14.56 27.07
C GLU C 667 13.44 14.27 26.71
N ILE C 668 13.71 14.09 25.42
CA ILE C 668 15.08 13.91 24.93
C ILE C 668 15.65 15.30 24.74
N PHE C 669 16.43 15.76 25.74
CA PHE C 669 16.87 17.16 25.80
C PHE C 669 17.77 17.57 24.62
N TYR C 670 17.47 18.75 24.07
CA TYR C 670 18.13 19.24 22.85
C TYR C 670 19.66 19.27 22.91
N ASP C 671 20.21 19.62 24.06
CA ASP C 671 21.64 19.89 24.20
C ASP C 671 22.49 18.64 24.41
N GLN C 672 21.82 17.53 24.66
CA GLN C 672 22.45 16.22 24.85
C GLN C 672 22.44 15.44 23.52
N TYR C 673 22.87 14.17 23.57
CA TYR C 673 22.89 13.29 22.39
C TYR C 673 23.42 13.97 21.14
N SER C 674 24.72 14.24 21.08
CA SER C 674 25.32 14.73 19.84
C SER C 674 26.33 13.70 19.35
N LYS C 675 26.90 12.96 20.29
CA LYS C 675 27.39 11.63 20.01
C LYS C 675 26.16 10.73 20.22
N PRO C 676 26.01 9.65 19.40
CA PRO C 676 24.79 8.84 19.48
C PRO C 676 24.73 8.08 20.80
N GLY C 677 23.56 8.04 21.43
CA GLY C 677 23.41 7.43 22.77
C GLY C 677 22.27 6.43 22.95
N PHE C 678 22.41 5.54 23.94
CA PHE C 678 21.48 4.43 24.15
C PHE C 678 20.47 4.73 25.25
N VAL C 679 19.23 5.02 24.85
CA VAL C 679 18.11 5.16 25.77
C VAL C 679 17.57 3.77 26.09
N ASN C 680 17.20 3.54 27.35
CA ASN C 680 16.72 2.25 27.83
C ASN C 680 15.81 2.50 29.03
N ILE C 681 14.51 2.63 28.79
CA ILE C 681 13.57 3.03 29.84
C ILE C 681 12.74 1.82 30.28
N LEU C 682 12.53 1.68 31.58
CA LEU C 682 11.56 0.74 32.13
C LEU C 682 10.16 1.23 31.82
N LEU C 683 9.25 0.30 31.57
CA LEU C 683 7.90 0.71 31.24
C LEU C 683 7.09 0.93 32.52
N PRO C 684 6.47 2.12 32.65
CA PRO C 684 5.60 2.40 33.79
C PRO C 684 4.37 1.49 33.77
N PRO C 685 3.90 1.04 34.96
CA PRO C 685 2.68 0.24 35.08
C PRO C 685 1.49 0.75 34.26
N ASP C 686 1.46 2.06 33.98
CA ASP C 686 0.35 2.68 33.26
C ASP C 686 0.44 2.51 31.75
N ALA C 687 1.57 2.00 31.26
CA ALA C 687 1.78 1.78 29.83
C ALA C 687 1.72 0.30 29.51
N LYS C 688 1.35 -0.51 30.49
CA LYS C 688 1.21 -1.96 30.29
C LYS C 688 -0.27 -2.35 30.17
N GLU C 689 -1.00 -1.60 29.34
CA GLU C 689 -2.37 -1.94 28.98
C GLU C 689 -2.34 -2.85 27.75
N ILE C 690 -3.49 -3.46 27.42
CA ILE C 690 -3.61 -4.37 26.26
C ILE C 690 -3.46 -3.66 24.92
N ALA C 691 -3.63 -2.34 24.92
CA ALA C 691 -3.51 -1.53 23.71
C ALA C 691 -2.81 -0.20 23.97
N THR C 692 -1.49 -0.23 23.82
CA THR C 692 -0.64 0.94 24.07
C THR C 692 0.10 1.29 22.77
N ARG C 693 0.24 2.57 22.48
CA ARG C 693 1.08 3.00 21.38
C ARG C 693 1.98 4.18 21.75
N PHE C 694 3.12 4.29 21.06
CA PHE C 694 4.14 5.30 21.35
C PHE C 694 4.32 6.28 20.21
N ARG C 695 4.63 7.53 20.55
CA ARG C 695 5.10 8.50 19.55
C ARG C 695 6.38 9.22 19.96
N TRP C 696 7.19 9.51 18.93
CA TRP C 696 8.33 10.41 19.01
C TRP C 696 7.93 11.61 18.15
N TRP C 697 7.92 12.81 18.73
CA TRP C 697 7.67 14.01 17.90
C TRP C 697 8.46 15.26 18.29
N GLN C 698 8.83 16.03 17.28
CA GLN C 698 9.56 17.26 17.47
C GLN C 698 8.61 18.43 17.23
N PRO C 699 8.22 19.12 18.32
CA PRO C 699 7.20 20.16 18.34
C PRO C 699 7.58 21.38 17.52
N ARG C 700 8.84 21.78 17.55
CA ARG C 700 9.32 22.93 16.78
C ARG C 700 10.65 22.66 16.09
N HIS C 701 10.84 23.26 14.91
CA HIS C 701 12.12 23.22 14.22
C HIS C 701 12.22 24.35 13.20
N ASP C 702 13.45 24.65 12.76
CA ASP C 702 13.69 25.81 11.90
C ASP C 702 13.51 25.53 10.41
N GLY C 703 13.00 24.35 10.06
CA GLY C 703 12.68 24.04 8.68
C GLY C 703 13.47 22.89 8.07
N LEU C 704 13.46 22.83 6.74
CA LEU C 704 14.10 21.73 6.03
C LEU C 704 15.59 21.65 6.33
N ASP C 705 16.02 20.47 6.79
CA ASP C 705 17.42 20.18 7.14
C ASP C 705 17.93 20.93 8.38
N GLN C 706 17.00 21.47 9.16
CA GLN C 706 17.36 22.21 10.38
C GLN C 706 17.01 21.40 11.61
N ASN C 707 17.91 21.41 12.59
CA ASN C 707 17.67 20.77 13.89
C ASN C 707 17.17 19.33 13.75
N ASP C 708 17.94 18.53 13.02
CA ASP C 708 17.55 17.16 12.75
C ASP C 708 17.84 16.19 13.90
N TRP C 709 17.18 15.05 13.87
CA TRP C 709 17.44 13.95 14.80
C TRP C 709 17.35 12.64 14.03
N ALA C 710 17.74 11.56 14.69
CA ALA C 710 17.71 10.22 14.09
C ALA C 710 17.54 9.16 15.15
N ILE C 711 16.82 8.10 14.80
CA ILE C 711 16.59 6.98 15.70
C ILE C 711 17.04 5.68 15.00
N ASP C 712 17.48 4.69 15.77
CA ASP C 712 17.89 3.38 15.21
C ASP C 712 17.77 2.35 16.33
N ASN C 713 17.62 1.08 15.97
CA ASN C 713 17.46 -0.01 16.92
C ASN C 713 16.39 0.21 17.98
N VAL C 714 15.20 0.65 17.55
CA VAL C 714 14.04 0.63 18.40
C VAL C 714 13.77 -0.82 18.81
N LEU C 715 13.52 -1.06 20.09
CA LEU C 715 13.12 -2.36 20.59
C LEU C 715 12.25 -2.20 21.81
N ILE C 716 10.96 -2.43 21.65
CA ILE C 716 10.03 -2.49 22.78
C ILE C 716 9.76 -3.95 23.06
N SER C 717 10.34 -4.48 24.11
CA SER C 717 10.24 -5.90 24.38
C SER C 717 10.46 -6.21 25.86
N ARG C 718 10.83 -7.46 26.11
CA ARG C 718 11.16 -7.95 27.43
C ARG C 718 12.28 -8.96 27.18
N LEU C 719 12.79 -9.57 28.25
CA LEU C 719 13.91 -10.51 28.16
C LEU C 719 13.52 -11.84 27.50
N GLU C 720 14.24 -12.18 26.42
CA GLU C 720 14.10 -13.44 25.70
C GLU C 720 14.41 -14.64 26.61
N ASN C 721 13.78 -15.77 26.35
CA ASN C 721 14.16 -17.05 26.95
C ASN C 721 15.21 -17.78 26.10
N LEU C 722 16.28 -18.24 26.75
CA LEU C 722 17.48 -18.66 26.03
C LEU C 722 17.51 -20.15 25.67
N TYR C 723 17.90 -20.43 24.42
CA TYR C 723 18.02 -21.81 23.91
C TYR C 723 19.16 -21.92 22.90
N LYS D 5 -2.92 3.98 -19.50
CA LYS D 5 -3.77 3.67 -18.31
C LYS D 5 -4.73 4.82 -18.03
N GLU D 6 -5.98 4.49 -17.74
CA GLU D 6 -7.04 5.50 -17.60
C GLU D 6 -7.18 6.07 -16.20
N CYS D 7 -7.88 7.20 -16.11
CA CYS D 7 -8.07 7.89 -14.85
C CYS D 7 -9.35 7.42 -14.16
N GLU D 8 -9.39 7.59 -12.84
CA GLU D 8 -10.54 7.22 -12.03
C GLU D 8 -11.75 8.12 -12.30
N LYS D 9 -12.86 7.84 -11.61
CA LYS D 9 -14.16 8.40 -11.98
C LYS D 9 -14.26 9.90 -12.14
N ASP D 10 -13.99 10.65 -11.07
CA ASP D 10 -14.21 12.10 -11.10
C ASP D 10 -12.99 12.92 -11.52
N GLN D 11 -12.12 12.32 -12.33
CA GLN D 11 -10.91 12.96 -12.78
C GLN D 11 -10.96 13.25 -14.28
N PHE D 12 -10.02 14.05 -14.76
CA PHE D 12 -9.92 14.39 -16.17
C PHE D 12 -8.54 13.98 -16.63
N GLN D 13 -8.48 13.35 -17.79
CA GLN D 13 -7.23 12.90 -18.34
C GLN D 13 -6.64 13.93 -19.29
N CYS D 14 -5.39 14.27 -19.05
CA CYS D 14 -4.69 15.29 -19.83
C CYS D 14 -4.12 14.69 -21.10
N ARG D 15 -3.40 15.50 -21.88
CA ARG D 15 -2.67 14.98 -23.03
C ARG D 15 -1.45 14.22 -22.56
N ASN D 16 -0.83 14.68 -21.47
CA ASN D 16 0.36 14.01 -20.96
C ASN D 16 0.03 12.85 -20.04
N GLU D 17 -1.22 12.38 -20.11
CA GLU D 17 -1.69 11.21 -19.34
C GLU D 17 -1.86 11.39 -17.82
N ARG D 18 -1.59 12.58 -17.31
CA ARG D 18 -1.76 12.84 -15.89
C ARG D 18 -3.23 13.10 -15.60
N CYS D 19 -3.66 12.76 -14.37
CA CYS D 19 -5.05 12.87 -13.98
C CYS D 19 -5.27 14.08 -13.09
N ILE D 20 -6.31 14.87 -13.37
CA ILE D 20 -6.65 15.99 -12.51
C ILE D 20 -8.11 15.90 -12.06
N PRO D 21 -8.47 16.63 -11.00
CA PRO D 21 -9.88 16.69 -10.67
C PRO D 21 -10.68 17.26 -11.84
N SER D 22 -11.81 16.64 -12.16
CA SER D 22 -12.64 17.14 -13.25
C SER D 22 -13.08 18.58 -12.99
N VAL D 23 -13.22 18.94 -11.71
CA VAL D 23 -13.64 20.30 -11.37
C VAL D 23 -12.64 21.36 -11.80
N TRP D 24 -11.43 20.94 -12.17
CA TRP D 24 -10.41 21.88 -12.62
C TRP D 24 -10.38 22.01 -14.13
N ARG D 25 -11.28 21.29 -14.79
CA ARG D 25 -11.50 21.45 -16.23
C ARG D 25 -12.15 22.81 -16.49
N CYS D 26 -11.54 23.62 -17.35
CA CYS D 26 -12.10 24.92 -17.73
C CYS D 26 -12.36 25.88 -16.55
N ASP D 27 -11.34 26.12 -15.72
CA ASP D 27 -11.45 27.11 -14.65
C ASP D 27 -10.34 28.14 -14.76
N GLU D 28 -9.76 28.23 -15.96
CA GLU D 28 -8.74 29.24 -16.32
C GLU D 28 -7.42 29.07 -15.60
N ASP D 29 -7.07 27.82 -15.31
CA ASP D 29 -5.80 27.50 -14.70
C ASP D 29 -5.20 26.31 -15.43
N ASP D 30 -3.93 26.43 -15.78
CA ASP D 30 -3.27 25.39 -16.54
C ASP D 30 -2.74 24.27 -15.62
N ASP D 31 -3.55 23.24 -15.39
CA ASP D 31 -3.25 22.24 -14.36
C ASP D 31 -2.60 21.00 -14.95
N CYS D 32 -2.84 20.77 -16.22
CA CYS D 32 -2.19 19.66 -16.90
C CYS D 32 -0.75 20.02 -17.26
N LEU D 33 -0.52 21.32 -17.43
CA LEU D 33 0.77 21.92 -17.78
C LEU D 33 0.98 21.89 -19.29
N ASP D 34 0.00 21.36 -20.00
CA ASP D 34 -0.02 21.41 -21.46
C ASP D 34 -1.30 22.09 -21.93
N HIS D 35 -1.98 22.74 -20.98
CA HIS D 35 -3.19 23.54 -21.23
C HIS D 35 -4.42 22.72 -21.61
N SER D 36 -4.30 21.39 -21.73
CA SER D 36 -5.40 20.58 -22.24
C SER D 36 -6.65 20.54 -21.34
N ASP D 37 -6.52 20.94 -20.09
CA ASP D 37 -7.69 21.09 -19.22
C ASP D 37 -8.40 22.44 -19.47
N GLU D 38 -7.79 23.33 -20.24
CA GLU D 38 -8.40 24.61 -20.55
C GLU D 38 -8.74 24.79 -22.04
N ASP D 39 -8.33 23.83 -22.87
CA ASP D 39 -8.66 23.80 -24.30
C ASP D 39 -10.07 23.28 -24.56
N ASP D 40 -10.64 23.65 -25.69
CA ASP D 40 -11.99 23.25 -26.10
C ASP D 40 -13.06 23.74 -25.15
N CYS D 41 -12.77 24.75 -24.34
CA CYS D 41 -13.75 25.21 -23.36
C CYS D 41 -15.06 25.71 -23.97
N PRO D 42 -16.13 24.92 -23.79
CA PRO D 42 -17.41 25.14 -24.46
C PRO D 42 -17.86 26.59 -24.38
N LYS D 43 -18.58 27.05 -25.41
CA LYS D 43 -18.96 28.46 -25.49
C LYS D 43 -19.51 28.94 -24.14
N LYS D 44 -18.70 29.72 -23.43
CA LYS D 44 -19.12 30.26 -22.14
C LYS D 44 -18.51 31.64 -21.92
N THR D 45 -18.84 32.53 -22.84
CA THR D 45 -18.65 33.97 -22.64
C THR D 45 -19.98 34.58 -22.17
N CYS D 46 -20.12 35.89 -22.25
CA CYS D 46 -21.34 36.56 -21.77
C CYS D 46 -22.53 36.26 -22.66
N ALA D 47 -23.73 36.43 -22.10
CA ALA D 47 -24.94 36.28 -22.88
C ALA D 47 -25.09 37.51 -23.78
N ASP D 48 -26.24 37.64 -24.42
CA ASP D 48 -26.43 38.69 -25.41
C ASP D 48 -26.43 40.07 -24.76
N SER D 49 -26.96 40.15 -23.55
CA SER D 49 -27.16 41.44 -22.88
C SER D 49 -26.20 41.68 -21.71
N ASP D 50 -24.92 41.37 -21.92
CA ASP D 50 -23.89 41.58 -20.89
C ASP D 50 -22.58 41.99 -21.54
N PHE D 51 -21.75 42.71 -20.79
CA PHE D 51 -20.49 43.20 -21.33
C PHE D 51 -19.34 42.37 -20.78
N THR D 52 -18.44 41.95 -21.66
CA THR D 52 -17.30 41.13 -21.29
C THR D 52 -16.07 41.95 -20.89
N CYS D 53 -15.50 41.62 -19.74
CA CYS D 53 -14.25 42.21 -19.27
C CYS D 53 -13.06 41.62 -20.00
N ASP D 54 -11.86 41.99 -19.55
CA ASP D 54 -10.63 41.42 -20.08
C ASP D 54 -10.68 39.88 -20.12
N ASN D 55 -11.17 39.29 -19.04
CA ASN D 55 -11.16 37.83 -18.90
C ASN D 55 -12.52 37.21 -19.10
N GLY D 56 -13.56 38.02 -19.18
CA GLY D 56 -14.88 37.48 -19.45
C GLY D 56 -15.82 37.45 -18.27
N HIS D 57 -15.58 38.31 -17.29
CA HIS D 57 -16.56 38.49 -16.21
C HIS D 57 -17.72 39.32 -16.76
N CYS D 58 -18.95 38.85 -16.55
CA CYS D 58 -20.14 39.48 -17.13
C CYS D 58 -20.86 40.34 -16.11
N ILE D 59 -21.22 41.55 -16.53
CA ILE D 59 -21.90 42.51 -15.69
C ILE D 59 -23.06 43.15 -16.45
N HIS D 60 -24.05 43.63 -15.71
CA HIS D 60 -25.17 44.31 -16.33
C HIS D 60 -24.68 45.63 -16.94
N GLU D 61 -25.28 46.04 -18.05
CA GLU D 61 -24.70 47.11 -18.84
C GLU D 61 -24.63 48.47 -18.15
N ARG D 62 -25.49 48.68 -17.16
CA ARG D 62 -25.54 49.96 -16.44
C ARG D 62 -24.33 50.16 -15.52
N TRP D 63 -23.59 49.08 -15.27
CA TRP D 63 -22.42 49.08 -14.38
C TRP D 63 -21.14 49.56 -15.10
N LYS D 64 -21.12 49.39 -16.42
CA LYS D 64 -20.03 49.88 -17.24
C LYS D 64 -20.27 51.37 -17.47
N CYS D 65 -19.19 52.15 -17.43
CA CYS D 65 -19.24 53.61 -17.63
C CYS D 65 -19.85 54.35 -16.43
N ASP D 66 -19.59 53.83 -15.24
CA ASP D 66 -20.17 54.39 -14.02
C ASP D 66 -19.13 54.99 -13.07
N GLY D 67 -17.99 54.33 -12.92
CA GLY D 67 -16.97 54.77 -11.97
C GLY D 67 -16.64 53.73 -10.90
N GLU D 68 -17.45 52.69 -10.78
CA GLU D 68 -17.16 51.64 -9.80
C GLU D 68 -16.74 50.36 -10.54
N GLU D 69 -15.83 49.60 -9.95
CA GLU D 69 -15.25 48.40 -10.56
C GLU D 69 -16.14 47.15 -10.60
N GLU D 70 -15.94 46.30 -11.63
CA GLU D 70 -16.71 45.07 -11.77
C GLU D 70 -15.89 43.82 -12.07
N CYS D 71 -14.73 43.98 -12.70
CA CYS D 71 -13.89 42.85 -13.06
C CYS D 71 -12.79 42.68 -12.02
N PRO D 72 -12.30 41.45 -11.85
CA PRO D 72 -11.34 41.09 -10.81
C PRO D 72 -10.05 41.89 -10.89
N ASP D 73 -9.70 42.34 -12.10
CA ASP D 73 -8.53 43.18 -12.26
C ASP D 73 -8.92 44.65 -12.41
N GLY D 74 -10.22 44.91 -12.39
CA GLY D 74 -10.73 46.29 -12.48
C GLY D 74 -10.59 46.91 -13.87
N SER D 75 -10.88 46.11 -14.89
CA SER D 75 -10.51 46.47 -16.26
C SER D 75 -11.46 47.40 -16.98
N ASP D 76 -12.71 47.50 -16.51
CA ASP D 76 -13.66 48.39 -17.18
C ASP D 76 -13.47 49.82 -16.71
N GLU D 77 -12.59 50.00 -15.73
CA GLU D 77 -12.40 51.29 -15.10
C GLU D 77 -11.26 52.12 -15.70
N SER D 78 -10.46 51.52 -16.59
CA SER D 78 -9.54 52.29 -17.40
C SER D 78 -10.29 52.93 -18.57
N GLU D 79 -9.99 54.19 -18.86
CA GLU D 79 -10.68 54.90 -19.93
C GLU D 79 -10.42 54.16 -21.24
N ALA D 80 -11.37 53.36 -21.68
CA ALA D 80 -11.16 52.53 -22.86
C ALA D 80 -12.33 52.47 -23.86
N THR D 81 -13.55 52.23 -23.35
CA THR D 81 -14.68 51.83 -24.19
C THR D 81 -15.75 52.92 -24.36
N CYS D 82 -15.94 53.72 -23.31
CA CYS D 82 -17.09 54.63 -23.25
C CYS D 82 -16.97 55.98 -23.99
N THR D 83 -16.18 56.89 -23.43
CA THR D 83 -16.01 58.23 -24.02
C THR D 83 -14.55 58.69 -24.02
N ASN D 169 -34.75 65.84 -23.29
CA ASN D 169 -35.66 64.77 -23.68
C ASN D 169 -36.25 64.97 -25.07
N GLU D 170 -35.90 64.06 -25.99
CA GLU D 170 -36.60 63.93 -27.26
C GLU D 170 -37.70 62.90 -27.07
N CYS D 171 -37.70 62.27 -25.89
CA CYS D 171 -38.60 61.17 -25.52
C CYS D 171 -39.84 61.62 -24.75
N LEU D 172 -39.67 62.58 -23.84
CA LEU D 172 -40.78 63.08 -23.01
C LEU D 172 -41.65 64.09 -23.76
N HIS D 173 -41.09 64.68 -24.82
CA HIS D 173 -41.78 65.71 -25.59
C HIS D 173 -42.15 65.20 -26.98
N ASN D 174 -43.45 65.27 -27.27
CA ASN D 174 -44.05 64.64 -28.46
C ASN D 174 -44.03 63.10 -28.34
N ASN D 175 -43.89 62.63 -27.10
CA ASN D 175 -43.71 61.19 -26.78
C ASN D 175 -42.59 60.50 -27.58
N GLY D 176 -41.78 61.31 -28.27
CA GLY D 176 -40.59 60.87 -29.00
C GLY D 176 -40.63 59.63 -29.89
N GLY D 177 -41.70 59.50 -30.68
CA GLY D 177 -41.84 58.37 -31.61
C GLY D 177 -41.91 57.01 -30.92
N CYS D 178 -42.30 57.03 -29.65
CA CYS D 178 -42.46 55.82 -28.83
C CYS D 178 -43.94 55.72 -28.43
N SER D 179 -44.36 54.54 -27.99
CA SER D 179 -45.76 54.28 -27.67
C SER D 179 -45.93 53.85 -26.21
N HIS D 180 -44.93 53.15 -25.68
CA HIS D 180 -44.99 52.60 -24.32
C HIS D 180 -44.15 53.37 -23.30
N ILE D 181 -42.84 53.21 -23.34
CA ILE D 181 -41.91 53.84 -22.38
C ILE D 181 -40.69 54.38 -23.11
N CYS D 182 -40.32 55.63 -22.80
CA CYS D 182 -39.15 56.26 -23.39
C CYS D 182 -38.21 56.79 -22.31
N THR D 183 -37.02 56.18 -22.21
CA THR D 183 -35.94 56.71 -21.38
C THR D 183 -34.89 57.33 -22.30
N ASP D 184 -34.50 58.56 -22.00
CA ASP D 184 -33.63 59.35 -22.86
C ASP D 184 -32.15 59.01 -22.68
N LEU D 185 -31.47 58.79 -23.80
CA LEU D 185 -30.01 58.75 -23.83
C LEU D 185 -29.50 60.12 -24.30
N LYS D 186 -28.19 60.34 -24.17
CA LYS D 186 -27.59 61.68 -24.36
C LYS D 186 -27.63 62.22 -25.80
N ILE D 187 -27.14 61.43 -26.76
CA ILE D 187 -27.35 61.73 -28.20
C ILE D 187 -28.03 60.51 -28.84
N GLY D 188 -29.29 60.70 -29.23
CA GLY D 188 -30.11 59.63 -29.82
C GLY D 188 -30.91 58.86 -28.78
N PHE D 189 -32.23 58.79 -28.98
CA PHE D 189 -33.15 58.18 -28.00
C PHE D 189 -33.40 56.67 -28.17
N GLU D 190 -33.90 56.04 -27.11
CA GLU D 190 -34.29 54.62 -27.11
C GLU D 190 -35.70 54.42 -26.56
N CYS D 191 -36.34 53.31 -26.93
CA CYS D 191 -37.72 53.02 -26.51
C CYS D 191 -38.01 51.52 -26.35
N THR D 192 -38.41 51.13 -25.15
CA THR D 192 -38.80 49.74 -24.82
C THR D 192 -40.25 49.65 -24.30
N CYS D 193 -40.69 48.44 -23.96
CA CYS D 193 -42.10 48.19 -23.59
C CYS D 193 -42.23 47.45 -22.24
N PRO D 194 -43.38 47.64 -21.54
CA PRO D 194 -43.59 47.01 -20.23
C PRO D 194 -43.88 45.51 -20.32
N ALA D 195 -43.85 44.82 -19.19
CA ALA D 195 -44.07 43.37 -19.12
C ALA D 195 -45.40 42.96 -19.76
N GLY D 196 -45.33 42.12 -20.78
CA GLY D 196 -46.54 41.59 -21.42
C GLY D 196 -46.54 41.59 -22.94
N PHE D 197 -46.70 42.77 -23.54
CA PHE D 197 -46.74 42.90 -24.99
C PHE D 197 -45.61 43.79 -25.52
N GLN D 198 -44.51 43.14 -25.90
CA GLN D 198 -43.23 43.83 -26.08
C GLN D 198 -42.60 43.79 -27.48
N LEU D 199 -42.96 42.81 -28.30
CA LEU D 199 -42.38 42.67 -29.64
C LEU D 199 -42.36 43.99 -30.42
N LEU D 200 -41.17 44.38 -30.87
CA LEU D 200 -40.90 45.71 -31.41
C LEU D 200 -40.78 45.73 -32.93
N ASP D 201 -41.35 46.78 -33.55
CA ASP D 201 -41.13 47.09 -34.96
C ASP D 201 -40.09 48.21 -35.08
N GLN D 202 -40.54 49.45 -34.94
CA GLN D 202 -39.65 50.62 -34.83
C GLN D 202 -40.12 51.48 -33.64
N LYS D 203 -39.88 50.98 -32.44
CA LYS D 203 -40.21 51.66 -31.17
C LYS D 203 -41.72 51.88 -30.91
N THR D 204 -42.53 50.98 -31.48
CA THR D 204 -43.92 50.77 -31.07
C THR D 204 -44.10 49.26 -30.88
N CYS D 205 -44.96 48.87 -29.94
CA CYS D 205 -45.00 47.49 -29.46
C CYS D 205 -46.26 46.72 -29.86
N GLY D 206 -46.15 45.39 -29.87
CA GLY D 206 -47.28 44.49 -30.10
C GLY D 206 -47.34 43.39 -29.05
N ASP D 207 -48.49 42.73 -28.92
CA ASP D 207 -48.69 41.69 -27.91
C ASP D 207 -47.79 40.48 -28.09
N ILE D 208 -47.36 39.91 -26.97
CA ILE D 208 -46.74 38.58 -26.96
C ILE D 208 -47.86 37.56 -26.89
N ASP D 209 -47.90 36.66 -27.88
CA ASP D 209 -48.66 35.43 -27.76
C ASP D 209 -47.84 34.52 -26.88
N GLU D 210 -48.32 34.29 -25.66
CA GLU D 210 -47.55 33.54 -24.67
C GLU D 210 -47.82 32.03 -24.76
N CYS D 211 -48.34 31.59 -25.91
CA CYS D 211 -48.67 30.19 -26.12
C CYS D 211 -47.81 29.50 -27.19
N LYS D 212 -46.98 30.29 -27.87
CA LYS D 212 -45.97 29.77 -28.81
C LYS D 212 -44.75 29.16 -28.09
N ASP D 213 -44.63 29.44 -26.80
CA ASP D 213 -43.75 28.68 -25.91
C ASP D 213 -44.63 27.59 -25.28
N PRO D 214 -44.29 26.31 -25.54
CA PRO D 214 -45.09 25.18 -25.03
C PRO D 214 -44.98 25.01 -23.51
N ASP D 215 -43.87 25.47 -22.95
CA ASP D 215 -43.58 25.35 -21.52
C ASP D 215 -44.11 26.53 -20.71
N ALA D 216 -44.60 27.57 -21.40
CA ALA D 216 -45.08 28.82 -20.78
C ALA D 216 -46.15 28.61 -19.71
N CYS D 217 -47.23 27.97 -20.10
CA CYS D 217 -48.23 27.50 -19.16
C CYS D 217 -47.99 26.02 -18.93
N SER D 218 -48.65 25.43 -17.94
CA SER D 218 -48.54 23.99 -17.69
C SER D 218 -49.36 23.19 -18.70
N GLN D 219 -50.65 23.48 -18.76
CA GLN D 219 -51.62 22.63 -19.46
C GLN D 219 -52.31 23.35 -20.63
N ILE D 220 -53.22 24.26 -20.33
CA ILE D 220 -53.93 25.06 -21.36
C ILE D 220 -53.53 26.53 -21.31
N CYS D 221 -52.96 27.03 -22.40
CA CYS D 221 -52.60 28.44 -22.52
C CYS D 221 -53.68 29.17 -23.32
N VAL D 222 -54.20 30.25 -22.75
CA VAL D 222 -55.09 31.17 -23.46
C VAL D 222 -54.41 32.54 -23.49
N ASN D 223 -54.07 33.00 -24.69
CA ASN D 223 -53.40 34.29 -24.85
C ASN D 223 -54.38 35.46 -24.83
N TYR D 224 -53.90 36.61 -24.37
CA TYR D 224 -54.69 37.85 -24.41
C TYR D 224 -53.86 39.04 -24.88
N LYS D 225 -54.56 40.16 -25.06
CA LYS D 225 -53.92 41.44 -25.33
C LYS D 225 -53.21 41.90 -24.05
N GLY D 226 -51.90 41.75 -24.05
CA GLY D 226 -51.07 42.16 -22.91
C GLY D 226 -50.66 41.09 -21.94
N TYR D 227 -51.32 39.93 -21.96
CA TYR D 227 -51.07 38.88 -20.97
C TYR D 227 -51.49 37.47 -21.42
N PHE D 228 -51.77 36.60 -20.44
CA PHE D 228 -52.19 35.21 -20.65
C PHE D 228 -52.70 34.58 -19.35
N LYS D 229 -53.49 33.50 -19.50
CA LYS D 229 -54.17 32.83 -18.38
C LYS D 229 -54.04 31.31 -18.47
N CYS D 230 -53.92 30.64 -17.32
CA CYS D 230 -53.71 29.18 -17.26
C CYS D 230 -54.93 28.38 -16.80
N GLU D 231 -55.32 27.39 -17.62
CA GLU D 231 -56.48 26.53 -17.36
C GLU D 231 -56.07 25.06 -17.21
N CYS D 232 -56.79 24.29 -16.40
CA CYS D 232 -56.52 22.86 -16.23
C CYS D 232 -57.39 21.95 -17.14
N TYR D 233 -56.82 20.85 -17.62
CA TYR D 233 -57.58 19.81 -18.33
C TYR D 233 -58.53 19.09 -17.39
N PRO D 234 -59.66 18.55 -17.92
CA PRO D 234 -60.61 17.85 -17.05
C PRO D 234 -59.95 16.67 -16.33
N GLY D 235 -60.06 16.66 -15.01
CA GLY D 235 -59.39 15.67 -14.16
C GLY D 235 -58.40 16.32 -13.19
N TYR D 236 -57.91 17.49 -13.59
CA TYR D 236 -57.00 18.29 -12.78
C TYR D 236 -57.72 19.52 -12.24
N GLU D 237 -57.52 19.81 -10.95
CA GLU D 237 -57.97 21.08 -10.37
C GLU D 237 -56.78 22.00 -10.05
N MET D 238 -57.00 23.30 -10.16
CA MET D 238 -55.96 24.31 -9.95
C MET D 238 -55.56 24.50 -8.47
N ASP D 239 -54.29 24.29 -8.16
CA ASP D 239 -53.76 24.62 -6.83
C ASP D 239 -53.80 26.13 -6.64
N LEU D 240 -54.26 26.56 -5.46
CA LEU D 240 -54.43 27.99 -5.18
C LEU D 240 -53.14 28.64 -4.69
N LEU D 241 -52.40 27.91 -3.86
CA LEU D 241 -51.13 28.38 -3.32
C LEU D 241 -50.07 28.59 -4.40
N THR D 242 -50.05 27.70 -5.39
CA THR D 242 -49.16 27.82 -6.55
C THR D 242 -49.96 27.68 -7.84
N LYS D 243 -49.48 28.31 -8.91
CA LYS D 243 -50.13 28.19 -10.22
C LYS D 243 -49.74 26.84 -10.81
N ASN D 244 -50.45 25.79 -10.43
CA ASN D 244 -49.92 24.43 -10.59
C ASN D 244 -50.68 23.42 -11.43
N CYS D 245 -51.99 23.30 -11.24
CA CYS D 245 -52.78 22.19 -11.78
C CYS D 245 -52.23 20.86 -11.27
N LYS D 246 -52.63 20.49 -10.04
CA LYS D 246 -52.40 19.14 -9.53
C LYS D 246 -53.59 18.25 -9.91
N ALA D 247 -53.55 16.98 -9.54
CA ALA D 247 -54.65 16.04 -9.83
C ALA D 247 -55.89 16.36 -9.01
N ALA D 248 -57.01 15.74 -9.38
CA ALA D 248 -58.22 15.76 -8.55
C ALA D 248 -58.01 14.92 -7.28
N ALA D 249 -58.97 14.98 -6.36
CA ALA D 249 -58.88 14.24 -5.08
C ALA D 249 -58.90 12.72 -5.30
N GLY D 250 -58.64 11.97 -4.23
CA GLY D 250 -58.76 10.50 -4.27
C GLY D 250 -57.44 9.76 -4.43
N LYS D 251 -57.23 9.20 -5.62
CA LYS D 251 -56.05 8.36 -5.92
C LYS D 251 -54.75 9.18 -5.93
N SER D 252 -53.73 8.65 -5.25
CA SER D 252 -52.42 9.30 -5.20
C SER D 252 -51.37 8.60 -6.08
N PRO D 253 -50.70 9.37 -6.97
CA PRO D 253 -49.80 8.86 -8.01
C PRO D 253 -48.55 8.14 -7.49
N SER D 254 -48.26 6.98 -8.09
CA SER D 254 -47.09 6.17 -7.74
C SER D 254 -46.01 6.17 -8.81
N LEU D 255 -44.81 5.75 -8.42
CA LEU D 255 -43.77 5.37 -9.37
C LEU D 255 -43.50 3.88 -9.25
N ILE D 256 -43.61 3.19 -10.37
CA ILE D 256 -43.23 1.79 -10.45
C ILE D 256 -42.00 1.65 -11.33
N PHE D 257 -40.97 1.01 -10.80
CA PHE D 257 -39.69 0.87 -11.48
C PHE D 257 -39.04 -0.49 -11.27
N THR D 258 -38.15 -0.85 -12.19
CA THR D 258 -37.44 -2.12 -12.09
C THR D 258 -35.98 -1.91 -11.69
N ASN D 259 -35.50 -2.77 -10.81
CA ASN D 259 -34.11 -2.76 -10.36
C ASN D 259 -33.38 -4.00 -10.88
N ARG D 260 -33.85 -4.47 -12.05
CA ARG D 260 -33.39 -5.69 -12.72
C ARG D 260 -33.71 -7.02 -12.07
N HIS D 261 -33.63 -7.11 -10.74
CA HIS D 261 -33.98 -8.36 -10.08
C HIS D 261 -35.21 -8.20 -9.20
N GLU D 262 -35.85 -7.04 -9.32
CA GLU D 262 -36.81 -6.59 -8.35
C GLU D 262 -37.66 -5.50 -8.97
N VAL D 263 -38.95 -5.47 -8.64
CA VAL D 263 -39.80 -4.33 -9.00
C VAL D 263 -40.34 -3.65 -7.75
N ARG D 264 -40.27 -2.32 -7.73
CA ARG D 264 -40.57 -1.51 -6.56
C ARG D 264 -41.59 -0.42 -6.81
N ARG D 265 -42.59 -0.36 -5.94
CA ARG D 265 -43.59 0.71 -5.92
C ARG D 265 -43.20 1.77 -4.90
N ILE D 266 -43.30 3.05 -5.29
CA ILE D 266 -42.97 4.17 -4.40
C ILE D 266 -44.05 5.26 -4.42
N ASP D 267 -44.97 5.19 -3.45
CA ASP D 267 -46.04 6.18 -3.28
C ASP D 267 -45.44 7.53 -2.87
N LEU D 268 -45.61 8.54 -3.73
CA LEU D 268 -44.85 9.79 -3.58
C LEU D 268 -45.35 10.76 -2.49
N VAL D 269 -46.65 10.98 -2.43
CA VAL D 269 -47.26 11.63 -1.27
C VAL D 269 -47.88 10.51 -0.43
N LYS D 270 -48.00 10.72 0.88
CA LYS D 270 -48.37 9.65 1.83
C LYS D 270 -47.25 8.61 1.93
N ARG D 271 -46.01 9.09 1.78
CA ARG D 271 -44.82 8.27 1.48
C ARG D 271 -44.77 6.83 2.01
N ASN D 272 -44.67 5.91 1.06
CA ASN D 272 -44.72 4.48 1.29
C ASN D 272 -43.86 3.85 0.20
N TYR D 273 -43.02 2.88 0.59
CA TYR D 273 -41.98 2.36 -0.28
C TYR D 273 -41.91 0.82 -0.17
N SER D 274 -42.43 0.14 -1.18
CA SER D 274 -42.62 -1.31 -1.13
C SER D 274 -41.97 -2.11 -2.27
N ARG D 275 -41.85 -3.41 -2.06
CA ARG D 275 -41.31 -4.32 -3.05
C ARG D 275 -42.48 -5.03 -3.73
N LEU D 276 -42.78 -4.59 -4.95
CA LEU D 276 -43.90 -5.11 -5.75
C LEU D 276 -43.68 -6.53 -6.27
N ILE D 277 -42.51 -6.78 -6.87
CA ILE D 277 -42.07 -8.15 -7.18
C ILE D 277 -40.60 -8.37 -6.76
N PRO D 278 -40.36 -9.39 -5.90
CA PRO D 278 -39.01 -9.88 -5.66
C PRO D 278 -38.72 -11.06 -6.59
N MET D 279 -37.49 -11.58 -6.55
CA MET D 279 -37.10 -12.77 -7.33
C MET D 279 -37.42 -12.66 -8.83
N LEU D 280 -36.78 -11.70 -9.50
CA LEU D 280 -36.77 -11.62 -10.95
C LEU D 280 -35.36 -11.93 -11.45
N LYS D 281 -35.25 -12.52 -12.64
CA LYS D 281 -33.92 -12.90 -13.15
C LYS D 281 -33.20 -11.68 -13.70
N ASN D 282 -33.83 -11.05 -14.69
CA ASN D 282 -33.20 -10.01 -15.48
C ASN D 282 -34.30 -9.25 -16.23
N VAL D 283 -34.73 -8.11 -15.68
CA VAL D 283 -35.90 -7.38 -16.20
C VAL D 283 -35.59 -5.89 -16.35
N VAL D 284 -35.79 -5.39 -17.57
CA VAL D 284 -35.43 -4.03 -17.88
C VAL D 284 -36.66 -3.24 -18.34
N ALA D 285 -37.69 -3.96 -18.79
CA ALA D 285 -38.87 -3.34 -19.40
C ALA D 285 -40.17 -3.64 -18.68
N LEU D 286 -40.98 -2.60 -18.47
CA LEU D 286 -42.32 -2.78 -17.92
C LEU D 286 -43.27 -1.68 -18.39
N ASP D 287 -44.56 -1.98 -18.34
CA ASP D 287 -45.60 -0.96 -18.38
C ASP D 287 -46.79 -1.47 -17.56
N VAL D 288 -47.72 -0.58 -17.27
CA VAL D 288 -48.89 -0.91 -16.49
C VAL D 288 -50.18 -0.63 -17.25
N GLU D 289 -51.19 -1.45 -16.99
CA GLU D 289 -52.57 -1.13 -17.36
C GLU D 289 -53.24 -0.71 -16.06
N VAL D 290 -53.62 0.57 -15.98
CA VAL D 290 -54.18 1.14 -14.76
C VAL D 290 -55.58 0.57 -14.47
N ALA D 291 -56.52 0.85 -15.36
CA ALA D 291 -57.94 0.49 -15.22
C ALA D 291 -58.22 -0.96 -14.78
N THR D 292 -57.32 -1.87 -15.14
CA THR D 292 -57.49 -3.29 -14.85
C THR D 292 -56.51 -3.76 -13.78
N ASN D 293 -55.60 -2.86 -13.39
CA ASN D 293 -54.62 -3.10 -12.33
C ASN D 293 -53.58 -4.21 -12.65
N ARG D 294 -53.01 -4.14 -13.85
CA ARG D 294 -52.04 -5.16 -14.29
C ARG D 294 -50.66 -4.59 -14.59
N ILE D 295 -49.65 -5.34 -14.19
CA ILE D 295 -48.28 -5.00 -14.53
C ILE D 295 -47.79 -5.95 -15.62
N TYR D 296 -47.17 -5.37 -16.64
CA TYR D 296 -46.58 -6.14 -17.72
C TYR D 296 -45.07 -5.97 -17.66
N TRP D 297 -44.34 -7.08 -17.75
CA TRP D 297 -42.87 -7.04 -17.77
C TRP D 297 -42.22 -8.12 -18.64
N CYS D 298 -40.98 -7.87 -19.02
CA CYS D 298 -40.23 -8.73 -19.95
C CYS D 298 -38.82 -9.12 -19.46
N ASP D 299 -38.63 -10.40 -19.13
CA ASP D 299 -37.33 -10.92 -18.71
C ASP D 299 -36.42 -11.22 -19.91
N LEU D 300 -35.27 -10.56 -19.95
CA LEU D 300 -34.30 -10.65 -21.05
C LEU D 300 -33.54 -11.97 -21.13
N SER D 301 -33.57 -12.79 -20.08
CA SER D 301 -32.76 -14.01 -20.11
C SER D 301 -33.55 -15.30 -19.97
N TYR D 302 -34.78 -15.21 -19.48
CA TYR D 302 -35.73 -16.30 -19.69
C TYR D 302 -36.40 -16.14 -21.06
N ARG D 303 -36.29 -14.94 -21.63
CA ARG D 303 -36.84 -14.63 -22.97
C ARG D 303 -38.35 -14.92 -23.05
N LYS D 304 -39.11 -14.22 -22.21
CA LYS D 304 -40.56 -14.35 -22.13
C LYS D 304 -41.17 -12.99 -21.80
N ILE D 305 -42.47 -12.85 -22.06
CA ILE D 305 -43.21 -11.65 -21.63
C ILE D 305 -44.29 -12.02 -20.62
N TYR D 306 -44.30 -11.32 -19.48
CA TYR D 306 -45.15 -11.68 -18.35
C TYR D 306 -46.25 -10.66 -18.08
N SER D 307 -47.31 -11.14 -17.43
CA SER D 307 -48.39 -10.30 -16.94
C SER D 307 -48.83 -10.78 -15.58
N ALA D 308 -49.29 -9.85 -14.74
CA ALA D 308 -49.86 -10.20 -13.45
C ALA D 308 -50.81 -9.12 -12.94
N TYR D 309 -51.67 -9.53 -12.02
CA TYR D 309 -52.50 -8.58 -11.26
C TYR D 309 -51.62 -7.97 -10.17
N MET D 310 -51.70 -6.66 -10.02
CA MET D 310 -50.66 -5.96 -9.28
C MET D 310 -50.58 -6.35 -7.81
N ASP D 311 -51.72 -6.72 -7.23
CA ASP D 311 -51.80 -7.21 -5.85
C ASP D 311 -51.28 -8.65 -5.68
N LYS D 312 -51.39 -9.46 -6.73
CA LYS D 312 -50.98 -10.87 -6.66
C LYS D 312 -49.63 -11.15 -7.34
N ALA D 313 -48.99 -10.08 -7.82
CA ALA D 313 -47.82 -10.16 -8.69
C ALA D 313 -46.54 -10.79 -8.11
N SER D 314 -46.41 -10.75 -6.79
CA SER D 314 -45.24 -11.33 -6.10
C SER D 314 -45.32 -12.86 -5.96
N ASP D 315 -46.53 -13.39 -6.07
CA ASP D 315 -46.76 -14.84 -6.08
C ASP D 315 -46.25 -15.42 -7.39
N PRO D 316 -45.21 -16.28 -7.33
CA PRO D 316 -44.62 -16.83 -8.55
C PRO D 316 -45.60 -17.64 -9.40
N LYS D 317 -46.65 -18.15 -8.77
CA LYS D 317 -47.66 -18.93 -9.48
C LYS D 317 -48.90 -18.11 -9.90
N GLU D 318 -48.79 -16.78 -9.79
CA GLU D 318 -49.84 -15.89 -10.27
C GLU D 318 -49.30 -14.94 -11.36
N GLN D 319 -48.24 -15.38 -12.04
CA GLN D 319 -47.56 -14.59 -13.06
C GLN D 319 -47.74 -15.25 -14.42
N GLU D 320 -48.72 -14.76 -15.18
CA GLU D 320 -49.04 -15.34 -16.48
C GLU D 320 -48.08 -14.94 -17.58
N VAL D 321 -47.55 -15.94 -18.28
CA VAL D 321 -46.77 -15.74 -19.50
C VAL D 321 -47.68 -15.27 -20.62
N LEU D 322 -47.14 -14.50 -21.54
CA LEU D 322 -47.90 -14.02 -22.69
C LEU D 322 -47.23 -14.41 -24.01
N ILE D 323 -45.92 -14.62 -23.96
CA ILE D 323 -45.11 -14.88 -25.14
C ILE D 323 -43.97 -15.84 -24.79
N ASP D 324 -44.18 -17.14 -25.02
CA ASP D 324 -43.15 -18.16 -24.82
C ASP D 324 -42.02 -18.08 -25.85
N GLU D 325 -42.37 -17.71 -27.08
CA GLU D 325 -41.54 -17.99 -28.25
C GLU D 325 -41.02 -16.76 -28.96
N GLN D 326 -40.06 -16.99 -29.85
CA GLN D 326 -39.67 -16.00 -30.86
C GLN D 326 -39.23 -14.67 -30.28
N LEU D 327 -38.57 -14.73 -29.13
CA LEU D 327 -38.06 -13.55 -28.43
C LEU D 327 -36.56 -13.57 -28.27
N HIS D 328 -35.89 -12.45 -28.43
CA HIS D 328 -34.45 -12.44 -28.21
C HIS D 328 -34.03 -11.64 -27.00
N SER D 329 -34.31 -10.36 -27.02
CA SER D 329 -33.88 -9.46 -25.98
C SER D 329 -34.66 -8.17 -26.14
N PRO D 330 -35.90 -8.16 -25.64
CA PRO D 330 -36.81 -7.01 -25.73
C PRO D 330 -36.65 -6.04 -24.56
N GLU D 331 -36.16 -4.83 -24.86
CA GLU D 331 -35.87 -3.85 -23.82
C GLU D 331 -36.92 -2.75 -23.73
N GLY D 332 -37.84 -2.71 -24.69
CA GLY D 332 -38.90 -1.72 -24.71
C GLY D 332 -40.27 -2.36 -24.63
N LEU D 333 -41.18 -1.79 -23.83
CA LEU D 333 -42.51 -2.37 -23.66
C LEU D 333 -43.55 -1.28 -23.43
N ALA D 334 -44.67 -1.40 -24.15
CA ALA D 334 -45.77 -0.42 -24.13
C ALA D 334 -47.14 -1.10 -24.19
N VAL D 335 -48.11 -0.56 -23.46
CA VAL D 335 -49.46 -1.09 -23.50
C VAL D 335 -50.46 -0.06 -24.00
N ASP D 336 -51.17 -0.42 -25.07
CA ASP D 336 -52.35 0.30 -25.51
C ASP D 336 -53.51 -0.18 -24.64
N TRP D 337 -53.90 0.67 -23.70
CA TRP D 337 -54.96 0.37 -22.72
C TRP D 337 -56.36 0.49 -23.32
N VAL D 338 -56.50 1.34 -24.34
CA VAL D 338 -57.73 1.50 -25.12
C VAL D 338 -58.06 0.27 -25.97
N HIS D 339 -57.17 -0.07 -26.90
CA HIS D 339 -57.40 -1.13 -27.89
C HIS D 339 -56.93 -2.53 -27.45
N LYS D 340 -56.28 -2.60 -26.29
CA LYS D 340 -55.92 -3.89 -25.65
C LYS D 340 -54.83 -4.69 -26.38
N HIS D 341 -53.72 -4.02 -26.68
CA HIS D 341 -52.52 -4.64 -27.28
C HIS D 341 -51.25 -4.28 -26.50
N ILE D 342 -50.25 -5.16 -26.53
CA ILE D 342 -48.87 -4.83 -26.12
C ILE D 342 -47.96 -4.63 -27.33
N TYR D 343 -47.15 -3.57 -27.27
CA TYR D 343 -46.09 -3.32 -28.23
C TYR D 343 -44.74 -3.56 -27.57
N TRP D 344 -43.78 -4.12 -28.31
CA TRP D 344 -42.41 -4.27 -27.80
C TRP D 344 -41.31 -4.14 -28.85
N THR D 345 -40.19 -3.56 -28.45
CA THR D 345 -38.97 -3.54 -29.27
C THR D 345 -38.13 -4.73 -28.87
N ASP D 346 -37.39 -5.27 -29.82
CA ASP D 346 -36.45 -6.37 -29.58
C ASP D 346 -35.20 -5.98 -30.33
N SER D 347 -34.09 -5.87 -29.60
CA SER D 347 -32.85 -5.33 -30.14
C SER D 347 -31.89 -6.44 -30.55
N GLY D 348 -32.33 -7.69 -30.45
CA GLY D 348 -31.54 -8.83 -30.90
C GLY D 348 -32.03 -9.27 -32.25
N ASN D 349 -33.33 -9.56 -32.33
CA ASN D 349 -34.04 -9.76 -33.60
C ASN D 349 -34.05 -8.46 -34.43
N LYS D 350 -33.86 -7.32 -33.77
CA LYS D 350 -33.87 -5.98 -34.41
C LYS D 350 -35.23 -5.66 -35.04
N THR D 351 -36.30 -5.87 -34.26
CA THR D 351 -37.68 -5.82 -34.75
C THR D 351 -38.67 -5.21 -33.75
N ILE D 352 -39.56 -4.35 -34.24
CA ILE D 352 -40.68 -3.86 -33.44
C ILE D 352 -41.96 -4.69 -33.69
N SER D 353 -42.67 -5.04 -32.62
CA SER D 353 -43.79 -5.98 -32.75
C SER D 353 -45.00 -5.57 -31.94
N VAL D 354 -46.12 -6.25 -32.19
CA VAL D 354 -47.38 -6.03 -31.47
C VAL D 354 -48.05 -7.38 -31.19
N ALA D 355 -48.79 -7.44 -30.09
CA ALA D 355 -49.60 -8.61 -29.77
C ALA D 355 -50.84 -8.21 -28.98
N THR D 356 -51.83 -9.09 -28.97
CA THR D 356 -53.00 -8.87 -28.13
C THR D 356 -52.54 -9.12 -26.69
N VAL D 357 -53.19 -8.46 -25.73
CA VAL D 357 -52.77 -8.56 -24.32
C VAL D 357 -52.88 -9.96 -23.73
N ASP D 358 -53.75 -10.79 -24.29
CA ASP D 358 -53.81 -12.21 -23.92
C ASP D 358 -52.65 -12.97 -24.53
N GLY D 359 -52.06 -12.39 -25.58
CA GLY D 359 -50.89 -12.96 -26.26
C GLY D 359 -51.18 -14.11 -27.21
N GLY D 360 -52.36 -14.11 -27.82
CA GLY D 360 -52.74 -15.16 -28.76
C GLY D 360 -52.47 -14.80 -30.21
N ARG D 361 -52.36 -13.50 -30.47
CA ARG D 361 -52.20 -13.00 -31.84
C ARG D 361 -51.10 -11.94 -31.89
N ARG D 362 -50.30 -12.00 -32.94
CA ARG D 362 -49.02 -11.31 -32.96
C ARG D 362 -48.60 -11.01 -34.39
N ARG D 363 -47.92 -9.88 -34.58
CA ARG D 363 -47.33 -9.52 -35.86
C ARG D 363 -46.04 -8.70 -35.68
N THR D 364 -45.06 -8.93 -36.54
CA THR D 364 -43.88 -8.07 -36.58
C THR D 364 -44.11 -6.85 -37.49
N LEU D 365 -44.41 -5.71 -36.87
CA LEU D 365 -44.67 -4.47 -37.61
C LEU D 365 -43.48 -3.89 -38.39
N PHE D 366 -42.26 -4.05 -37.87
CA PHE D 366 -41.05 -3.49 -38.49
C PHE D 366 -39.87 -4.43 -38.32
N SER D 367 -39.00 -4.48 -39.33
CA SER D 367 -37.78 -5.28 -39.23
C SER D 367 -36.62 -4.67 -40.02
N ARG D 368 -36.85 -3.53 -40.65
CA ARG D 368 -35.81 -2.88 -41.44
C ARG D 368 -35.37 -1.56 -40.84
N ASN D 369 -34.13 -1.17 -41.16
CA ASN D 369 -33.55 0.10 -40.70
C ASN D 369 -33.71 0.32 -39.19
N LEU D 370 -33.56 -0.78 -38.44
CA LEU D 370 -33.53 -0.75 -36.97
C LEU D 370 -32.23 -1.37 -36.49
N SER D 371 -31.39 -0.54 -35.87
CA SER D 371 -30.23 -1.04 -35.15
C SER D 371 -30.33 -0.51 -33.73
N GLU D 372 -30.39 -1.41 -32.75
CA GLU D 372 -30.52 -1.01 -31.33
C GLU D 372 -31.79 -0.18 -30.99
N PRO D 373 -33.00 -0.72 -31.27
CA PRO D 373 -34.20 -0.06 -30.73
C PRO D 373 -34.34 -0.30 -29.23
N ARG D 374 -34.96 0.65 -28.54
CA ARG D 374 -35.03 0.62 -27.08
C ARG D 374 -36.43 0.95 -26.61
N ALA D 375 -36.65 2.24 -26.35
CA ALA D 375 -37.86 2.72 -25.69
C ALA D 375 -39.03 2.79 -26.65
N ILE D 376 -40.23 2.63 -26.11
CA ILE D 376 -41.45 2.61 -26.90
C ILE D 376 -42.63 3.12 -26.08
N ALA D 377 -43.39 4.04 -26.66
CA ALA D 377 -44.56 4.62 -26.02
C ALA D 377 -45.68 4.77 -27.01
N VAL D 378 -46.91 4.49 -26.58
CA VAL D 378 -48.09 4.56 -27.44
C VAL D 378 -49.01 5.76 -27.12
N ASP D 379 -49.63 6.32 -28.16
CA ASP D 379 -50.64 7.39 -28.05
C ASP D 379 -51.96 6.86 -28.64
N PRO D 380 -52.75 6.13 -27.83
CA PRO D 380 -53.96 5.44 -28.33
C PRO D 380 -55.09 6.38 -28.72
N LEU D 381 -55.00 7.64 -28.33
CA LEU D 381 -56.03 8.61 -28.64
C LEU D 381 -55.95 9.07 -30.09
N ARG D 382 -54.76 8.99 -30.69
CA ARG D 382 -54.55 9.46 -32.06
C ARG D 382 -53.93 8.40 -32.97
N GLY D 383 -53.76 7.18 -32.46
CA GLY D 383 -53.27 6.04 -33.24
C GLY D 383 -51.83 6.10 -33.69
N PHE D 384 -50.96 6.64 -32.83
CA PHE D 384 -49.53 6.72 -33.12
C PHE D 384 -48.69 6.01 -32.07
N MET D 385 -47.52 5.54 -32.49
CA MET D 385 -46.51 5.05 -31.56
C MET D 385 -45.18 5.75 -31.75
N TYR D 386 -44.34 5.74 -30.71
CA TYR D 386 -43.03 6.40 -30.76
C TYR D 386 -41.96 5.50 -30.16
N TRP D 387 -40.77 5.51 -30.74
CA TRP D 387 -39.65 4.75 -30.20
C TRP D 387 -38.30 5.43 -30.41
N SER D 388 -37.32 5.01 -29.60
CA SER D 388 -35.94 5.48 -29.72
C SER D 388 -35.03 4.37 -30.23
N ASP D 389 -34.14 4.75 -31.13
CA ASP D 389 -33.14 3.85 -31.66
C ASP D 389 -31.80 4.52 -31.42
N TRP D 390 -30.89 3.83 -30.73
CA TRP D 390 -29.56 4.37 -30.42
C TRP D 390 -28.42 3.68 -31.17
N GLY D 391 -28.74 3.05 -32.31
CA GLY D 391 -27.72 2.47 -33.20
C GLY D 391 -26.85 3.54 -33.85
N ASP D 392 -26.11 3.12 -34.88
CA ASP D 392 -25.18 3.98 -35.62
C ASP D 392 -25.75 5.35 -36.00
N GLN D 393 -26.95 5.32 -36.60
CA GLN D 393 -27.66 6.53 -36.97
C GLN D 393 -28.82 6.63 -36.00
N ALA D 394 -28.54 7.18 -34.82
CA ALA D 394 -29.50 7.21 -33.72
C ALA D 394 -30.65 8.17 -34.00
N LYS D 395 -31.85 7.84 -33.51
CA LYS D 395 -33.05 8.62 -33.85
C LYS D 395 -34.23 8.43 -32.89
N ILE D 396 -35.18 9.37 -32.94
CA ILE D 396 -36.53 9.14 -32.42
C ILE D 396 -37.47 8.94 -33.62
N GLU D 397 -38.31 7.92 -33.54
CA GLU D 397 -39.19 7.58 -34.66
C GLU D 397 -40.66 7.46 -34.24
N LYS D 398 -41.53 7.92 -35.13
CA LYS D 398 -42.98 7.81 -34.98
C LYS D 398 -43.58 7.00 -36.14
N SER D 399 -44.53 6.13 -35.83
CA SER D 399 -45.38 5.54 -36.86
C SER D 399 -46.79 5.36 -36.33
N GLY D 400 -47.68 4.87 -37.17
CA GLY D 400 -49.04 4.57 -36.73
C GLY D 400 -49.09 3.26 -35.98
N LEU D 401 -50.05 3.14 -35.07
CA LEU D 401 -50.21 1.94 -34.24
C LEU D 401 -50.45 0.67 -35.06
N ASN D 402 -50.52 0.81 -36.39
CA ASN D 402 -50.77 -0.33 -37.27
C ASN D 402 -49.61 -0.63 -38.22
N GLY D 403 -48.53 0.14 -38.11
CA GLY D 403 -47.34 -0.08 -38.92
C GLY D 403 -47.18 0.95 -40.01
N VAL D 404 -48.27 1.65 -40.32
CA VAL D 404 -48.27 2.62 -41.40
C VAL D 404 -47.54 3.92 -41.02
N ASP D 405 -47.04 4.61 -42.05
CA ASP D 405 -46.51 5.99 -41.97
C ASP D 405 -45.27 6.22 -41.08
N ARG D 406 -44.29 5.33 -41.20
CA ARG D 406 -43.02 5.46 -40.47
C ARG D 406 -42.34 6.79 -40.80
N GLN D 407 -41.79 7.44 -39.78
CA GLN D 407 -41.33 8.81 -39.91
C GLN D 407 -40.30 9.16 -38.83
N THR D 408 -39.10 9.52 -39.26
CA THR D 408 -38.04 9.94 -38.35
C THR D 408 -38.36 11.32 -37.77
N LEU D 409 -38.38 11.41 -36.44
CA LEU D 409 -38.81 12.62 -35.76
C LEU D 409 -37.62 13.46 -35.34
N VAL D 410 -36.58 12.79 -34.83
CA VAL D 410 -35.34 13.47 -34.44
C VAL D 410 -34.14 12.67 -34.98
N SER D 411 -33.38 13.29 -35.89
CA SER D 411 -32.26 12.61 -36.56
C SER D 411 -30.88 13.16 -36.19
N ASP D 412 -30.82 14.46 -35.85
CA ASP D 412 -29.56 15.15 -35.56
C ASP D 412 -29.49 15.71 -34.12
N ASN D 413 -28.26 15.89 -33.62
CA ASN D 413 -27.98 16.26 -32.22
C ASN D 413 -28.54 15.22 -31.24
N ILE D 414 -28.29 13.95 -31.53
CA ILE D 414 -28.88 12.83 -30.79
C ILE D 414 -28.00 11.57 -30.87
N GLU D 415 -27.45 11.18 -29.71
CA GLU D 415 -26.43 10.11 -29.67
C GLU D 415 -26.90 8.79 -29.04
N TRP D 416 -27.47 8.88 -27.85
CA TRP D 416 -27.78 7.71 -27.05
C TRP D 416 -29.14 7.91 -26.37
N PRO D 417 -30.23 8.01 -27.18
CA PRO D 417 -31.55 8.25 -26.61
C PRO D 417 -32.13 6.97 -26.03
N ASN D 418 -32.44 6.99 -24.75
CA ASN D 418 -32.62 5.77 -23.96
C ASN D 418 -34.01 5.62 -23.31
N GLY D 419 -34.67 6.73 -23.01
CA GLY D 419 -36.01 6.69 -22.43
C GLY D 419 -36.96 7.65 -23.12
N ILE D 420 -38.17 7.18 -23.39
CA ILE D 420 -39.17 7.99 -24.10
C ILE D 420 -40.40 8.08 -23.21
N THR D 421 -40.98 9.26 -23.08
CA THR D 421 -42.31 9.40 -22.45
C THR D 421 -43.16 10.46 -23.12
N LEU D 422 -44.46 10.45 -22.83
CA LEU D 422 -45.44 11.33 -23.51
C LEU D 422 -46.42 12.02 -22.56
N ASP D 423 -46.61 13.32 -22.77
CA ASP D 423 -47.80 14.00 -22.28
C ASP D 423 -48.80 14.02 -23.44
N LEU D 424 -49.81 13.14 -23.35
CA LEU D 424 -50.78 12.95 -24.43
C LEU D 424 -51.62 14.18 -24.69
N LEU D 425 -52.04 14.84 -23.60
CA LEU D 425 -52.89 16.01 -23.67
C LEU D 425 -52.17 17.26 -24.17
N SER D 426 -50.97 17.51 -23.63
CA SER D 426 -50.12 18.62 -24.08
C SER D 426 -49.46 18.32 -25.44
N GLN D 427 -49.54 17.06 -25.88
CA GLN D 427 -48.89 16.58 -27.11
C GLN D 427 -47.38 16.86 -27.14
N ARG D 428 -46.67 16.39 -26.11
CA ARG D 428 -45.22 16.55 -25.99
C ARG D 428 -44.52 15.22 -25.73
N LEU D 429 -43.46 14.97 -26.50
CA LEU D 429 -42.59 13.83 -26.29
C LEU D 429 -41.40 14.24 -25.43
N TYR D 430 -41.03 13.39 -24.48
CA TYR D 430 -39.87 13.64 -23.64
C TYR D 430 -38.85 12.52 -23.78
N TRP D 431 -37.57 12.87 -23.70
CA TRP D 431 -36.53 11.84 -23.68
C TRP D 431 -35.21 12.23 -23.02
N VAL D 432 -34.43 11.22 -22.68
CA VAL D 432 -33.08 11.38 -22.14
C VAL D 432 -32.04 10.86 -23.13
N ASP D 433 -30.92 11.58 -23.23
CA ASP D 433 -29.78 11.15 -24.03
C ASP D 433 -28.62 10.82 -23.10
N SER D 434 -28.17 9.56 -23.13
CA SER D 434 -27.17 9.06 -22.18
C SER D 434 -25.74 9.52 -22.46
N LYS D 435 -25.43 9.76 -23.72
CA LYS D 435 -24.10 10.23 -24.11
C LYS D 435 -23.99 11.74 -23.98
N LEU D 436 -25.04 12.46 -24.37
CA LEU D 436 -25.05 13.92 -24.29
C LEU D 436 -25.47 14.45 -22.91
N HIS D 437 -25.85 13.53 -22.02
CA HIS D 437 -26.29 13.85 -20.65
C HIS D 437 -27.41 14.90 -20.58
N GLN D 438 -28.27 14.92 -21.60
CA GLN D 438 -29.37 15.88 -21.71
C GLN D 438 -30.73 15.25 -21.42
N LEU D 439 -31.70 16.11 -21.09
CA LEU D 439 -33.11 15.75 -21.10
C LEU D 439 -33.81 16.75 -22.01
N SER D 440 -34.40 16.26 -23.10
CA SER D 440 -34.99 17.13 -24.12
C SER D 440 -36.49 16.97 -24.32
N SER D 441 -37.05 17.78 -25.21
CA SER D 441 -38.49 17.99 -25.32
C SER D 441 -38.91 18.39 -26.73
N ILE D 442 -39.76 17.57 -27.36
CA ILE D 442 -40.42 17.94 -28.64
C ILE D 442 -41.92 17.66 -28.61
N ASP D 443 -42.65 18.34 -29.49
CA ASP D 443 -44.06 18.04 -29.72
C ASP D 443 -44.20 16.97 -30.79
N PHE D 444 -45.33 16.26 -30.76
CA PHE D 444 -45.59 15.08 -31.58
C PHE D 444 -45.27 15.23 -33.07
N SER D 445 -45.19 16.47 -33.55
CA SER D 445 -44.98 16.76 -34.98
C SER D 445 -43.52 16.84 -35.38
N GLY D 446 -42.65 17.17 -34.43
CA GLY D 446 -41.23 17.34 -34.70
C GLY D 446 -40.70 18.72 -34.37
N GLY D 447 -41.56 19.73 -34.49
CA GLY D 447 -41.18 21.11 -34.20
C GLY D 447 -41.01 21.43 -32.72
N ASN D 448 -40.61 22.66 -32.43
CA ASN D 448 -40.45 23.18 -31.06
C ASN D 448 -39.59 22.31 -30.13
N ARG D 449 -38.31 22.18 -30.49
CA ARG D 449 -37.36 21.44 -29.68
C ARG D 449 -36.86 22.28 -28.51
N LYS D 450 -36.93 21.71 -27.32
CA LYS D 450 -36.38 22.31 -26.09
C LYS D 450 -35.38 21.34 -25.49
N THR D 451 -34.21 21.85 -25.10
CA THR D 451 -33.32 21.13 -24.20
C THR D 451 -33.61 21.64 -22.78
N LEU D 452 -34.08 20.77 -21.91
CA LEU D 452 -34.54 21.18 -20.58
C LEU D 452 -33.44 21.17 -19.54
N ILE D 453 -32.81 20.00 -19.41
CA ILE D 453 -31.74 19.80 -18.44
C ILE D 453 -30.47 19.37 -19.19
N SER D 454 -29.32 19.91 -18.78
CA SER D 454 -28.07 19.65 -19.46
C SER D 454 -26.89 19.25 -18.55
N SER D 455 -27.15 19.12 -17.24
CA SER D 455 -26.12 18.77 -16.25
C SER D 455 -25.56 17.36 -16.40
N THR D 456 -24.24 17.28 -16.41
CA THR D 456 -23.52 16.00 -16.44
C THR D 456 -23.37 15.43 -15.02
N ASP D 457 -23.77 16.21 -14.03
CA ASP D 457 -23.79 15.77 -12.65
C ASP D 457 -24.95 14.81 -12.43
N PHE D 458 -26.14 15.24 -12.85
CA PHE D 458 -27.39 14.56 -12.50
C PHE D 458 -27.87 13.55 -13.55
N LEU D 459 -27.49 13.77 -14.81
CA LEU D 459 -27.84 12.88 -15.92
C LEU D 459 -26.59 12.18 -16.45
N SER D 460 -25.95 11.40 -15.59
CA SER D 460 -24.67 10.78 -15.94
C SER D 460 -24.86 9.57 -16.87
N HIS D 461 -25.73 8.66 -16.44
CA HIS D 461 -26.20 7.58 -17.30
C HIS D 461 -27.70 7.34 -17.03
N PRO D 462 -28.57 8.14 -17.68
CA PRO D 462 -30.01 8.03 -17.49
C PRO D 462 -30.61 6.94 -18.37
N PHE D 463 -31.60 6.23 -17.85
CA PHE D 463 -32.26 5.17 -18.60
C PHE D 463 -33.76 5.46 -18.80
N GLY D 464 -34.54 5.26 -17.74
CA GLY D 464 -35.99 5.47 -17.78
C GLY D 464 -36.43 6.91 -17.58
N ILE D 465 -37.71 7.19 -17.86
CA ILE D 465 -38.27 8.54 -17.77
C ILE D 465 -39.80 8.53 -17.65
N ALA D 466 -40.34 9.36 -16.75
CA ALA D 466 -41.78 9.47 -16.55
C ALA D 466 -42.19 10.92 -16.34
N VAL D 467 -43.45 11.25 -16.65
CA VAL D 467 -43.97 12.61 -16.39
C VAL D 467 -45.32 12.63 -15.66
N PHE D 468 -45.51 13.67 -14.84
CA PHE D 468 -46.77 13.91 -14.16
C PHE D 468 -46.83 15.33 -13.61
N GLU D 469 -48.00 15.96 -13.75
CA GLU D 469 -48.19 17.35 -13.33
C GLU D 469 -47.01 18.20 -13.82
N ASP D 470 -46.30 18.86 -12.90
CA ASP D 470 -45.19 19.75 -13.26
C ASP D 470 -43.80 19.08 -13.16
N LYS D 471 -43.77 17.83 -12.71
CA LYS D 471 -42.51 17.14 -12.47
C LYS D 471 -42.20 16.02 -13.47
N VAL D 472 -40.96 16.02 -13.99
CA VAL D 472 -40.39 14.89 -14.75
C VAL D 472 -39.55 14.02 -13.81
N PHE D 473 -39.50 12.73 -14.10
CA PHE D 473 -38.73 11.77 -13.30
C PHE D 473 -37.81 10.99 -14.21
N TRP D 474 -36.68 10.54 -13.66
CA TRP D 474 -35.76 9.66 -14.39
C TRP D 474 -34.94 8.78 -13.48
N THR D 475 -34.53 7.62 -13.99
CA THR D 475 -33.59 6.76 -13.28
C THR D 475 -32.22 7.07 -13.84
N ASP D 476 -31.20 6.93 -12.98
CA ASP D 476 -29.80 7.11 -13.39
C ASP D 476 -28.94 5.97 -12.86
N LEU D 477 -28.15 5.39 -13.77
CA LEU D 477 -27.41 4.16 -13.51
C LEU D 477 -26.05 4.39 -12.87
N GLU D 478 -25.49 5.58 -13.09
CA GLU D 478 -24.17 5.94 -12.56
C GLU D 478 -24.31 6.68 -11.22
N ASN D 479 -25.49 7.25 -10.98
CA ASN D 479 -25.83 7.84 -9.69
C ASN D 479 -26.66 6.91 -8.81
N GLU D 480 -27.00 5.74 -9.34
CA GLU D 480 -27.78 4.72 -8.62
C GLU D 480 -29.05 5.28 -7.97
N ALA D 481 -29.74 6.16 -8.68
CA ALA D 481 -30.83 6.96 -8.10
C ALA D 481 -31.99 7.33 -9.04
N ILE D 482 -33.13 7.67 -8.44
CA ILE D 482 -34.25 8.32 -9.14
C ILE D 482 -34.32 9.83 -8.83
N PHE D 483 -34.28 10.66 -9.89
CA PHE D 483 -34.35 12.11 -9.75
C PHE D 483 -35.63 12.72 -10.34
N SER D 484 -36.11 13.80 -9.73
CA SER D 484 -37.23 14.60 -10.26
C SER D 484 -36.84 16.06 -10.52
N ALA D 485 -37.61 16.74 -11.35
CA ALA D 485 -37.35 18.15 -11.69
C ALA D 485 -38.59 18.82 -12.26
N ASN D 486 -38.69 20.13 -12.07
CA ASN D 486 -39.76 20.92 -12.67
C ASN D 486 -39.61 20.93 -14.19
N ARG D 487 -40.56 20.28 -14.87
CA ARG D 487 -40.46 20.01 -16.31
C ARG D 487 -40.77 21.19 -17.24
N LEU D 488 -40.94 22.38 -16.67
CA LEU D 488 -41.17 23.60 -17.46
C LEU D 488 -39.88 24.38 -17.73
N ASN D 489 -39.04 24.49 -16.70
CA ASN D 489 -37.81 25.28 -16.75
C ASN D 489 -36.53 24.44 -16.82
N GLY D 490 -36.45 23.41 -15.98
CA GLY D 490 -35.28 22.54 -15.87
C GLY D 490 -34.63 22.60 -14.48
N LEU D 491 -35.33 23.25 -13.55
CA LEU D 491 -34.81 23.55 -12.22
C LEU D 491 -35.60 22.79 -11.16
N GLU D 492 -35.31 23.06 -9.89
CA GLU D 492 -35.86 22.30 -8.76
C GLU D 492 -35.49 20.81 -8.89
N ILE D 493 -34.30 20.54 -9.44
CA ILE D 493 -33.75 19.18 -9.57
C ILE D 493 -33.60 18.57 -8.17
N SER D 494 -34.01 17.32 -8.02
CA SER D 494 -34.28 16.77 -6.70
C SER D 494 -34.11 15.26 -6.65
N ILE D 495 -33.34 14.76 -5.69
CA ILE D 495 -33.14 13.33 -5.51
C ILE D 495 -34.33 12.73 -4.73
N LEU D 496 -34.93 11.68 -5.27
CA LEU D 496 -36.19 11.15 -4.74
C LEU D 496 -36.05 9.82 -3.98
N ALA D 497 -35.15 8.97 -4.47
CA ALA D 497 -34.76 7.72 -3.81
C ALA D 497 -33.33 7.46 -4.25
N GLU D 498 -32.58 6.69 -3.46
CA GLU D 498 -31.17 6.41 -3.76
C GLU D 498 -30.66 5.03 -3.32
N ASN D 499 -29.43 4.73 -3.70
CA ASN D 499 -28.80 3.43 -3.46
C ASN D 499 -29.55 2.29 -4.12
N LEU D 500 -29.93 2.55 -5.37
CA LEU D 500 -30.51 1.56 -6.27
C LEU D 500 -29.36 1.07 -7.11
N ASN D 501 -29.01 -0.22 -7.01
CA ASN D 501 -27.79 -0.68 -7.68
C ASN D 501 -27.84 -0.49 -9.18
N ASN D 502 -28.99 -0.83 -9.79
CA ASN D 502 -29.22 -0.57 -11.22
C ASN D 502 -30.72 -0.43 -11.54
N PRO D 503 -31.22 0.83 -11.56
CA PRO D 503 -32.62 1.10 -11.80
C PRO D 503 -32.92 1.47 -13.25
N HIS D 504 -33.89 0.78 -13.86
CA HIS D 504 -34.05 0.85 -15.32
C HIS D 504 -35.28 1.57 -15.89
N ASP D 505 -36.49 1.11 -15.57
CA ASP D 505 -37.68 1.74 -16.15
C ASP D 505 -38.69 2.15 -15.10
N ILE D 506 -39.13 3.40 -15.18
CA ILE D 506 -40.15 3.97 -14.31
C ILE D 506 -41.40 4.32 -15.11
N VAL D 507 -42.55 4.04 -14.50
CA VAL D 507 -43.84 4.44 -15.03
C VAL D 507 -44.69 5.05 -13.91
N ILE D 508 -45.35 6.18 -14.19
CA ILE D 508 -46.34 6.71 -13.25
C ILE D 508 -47.53 5.76 -13.27
N PHE D 509 -48.01 5.39 -12.09
CA PHE D 509 -49.24 4.67 -12.01
C PHE D 509 -50.34 5.62 -11.58
N HIS D 510 -51.14 6.06 -12.54
CA HIS D 510 -52.30 6.90 -12.26
C HIS D 510 -53.33 6.91 -13.40
N GLU D 511 -54.62 6.92 -13.02
CA GLU D 511 -55.73 6.94 -13.96
C GLU D 511 -55.65 8.06 -15.00
N LEU D 512 -55.12 9.20 -14.60
CA LEU D 512 -55.05 10.36 -15.49
C LEU D 512 -54.02 10.23 -16.61
N LYS D 513 -53.07 9.31 -16.43
CA LYS D 513 -52.06 9.02 -17.45
C LYS D 513 -52.62 8.12 -18.55
N GLN D 514 -53.71 7.43 -18.24
CA GLN D 514 -54.39 6.54 -19.19
C GLN D 514 -55.88 6.88 -19.42
N PRO D 515 -56.17 8.06 -20.02
CA PRO D 515 -57.55 8.50 -20.25
C PRO D 515 -58.38 7.51 -21.08
N ARG D 516 -59.70 7.49 -20.85
CA ARG D 516 -60.64 6.63 -21.59
C ARG D 516 -60.89 7.12 -23.02
N ALA D 517 -61.03 6.17 -23.94
CA ALA D 517 -61.33 6.48 -25.33
C ALA D 517 -62.20 5.39 -25.95
N PRO D 518 -62.99 5.75 -26.98
CA PRO D 518 -63.73 4.75 -27.75
C PRO D 518 -62.78 3.78 -28.44
N ASP D 519 -63.06 2.48 -28.31
CA ASP D 519 -62.36 1.43 -29.06
C ASP D 519 -63.14 1.21 -30.36
N ALA D 520 -62.77 1.95 -31.40
CA ALA D 520 -63.52 1.98 -32.66
C ALA D 520 -63.54 0.60 -33.33
N CYS D 521 -62.56 -0.21 -33.00
CA CYS D 521 -62.47 -1.58 -33.48
C CYS D 521 -63.48 -2.50 -32.76
N GLU D 522 -64.37 -1.90 -31.97
CA GLU D 522 -65.47 -2.63 -31.31
C GLU D 522 -66.84 -1.99 -31.54
N LEU D 523 -66.86 -0.69 -31.77
CA LEU D 523 -68.07 0.00 -32.22
C LEU D 523 -68.46 -0.45 -33.63
N SER D 524 -67.48 -0.97 -34.37
CA SER D 524 -67.70 -1.56 -35.70
C SER D 524 -68.84 -2.58 -35.66
N VAL D 525 -69.68 -2.53 -36.70
CA VAL D 525 -70.82 -3.44 -36.89
C VAL D 525 -70.39 -4.91 -36.84
N GLN D 526 -69.53 -5.31 -37.79
CA GLN D 526 -69.01 -6.68 -37.83
C GLN D 526 -68.03 -6.92 -36.69
N PRO D 527 -68.06 -8.13 -36.08
CA PRO D 527 -67.20 -8.44 -34.93
C PRO D 527 -65.71 -8.28 -35.23
N ASN D 528 -65.04 -7.44 -34.43
CA ASN D 528 -63.59 -7.21 -34.52
C ASN D 528 -63.15 -6.44 -35.77
N GLY D 529 -64.02 -5.51 -36.21
CA GLY D 529 -63.77 -4.71 -37.41
C GLY D 529 -63.97 -5.54 -38.67
N GLY D 530 -64.34 -6.81 -38.46
CA GLY D 530 -64.45 -7.79 -39.54
C GLY D 530 -63.16 -8.55 -39.72
N CYS D 531 -62.05 -7.94 -39.28
CA CYS D 531 -60.71 -8.52 -39.44
C CYS D 531 -60.64 -9.95 -38.94
N GLU D 532 -59.89 -10.77 -39.68
CA GLU D 532 -59.80 -12.20 -39.44
C GLU D 532 -58.81 -12.54 -38.32
N TYR D 533 -57.83 -11.65 -38.09
CA TYR D 533 -56.76 -11.90 -37.11
C TYR D 533 -56.54 -10.71 -36.17
N LEU D 534 -55.81 -9.70 -36.61
CA LEU D 534 -55.53 -8.51 -35.79
C LEU D 534 -56.26 -7.30 -36.34
N CYS D 535 -56.72 -6.45 -35.44
CA CYS D 535 -57.31 -5.18 -35.84
C CYS D 535 -56.62 -4.03 -35.09
N LEU D 536 -55.74 -3.32 -35.81
CA LEU D 536 -54.91 -2.31 -35.19
C LEU D 536 -55.39 -0.91 -35.57
N PRO D 537 -55.52 -0.01 -34.57
CA PRO D 537 -55.92 1.37 -34.81
C PRO D 537 -55.01 2.04 -35.84
N ALA D 538 -55.61 2.81 -36.74
CA ALA D 538 -54.88 3.53 -37.76
C ALA D 538 -54.52 4.94 -37.28
N PRO D 539 -53.48 5.55 -37.87
CA PRO D 539 -53.11 6.93 -37.54
C PRO D 539 -54.17 7.93 -38.01
N GLN D 540 -54.50 8.89 -37.13
CA GLN D 540 -55.48 9.93 -37.45
C GLN D 540 -54.79 11.20 -37.94
N ILE D 541 -54.43 11.19 -39.23
CA ILE D 541 -53.80 12.34 -39.88
C ILE D 541 -54.88 13.41 -40.05
N SER D 542 -55.86 13.10 -40.89
CA SER D 542 -57.13 13.81 -40.95
C SER D 542 -58.15 12.95 -40.20
N SER D 543 -59.41 13.38 -40.16
CA SER D 543 -60.50 12.47 -39.85
C SER D 543 -61.12 11.96 -41.16
N HIS D 544 -60.27 11.89 -42.19
CA HIS D 544 -60.53 11.24 -43.47
C HIS D 544 -60.04 9.79 -43.39
N SER D 545 -58.79 9.62 -42.97
CA SER D 545 -58.17 8.31 -42.72
C SER D 545 -59.07 7.44 -41.82
N PRO D 546 -59.14 6.11 -42.12
CA PRO D 546 -60.02 5.19 -41.37
C PRO D 546 -59.59 5.01 -39.91
N LYS D 547 -60.45 4.39 -39.11
CA LYS D 547 -60.20 4.23 -37.68
C LYS D 547 -59.26 3.05 -37.35
N TYR D 548 -59.31 2.00 -38.17
CA TYR D 548 -58.49 0.81 -37.95
C TYR D 548 -58.11 0.16 -39.28
N THR D 549 -57.21 -0.82 -39.23
CA THR D 549 -56.87 -1.70 -40.37
C THR D 549 -56.67 -3.13 -39.87
N CYS D 550 -56.71 -4.11 -40.76
CA CYS D 550 -56.43 -5.48 -40.34
C CYS D 550 -54.96 -5.79 -40.59
N ALA D 551 -54.51 -6.91 -40.01
CA ALA D 551 -53.14 -7.36 -40.13
C ALA D 551 -53.10 -8.86 -39.91
N CYS D 552 -52.26 -9.54 -40.67
CA CYS D 552 -52.20 -11.00 -40.64
C CYS D 552 -51.00 -11.50 -39.85
N PRO D 553 -50.94 -12.82 -39.57
CA PRO D 553 -49.72 -13.42 -39.03
C PRO D 553 -48.49 -13.06 -39.86
N ASP D 554 -47.30 -13.42 -39.38
CA ASP D 554 -46.08 -13.12 -40.12
C ASP D 554 -45.96 -13.99 -41.38
N THR D 555 -46.57 -15.17 -41.33
CA THR D 555 -46.49 -16.13 -42.43
C THR D 555 -47.66 -16.02 -43.41
N MET D 556 -48.30 -14.85 -43.48
CA MET D 556 -49.51 -14.72 -44.29
C MET D 556 -49.73 -13.34 -44.92
N TRP D 557 -50.55 -13.32 -45.96
CA TRP D 557 -50.84 -12.09 -46.71
C TRP D 557 -52.32 -11.72 -46.60
N LEU D 558 -52.55 -10.43 -46.45
CA LEU D 558 -53.88 -9.86 -46.30
C LEU D 558 -54.51 -9.73 -47.69
N GLY D 559 -55.57 -10.50 -47.92
CA GLY D 559 -56.31 -10.51 -49.17
C GLY D 559 -56.81 -9.17 -49.68
N PRO D 560 -57.41 -9.16 -50.90
CA PRO D 560 -57.75 -7.92 -51.58
C PRO D 560 -59.00 -7.24 -51.03
N ASP D 561 -59.78 -7.96 -50.22
CA ASP D 561 -60.87 -7.35 -49.47
C ASP D 561 -60.32 -6.57 -48.27
N MET D 562 -59.04 -6.79 -47.98
CA MET D 562 -58.33 -6.15 -46.89
C MET D 562 -58.87 -6.55 -45.51
N LYS D 563 -59.45 -7.75 -45.44
CA LYS D 563 -60.01 -8.27 -44.19
C LYS D 563 -59.73 -9.75 -43.96
N ARG D 564 -59.12 -10.44 -44.92
CA ARG D 564 -58.87 -11.89 -44.77
C ARG D 564 -57.42 -12.32 -45.02
N CYS D 565 -57.04 -13.47 -44.46
CA CYS D 565 -55.64 -13.91 -44.49
C CYS D 565 -55.40 -15.10 -45.39
N TYR D 566 -54.40 -14.96 -46.26
CA TYR D 566 -54.01 -15.99 -47.25
C TYR D 566 -52.59 -16.47 -47.00
N ARG D 567 -52.34 -17.76 -47.24
CA ARG D 567 -50.97 -18.31 -47.28
C ARG D 567 -50.48 -18.38 -48.73
N ALA D 568 -49.39 -19.12 -49.00
CA ALA D 568 -48.92 -19.31 -50.39
C ALA D 568 -49.64 -20.43 -51.14
#